data_8A8K
#
_entry.id   8A8K
#
_cell.length_a   174.054
_cell.length_b   174.054
_cell.length_c   183.803
_cell.angle_alpha   90.000
_cell.angle_beta   90.000
_cell.angle_gamma   90.000
#
_symmetry.space_group_name_H-M   'I 4'
#
loop_
_entity.id
_entity.type
_entity.pdbx_description
1 polymer 'PAP phosphatase from Methanothermococcus thermolithotrophicus'
2 non-polymer 'ADENOSINE MONOPHOSPHATE'
3 non-polymer GLYCEROL
4 non-polymer 'MANGANESE (II) ION'
#
_entity_poly.entity_id   1
_entity_poly.type   'polypeptide(L)'
_entity_poly.pdbx_seq_one_letter_code
;MGSSHHHHHHSSGLVPRGSHMLVIHHWDTDGITSAALTIKALGLDDFINIVPPIGEFRFDGRVKKHIEEAEKVYILDLNL
PQEVEDVEKDTVFIDHHLQKKIKNPKVRQVNPILERMNGKEFPSASFVVSNHFSLWNSWSSLGAVGDIGNKAFEIPKTLE
LLKTEGLTKNEALKLVQLIDSNYITMDRSAAEKAVELVLNRPLKELLEYEPWIKNLEEIERTIKDVLSGIEVKNDIAFIE
YSSPFNIISKIARKAVWEMGYNGAVVLNRSFHEKAQLYFRISPDLKEKIDMEGIIQILKNRGFNAGGKSEVLGIIFEKNR
IDEVLGIINGYLASL
;
_entity_poly.pdbx_strand_id   A,B,C,D,E,F
#
loop_
_chem_comp.id
_chem_comp.type
_chem_comp.name
_chem_comp.formula
AMP non-polymer 'ADENOSINE MONOPHOSPHATE' 'C10 H14 N5 O7 P'
GOL non-polymer GLYCEROL 'C3 H8 O3'
MN non-polymer 'MANGANESE (II) ION' 'Mn 2'
#
# COMPACT_ATOMS: atom_id res chain seq x y z
N SER A 19 47.35 2.30 -5.42
CA SER A 19 46.69 1.87 -4.19
C SER A 19 46.09 0.47 -4.34
N HIS A 20 46.13 -0.08 -5.56
CA HIS A 20 45.48 -1.34 -5.85
C HIS A 20 46.27 -2.10 -6.91
N MET A 21 46.04 -3.41 -6.95
CA MET A 21 46.66 -4.28 -7.95
C MET A 21 45.55 -4.81 -8.87
N LEU A 22 45.68 -4.54 -10.16
CA LEU A 22 44.68 -4.95 -11.15
C LEU A 22 45.25 -6.08 -12.00
N VAL A 23 44.39 -7.06 -12.31
CA VAL A 23 44.77 -8.21 -13.13
C VAL A 23 43.69 -8.38 -14.19
N ILE A 24 43.93 -7.86 -15.39
CA ILE A 24 43.05 -8.07 -16.53
C ILE A 24 43.50 -9.35 -17.24
N HIS A 25 42.54 -10.20 -17.61
CA HIS A 25 42.89 -11.52 -18.16
C HIS A 25 41.79 -12.02 -19.08
N HIS A 26 42.19 -12.92 -19.99
CA HIS A 26 41.27 -13.60 -20.89
C HIS A 26 40.18 -14.34 -20.11
N TRP A 27 39.08 -14.64 -20.81
CA TRP A 27 37.89 -15.18 -20.17
C TRP A 27 37.81 -16.70 -20.24
N ASP A 28 38.78 -17.36 -20.85
CA ASP A 28 38.78 -18.80 -20.99
C ASP A 28 39.67 -19.42 -19.92
N THR A 29 39.73 -20.76 -19.91
CA THR A 29 40.53 -21.45 -18.90
C THR A 29 41.98 -20.98 -18.94
N ASP A 30 42.52 -20.76 -20.15
CA ASP A 30 43.89 -20.31 -20.27
C ASP A 30 44.11 -18.98 -19.55
N GLY A 31 43.16 -18.05 -19.70
CA GLY A 31 43.31 -16.77 -19.03
C GLY A 31 42.99 -16.79 -17.55
N ILE A 32 42.03 -17.63 -17.14
CA ILE A 32 41.65 -17.68 -15.74
C ILE A 32 42.74 -18.36 -14.90
N THR A 33 43.32 -19.43 -15.43
CA THR A 33 44.43 -20.08 -14.73
C THR A 33 45.66 -19.18 -14.70
N SER A 34 45.91 -18.45 -15.79
CA SER A 34 47.00 -17.48 -15.82
C SER A 34 46.83 -16.42 -14.73
N ALA A 35 45.60 -15.97 -14.53
CA ALA A 35 45.34 -14.97 -13.50
C ALA A 35 45.60 -15.54 -12.11
N ALA A 36 45.16 -16.76 -11.84
CA ALA A 36 45.40 -17.37 -10.54
C ALA A 36 46.90 -17.56 -10.31
N LEU A 37 47.62 -18.05 -11.33
CA LEU A 37 49.06 -18.21 -11.22
C LEU A 37 49.76 -16.89 -10.91
N THR A 38 49.33 -15.81 -11.59
CA THR A 38 49.93 -14.50 -11.35
C THR A 38 49.61 -13.99 -9.96
N ILE A 39 48.38 -14.20 -9.51
CA ILE A 39 47.98 -13.71 -8.19
C ILE A 39 48.74 -14.45 -7.10
N LYS A 40 48.94 -15.75 -7.27
CA LYS A 40 49.66 -16.52 -6.26
C LYS A 40 51.14 -16.16 -6.25
N ALA A 41 51.75 -16.05 -7.43
CA ALA A 41 53.18 -15.79 -7.50
C ALA A 41 53.55 -14.44 -6.89
N LEU A 42 52.64 -13.48 -6.96
CA LEU A 42 52.92 -12.15 -6.44
C LEU A 42 52.61 -12.02 -4.95
N GLY A 43 52.05 -13.06 -4.33
CA GLY A 43 51.69 -12.99 -2.92
C GLY A 43 50.68 -11.91 -2.61
N LEU A 44 49.73 -11.69 -3.52
CA LEU A 44 48.77 -10.60 -3.38
C LEU A 44 47.70 -10.93 -2.34
N ASP A 45 47.47 -9.99 -1.43
CA ASP A 45 46.37 -10.07 -0.49
C ASP A 45 45.28 -9.06 -0.78
N ASP A 46 45.44 -8.23 -1.81
CA ASP A 46 44.46 -7.20 -2.14
C ASP A 46 44.57 -6.95 -3.64
N PHE A 47 43.67 -7.56 -4.41
CA PHE A 47 43.73 -7.50 -5.87
C PHE A 47 42.32 -7.35 -6.43
N ILE A 48 42.26 -6.82 -7.66
CA ILE A 48 41.04 -6.76 -8.45
C ILE A 48 41.32 -7.47 -9.77
N ASN A 49 40.54 -8.50 -10.07
CA ASN A 49 40.68 -9.23 -11.33
C ASN A 49 39.40 -9.05 -12.14
N ILE A 50 39.58 -8.69 -13.42
CA ILE A 50 38.47 -8.42 -14.34
C ILE A 50 38.80 -9.04 -15.69
N VAL A 51 37.77 -9.12 -16.54
CA VAL A 51 37.93 -9.55 -17.92
C VAL A 51 37.29 -8.51 -18.83
N PRO A 52 37.77 -8.32 -20.05
CA PRO A 52 37.04 -7.48 -21.01
C PRO A 52 35.77 -8.18 -21.44
N PRO A 53 34.85 -7.46 -22.10
CA PRO A 53 33.61 -8.11 -22.55
C PRO A 53 33.90 -9.27 -23.48
N ILE A 54 33.22 -10.40 -23.25
CA ILE A 54 33.48 -11.61 -24.02
C ILE A 54 33.25 -11.34 -25.49
N GLY A 55 34.23 -11.72 -26.32
CA GLY A 55 34.13 -11.62 -27.76
C GLY A 55 34.16 -10.22 -28.31
N GLU A 56 34.56 -9.23 -27.52
CA GLU A 56 34.67 -7.86 -27.99
C GLU A 56 36.10 -7.47 -28.31
N PHE A 57 37.06 -8.06 -27.61
CA PHE A 57 38.48 -7.88 -27.90
C PHE A 57 38.86 -6.41 -27.92
N ARG A 58 38.44 -5.69 -26.88
CA ARG A 58 38.71 -4.27 -26.71
C ARG A 58 38.36 -3.88 -25.29
N PHE A 59 39.04 -2.86 -24.78
CA PHE A 59 38.73 -2.34 -23.47
C PHE A 59 37.50 -1.43 -23.52
N ASP A 60 36.55 -1.69 -22.62
CA ASP A 60 35.35 -0.88 -22.50
C ASP A 60 35.50 0.11 -21.35
N GLY A 61 34.43 0.82 -21.03
CA GLY A 61 34.49 1.77 -19.93
C GLY A 61 34.92 1.15 -18.62
N ARG A 62 34.37 -0.02 -18.28
CA ARG A 62 34.65 -0.64 -16.99
C ARG A 62 36.14 -0.94 -16.84
N VAL A 63 36.75 -1.54 -17.86
CA VAL A 63 38.17 -1.87 -17.81
C VAL A 63 39.01 -0.60 -17.70
N LYS A 64 38.66 0.43 -18.49
CA LYS A 64 39.46 1.65 -18.51
C LYS A 64 39.41 2.38 -17.17
N LYS A 65 38.30 2.28 -16.44
CA LYS A 65 38.23 2.95 -15.14
C LYS A 65 39.10 2.25 -14.11
N HIS A 66 39.07 0.92 -14.08
CA HIS A 66 39.93 0.16 -13.17
C HIS A 66 41.40 0.48 -13.39
N ILE A 67 41.79 0.70 -14.65
CA ILE A 67 43.19 0.98 -14.95
C ILE A 67 43.62 2.29 -14.30
N GLU A 68 42.75 3.31 -14.38
CA GLU A 68 43.09 4.60 -13.79
C GLU A 68 43.15 4.53 -12.26
N GLU A 69 42.31 3.70 -11.65
CA GLU A 69 42.27 3.61 -10.19
C GLU A 69 43.42 2.76 -9.66
N ALA A 70 43.80 1.71 -10.39
CA ALA A 70 44.84 0.81 -9.93
C ALA A 70 46.21 1.47 -10.01
N GLU A 71 47.16 0.90 -9.27
CA GLU A 71 48.55 1.34 -9.26
C GLU A 71 49.37 0.61 -10.32
N LYS A 72 49.32 -0.73 -10.31
CA LYS A 72 49.98 -1.56 -11.31
C LYS A 72 48.95 -2.48 -11.97
N VAL A 73 49.18 -2.80 -13.23
CA VAL A 73 48.25 -3.57 -14.03
C VAL A 73 48.97 -4.76 -14.63
N TYR A 74 48.33 -5.93 -14.59
CA TYR A 74 48.80 -7.12 -15.27
C TYR A 74 47.75 -7.54 -16.30
N ILE A 75 48.17 -7.69 -17.55
CA ILE A 75 47.29 -8.10 -18.65
C ILE A 75 47.77 -9.44 -19.18
N LEU A 76 46.86 -10.43 -19.22
CA LEU A 76 47.20 -11.83 -19.41
C LEU A 76 46.34 -12.45 -20.50
N ASP A 77 47.00 -13.09 -21.49
CA ASP A 77 46.35 -13.87 -22.56
C ASP A 77 45.35 -13.02 -23.36
N LEU A 78 45.71 -11.76 -23.59
CA LEU A 78 44.82 -10.82 -24.29
C LEU A 78 45.57 -10.27 -25.50
N ASN A 79 45.38 -10.91 -26.66
CA ASN A 79 46.06 -10.49 -27.90
C ASN A 79 45.50 -9.17 -28.42
N LEU A 80 45.49 -8.13 -27.57
CA LEU A 80 44.99 -6.79 -27.99
C LEU A 80 46.01 -5.72 -27.60
N PRO A 81 47.18 -5.66 -28.26
CA PRO A 81 48.22 -4.67 -27.94
C PRO A 81 47.77 -3.22 -28.19
N GLN A 82 47.04 -2.98 -29.28
CA GLN A 82 46.56 -1.62 -29.65
C GLN A 82 45.92 -0.93 -28.45
N GLU A 83 45.31 -1.70 -27.54
CA GLU A 83 44.69 -1.11 -26.35
C GLU A 83 45.70 -0.91 -25.24
N VAL A 84 46.67 -1.82 -25.13
CA VAL A 84 47.73 -1.71 -24.13
C VAL A 84 48.65 -0.55 -24.46
N GLU A 85 48.73 -0.17 -25.74
CA GLU A 85 49.63 0.90 -26.16
C GLU A 85 49.28 2.22 -25.50
N ASP A 86 48.01 2.42 -25.12
CA ASP A 86 47.54 3.67 -24.55
C ASP A 86 47.54 3.69 -23.03
N VAL A 87 47.94 2.59 -22.37
CA VAL A 87 47.87 2.52 -20.92
C VAL A 87 48.93 3.41 -20.30
N GLU A 88 48.51 4.28 -19.37
CA GLU A 88 49.41 5.20 -18.67
C GLU A 88 49.72 4.74 -17.24
N LYS A 89 49.81 3.43 -17.02
CA LYS A 89 50.19 2.86 -15.73
C LYS A 89 51.37 1.92 -15.93
N ASP A 90 52.03 1.58 -14.84
CA ASP A 90 53.09 0.56 -14.90
C ASP A 90 52.43 -0.80 -15.15
N THR A 91 52.75 -1.41 -16.29
CA THR A 91 52.01 -2.56 -16.78
C THR A 91 52.95 -3.66 -17.23
N VAL A 92 52.63 -4.89 -16.84
CA VAL A 92 53.31 -6.08 -17.33
C VAL A 92 52.32 -6.84 -18.19
N PHE A 93 52.64 -7.02 -19.47
CA PHE A 93 51.73 -7.61 -20.46
C PHE A 93 52.32 -8.96 -20.90
N ILE A 94 51.68 -10.04 -20.44
CA ILE A 94 52.13 -11.40 -20.73
C ILE A 94 51.13 -12.07 -21.66
N ASP A 95 51.65 -12.67 -22.75
CA ASP A 95 50.80 -13.26 -23.77
C ASP A 95 51.62 -14.24 -24.59
N HIS A 96 50.92 -15.14 -25.29
CA HIS A 96 51.56 -16.10 -26.18
C HIS A 96 51.01 -16.05 -27.59
N HIS A 97 50.10 -15.13 -27.90
CA HIS A 97 49.62 -14.98 -29.26
C HIS A 97 50.67 -14.27 -30.12
N LEU A 98 50.54 -14.45 -31.43
CA LEU A 98 51.39 -13.72 -32.36
C LEU A 98 50.90 -12.28 -32.43
N GLN A 99 51.75 -11.34 -32.05
CA GLN A 99 51.33 -9.96 -31.86
C GLN A 99 52.46 -9.01 -32.23
N LYS A 100 52.15 -7.71 -32.18
CA LYS A 100 53.09 -6.66 -32.53
C LYS A 100 53.82 -6.17 -31.28
N LYS A 101 55.11 -5.84 -31.44
CA LYS A 101 55.88 -5.31 -30.32
C LYS A 101 55.26 -4.00 -29.83
N ILE A 102 55.08 -3.89 -28.52
CA ILE A 102 54.49 -2.71 -27.91
C ILE A 102 55.57 -1.65 -27.68
N LYS A 103 55.29 -0.44 -28.12
CA LYS A 103 56.25 0.66 -28.02
C LYS A 103 56.16 1.40 -26.69
N ASN A 104 54.98 1.40 -26.05
CA ASN A 104 54.76 2.07 -24.78
C ASN A 104 55.83 1.65 -23.77
N PRO A 105 56.64 2.59 -23.27
CA PRO A 105 57.70 2.19 -22.32
C PRO A 105 57.18 1.74 -20.98
N LYS A 106 56.00 2.22 -20.58
CA LYS A 106 55.41 1.81 -19.32
C LYS A 106 54.98 0.35 -19.31
N VAL A 107 54.95 -0.29 -20.48
CA VAL A 107 54.56 -1.69 -20.61
C VAL A 107 55.81 -2.54 -20.75
N ARG A 108 55.90 -3.62 -19.97
CA ARG A 108 56.95 -4.62 -20.11
C ARG A 108 56.32 -5.84 -20.77
N GLN A 109 56.56 -6.01 -22.06
CA GLN A 109 55.98 -7.11 -22.80
C GLN A 109 56.78 -8.38 -22.57
N VAL A 110 56.09 -9.47 -22.27
CA VAL A 110 56.70 -10.78 -22.05
C VAL A 110 55.98 -11.75 -22.99
N ASN A 111 56.61 -12.06 -24.13
CA ASN A 111 56.01 -12.94 -25.13
C ASN A 111 57.09 -13.85 -25.71
N PRO A 112 56.98 -15.16 -25.51
CA PRO A 112 58.03 -16.07 -26.00
C PRO A 112 57.90 -16.38 -27.48
N ILE A 113 57.24 -15.51 -28.22
CA ILE A 113 57.25 -15.53 -29.68
C ILE A 113 58.02 -14.34 -30.22
N LEU A 114 57.70 -13.13 -29.74
CA LEU A 114 58.53 -11.97 -30.02
C LEU A 114 59.97 -12.19 -29.58
N GLU A 115 60.17 -12.71 -28.36
CA GLU A 115 61.49 -13.00 -27.83
C GLU A 115 62.22 -14.10 -28.58
N ARG A 116 61.65 -14.61 -29.68
CA ARG A 116 62.23 -15.53 -30.65
C ARG A 116 62.23 -16.97 -30.16
N MET A 117 61.97 -17.23 -28.86
CA MET A 117 61.97 -18.58 -28.33
C MET A 117 60.88 -19.42 -28.99
N ASN A 118 61.02 -20.74 -28.86
CA ASN A 118 60.11 -21.67 -29.51
C ASN A 118 58.71 -21.54 -28.90
N GLY A 119 57.71 -21.44 -29.76
CA GLY A 119 56.32 -21.37 -29.31
C GLY A 119 55.67 -22.71 -29.04
N LYS A 120 56.34 -23.82 -29.38
CA LYS A 120 55.86 -25.13 -28.97
C LYS A 120 56.24 -25.43 -27.52
N GLU A 121 57.28 -24.78 -27.00
CA GLU A 121 57.58 -24.84 -25.58
C GLU A 121 56.57 -24.08 -24.74
N PHE A 122 55.80 -23.18 -25.36
CA PHE A 122 54.83 -22.33 -24.66
C PHE A 122 53.48 -22.49 -25.34
N PRO A 123 52.76 -23.57 -25.05
CA PRO A 123 51.47 -23.81 -25.73
C PRO A 123 50.36 -22.89 -25.26
N SER A 124 50.46 -22.33 -24.07
CA SER A 124 49.41 -21.49 -23.50
C SER A 124 50.02 -20.37 -22.69
N ALA A 125 49.22 -19.33 -22.44
CA ALA A 125 49.66 -18.26 -21.56
C ALA A 125 50.02 -18.78 -20.17
N SER A 126 49.37 -19.85 -19.73
CA SER A 126 49.68 -20.42 -18.43
C SER A 126 51.13 -20.91 -18.36
N PHE A 127 51.63 -21.53 -19.44
CA PHE A 127 53.03 -21.91 -19.47
C PHE A 127 53.95 -20.71 -19.49
N VAL A 128 53.57 -19.66 -20.22
CA VAL A 128 54.37 -18.44 -20.24
C VAL A 128 54.41 -17.81 -18.86
N VAL A 129 53.26 -17.72 -18.20
CA VAL A 129 53.21 -17.14 -16.86
C VAL A 129 54.02 -17.98 -15.88
N SER A 130 53.85 -19.31 -15.95
CA SER A 130 54.60 -20.19 -15.06
C SER A 130 56.10 -20.01 -15.25
N ASN A 131 56.56 -20.00 -16.50
CA ASN A 131 57.99 -19.78 -16.77
C ASN A 131 58.43 -18.40 -16.31
N HIS A 132 57.56 -17.40 -16.44
CA HIS A 132 57.90 -16.05 -16.00
C HIS A 132 58.15 -16.00 -14.50
N PHE A 133 57.28 -16.65 -13.72
CA PHE A 133 57.39 -16.65 -12.26
C PHE A 133 58.10 -17.88 -11.69
N SER A 134 58.41 -18.87 -12.53
CA SER A 134 58.97 -20.15 -12.10
C SER A 134 58.08 -20.79 -11.05
N LEU A 135 56.78 -20.78 -11.33
CA LEU A 135 55.75 -21.36 -10.46
C LEU A 135 54.92 -22.33 -11.29
N TRP A 136 55.12 -23.62 -11.06
CA TRP A 136 54.51 -24.68 -11.86
C TRP A 136 53.60 -25.53 -10.98
N ASN A 137 52.31 -25.54 -11.30
CA ASN A 137 51.35 -26.38 -10.61
C ASN A 137 50.32 -26.86 -11.62
N SER A 138 49.21 -27.39 -11.13
CA SER A 138 48.21 -27.97 -12.02
C SER A 138 47.51 -26.90 -12.86
N TRP A 139 47.40 -25.67 -12.34
CA TRP A 139 46.84 -24.58 -13.15
C TRP A 139 47.65 -24.36 -14.42
N SER A 140 48.97 -24.55 -14.34
CA SER A 140 49.79 -24.46 -15.54
C SER A 140 49.29 -25.43 -16.60
N SER A 141 48.97 -26.65 -16.20
CA SER A 141 48.49 -27.65 -17.14
C SER A 141 47.13 -27.24 -17.71
N LEU A 142 46.20 -26.84 -16.84
CA LEU A 142 44.85 -26.47 -17.29
C LEU A 142 44.89 -25.44 -18.41
N GLY A 143 45.72 -24.41 -18.25
CA GLY A 143 45.87 -23.42 -19.31
C GLY A 143 46.26 -24.04 -20.64
N ALA A 144 47.22 -24.97 -20.59
CA ALA A 144 47.64 -25.64 -21.82
C ALA A 144 46.52 -26.46 -22.41
N VAL A 145 45.78 -27.19 -21.57
CA VAL A 145 44.66 -27.99 -22.06
C VAL A 145 43.56 -27.10 -22.62
N GLY A 146 43.35 -25.93 -22.03
CA GLY A 146 42.33 -25.03 -22.52
C GLY A 146 42.66 -24.36 -23.84
N ASP A 147 43.91 -24.40 -24.28
CA ASP A 147 44.29 -23.78 -25.55
C ASP A 147 44.57 -24.76 -26.67
N ILE A 148 45.17 -25.92 -26.38
CA ILE A 148 45.53 -26.86 -27.44
C ILE A 148 44.94 -28.22 -27.14
N GLY A 149 44.12 -28.30 -26.09
CA GLY A 149 43.34 -29.50 -25.87
C GLY A 149 44.20 -30.71 -25.58
N ASN A 150 43.88 -31.82 -26.25
CA ASN A 150 44.55 -33.08 -25.97
C ASN A 150 46.02 -33.04 -26.32
N LYS A 151 46.44 -32.13 -27.18
CA LYS A 151 47.84 -32.05 -27.56
C LYS A 151 48.73 -31.62 -26.41
N ALA A 152 48.16 -30.96 -25.40
CA ALA A 152 48.95 -30.57 -24.23
C ALA A 152 49.49 -31.78 -23.50
N PHE A 153 48.78 -32.92 -23.57
CA PHE A 153 49.23 -34.11 -22.86
C PHE A 153 50.47 -34.72 -23.49
N GLU A 154 50.75 -34.41 -24.75
CA GLU A 154 51.99 -34.83 -25.38
C GLU A 154 53.21 -34.08 -24.85
N ILE A 155 53.01 -33.06 -24.03
CA ILE A 155 54.09 -32.44 -23.26
C ILE A 155 54.13 -33.10 -21.89
N PRO A 156 55.26 -33.68 -21.49
CA PRO A 156 55.30 -34.39 -20.20
C PRO A 156 55.03 -33.50 -19.00
N LYS A 157 55.31 -32.20 -19.11
CA LYS A 157 55.07 -31.30 -17.98
C LYS A 157 53.59 -31.26 -17.60
N THR A 158 52.70 -31.46 -18.57
CA THR A 158 51.26 -31.36 -18.32
C THR A 158 50.79 -32.47 -17.38
N LEU A 159 50.95 -33.72 -17.81
CA LEU A 159 50.49 -34.86 -17.01
C LEU A 159 51.17 -34.91 -15.65
N GLU A 160 52.47 -34.62 -15.60
CA GLU A 160 53.20 -34.66 -14.33
C GLU A 160 52.59 -33.70 -13.31
N LEU A 161 52.30 -32.47 -13.73
CA LEU A 161 51.72 -31.50 -12.80
C LEU A 161 50.29 -31.88 -12.43
N LEU A 162 49.51 -32.39 -13.38
CA LEU A 162 48.19 -32.91 -13.08
C LEU A 162 48.25 -34.10 -12.14
N LYS A 163 49.35 -34.87 -12.20
CA LYS A 163 49.49 -36.06 -11.36
C LYS A 163 49.59 -35.70 -9.88
N THR A 164 50.31 -34.62 -9.56
CA THR A 164 50.45 -34.19 -8.17
C THR A 164 49.10 -33.97 -7.50
N GLU A 165 48.14 -33.41 -8.24
CA GLU A 165 46.79 -33.21 -7.75
C GLU A 165 45.90 -34.44 -7.95
N GLY A 166 46.45 -35.55 -8.41
CA GLY A 166 45.70 -36.76 -8.68
C GLY A 166 44.54 -36.55 -9.64
N LEU A 167 44.83 -36.02 -10.82
CA LEU A 167 43.82 -35.74 -11.83
C LEU A 167 44.14 -36.50 -13.10
N THR A 168 43.10 -37.04 -13.74
CA THR A 168 43.27 -37.76 -15.00
C THR A 168 43.20 -36.80 -16.17
N LYS A 169 43.54 -37.32 -17.35
CA LYS A 169 43.37 -36.56 -18.58
C LYS A 169 41.95 -36.04 -18.72
N ASN A 170 40.96 -36.94 -18.62
CA ASN A 170 39.57 -36.55 -18.79
C ASN A 170 39.14 -35.53 -17.73
N GLU A 171 39.68 -35.66 -16.51
CA GLU A 171 39.29 -34.75 -15.42
C GLU A 171 39.70 -33.32 -15.75
N ALA A 172 40.85 -33.14 -16.40
CA ALA A 172 41.29 -31.81 -16.80
C ALA A 172 40.50 -31.30 -18.00
N LEU A 173 40.20 -32.18 -18.96
CA LEU A 173 39.35 -31.80 -20.09
C LEU A 173 37.96 -31.39 -19.61
N LYS A 174 37.43 -32.09 -18.61
CA LYS A 174 36.15 -31.72 -18.03
C LYS A 174 36.24 -30.37 -17.32
N LEU A 175 37.37 -30.12 -16.65
CA LEU A 175 37.54 -28.85 -15.95
C LEU A 175 37.61 -27.68 -16.93
N VAL A 176 38.19 -27.90 -18.12
CA VAL A 176 38.24 -26.84 -19.12
C VAL A 176 36.83 -26.48 -19.57
N GLN A 177 36.01 -27.49 -19.81
CA GLN A 177 34.61 -27.24 -20.17
C GLN A 177 33.87 -26.48 -19.09
N LEU A 178 34.05 -26.89 -17.82
CA LEU A 178 33.34 -26.23 -16.73
C LEU A 178 33.76 -24.77 -16.59
N ILE A 179 35.08 -24.51 -16.60
CA ILE A 179 35.56 -23.14 -16.47
C ILE A 179 35.16 -22.32 -17.69
N ASP A 180 35.32 -22.90 -18.89
CA ASP A 180 34.92 -22.20 -20.12
C ASP A 180 33.44 -21.90 -20.14
N SER A 181 32.63 -22.75 -19.49
CA SER A 181 31.17 -22.59 -19.50
C SER A 181 30.74 -21.20 -19.05
N ASN A 182 31.54 -20.53 -18.21
CA ASN A 182 31.16 -19.20 -17.75
C ASN A 182 31.22 -18.18 -18.89
N TYR A 183 32.34 -18.14 -19.63
CA TYR A 183 32.46 -17.14 -20.68
C TYR A 183 31.54 -17.45 -21.87
N ILE A 184 31.28 -18.73 -22.13
CA ILE A 184 30.36 -19.08 -23.21
C ILE A 184 28.97 -18.55 -22.93
N THR A 185 28.53 -18.64 -21.67
CA THR A 185 27.23 -18.12 -21.27
C THR A 185 27.21 -16.61 -21.09
N MET A 186 28.32 -15.93 -21.41
CA MET A 186 28.42 -14.47 -21.39
C MET A 186 28.33 -13.90 -19.97
N ASP A 187 28.88 -14.61 -18.99
CA ASP A 187 28.83 -14.20 -17.59
C ASP A 187 30.19 -13.61 -17.21
N ARG A 188 30.31 -12.29 -17.33
CA ARG A 188 31.55 -11.63 -16.96
C ARG A 188 31.86 -11.83 -15.48
N SER A 189 30.82 -11.77 -14.64
CA SER A 189 31.03 -11.89 -13.20
C SER A 189 31.45 -13.31 -12.82
N ALA A 190 30.79 -14.33 -13.40
CA ALA A 190 31.14 -15.70 -13.08
C ALA A 190 32.52 -16.07 -13.65
N ALA A 191 32.86 -15.52 -14.81
CA ALA A 191 34.18 -15.75 -15.37
C ALA A 191 35.25 -15.12 -14.50
N GLU A 192 34.99 -13.93 -13.96
CA GLU A 192 35.94 -13.30 -13.05
C GLU A 192 36.04 -14.05 -11.73
N LYS A 193 34.89 -14.46 -11.17
CA LYS A 193 34.91 -15.18 -9.89
C LYS A 193 35.58 -16.54 -10.02
N ALA A 194 35.61 -17.12 -11.22
CA ALA A 194 36.28 -18.41 -11.41
C ALA A 194 37.75 -18.34 -10.98
N VAL A 195 38.36 -17.15 -11.03
CA VAL A 195 39.74 -17.01 -10.58
C VAL A 195 39.83 -17.24 -9.08
N GLU A 196 38.88 -16.68 -8.30
CA GLU A 196 38.88 -16.89 -6.86
C GLU A 196 38.63 -18.34 -6.50
N LEU A 197 37.75 -19.02 -7.25
CA LEU A 197 37.44 -20.42 -6.96
C LEU A 197 38.64 -21.32 -7.23
N VAL A 198 39.37 -21.06 -8.32
CA VAL A 198 40.58 -21.83 -8.59
C VAL A 198 41.64 -21.53 -7.55
N LEU A 199 41.71 -20.28 -7.10
CA LEU A 199 42.70 -19.88 -6.10
C LEU A 199 42.41 -20.52 -4.75
N ASN A 200 41.13 -20.68 -4.40
CA ASN A 200 40.74 -21.04 -3.04
C ASN A 200 40.18 -22.45 -2.91
N ARG A 201 40.12 -23.21 -4.00
CA ARG A 201 39.57 -24.56 -3.94
C ARG A 201 40.41 -25.50 -4.78
N PRO A 202 40.61 -26.73 -4.33
CA PRO A 202 41.29 -27.73 -5.15
C PRO A 202 40.54 -27.95 -6.45
N LEU A 203 41.30 -28.22 -7.52
CA LEU A 203 40.69 -28.46 -8.82
C LEU A 203 39.70 -29.61 -8.75
N LYS A 204 40.06 -30.67 -8.02
CA LYS A 204 39.18 -31.83 -7.93
C LYS A 204 37.87 -31.50 -7.20
N GLU A 205 37.87 -30.46 -6.36
CA GLU A 205 36.62 -29.97 -5.78
C GLU A 205 35.75 -29.29 -6.83
N LEU A 206 36.37 -28.45 -7.67
CA LEU A 206 35.61 -27.69 -8.66
C LEU A 206 34.94 -28.59 -9.70
N LEU A 207 35.41 -29.83 -9.86
CA LEU A 207 34.74 -30.78 -10.74
C LEU A 207 33.32 -31.09 -10.26
N GLU A 208 33.01 -30.78 -9.01
CA GLU A 208 31.68 -30.96 -8.44
C GLU A 208 30.88 -29.67 -8.37
N TYR A 209 31.51 -28.52 -8.65
CA TYR A 209 30.89 -27.22 -8.50
C TYR A 209 29.60 -27.10 -9.29
N GLU A 210 28.47 -27.06 -8.60
CA GLU A 210 27.17 -27.12 -9.27
C GLU A 210 26.90 -25.95 -10.20
N PRO A 211 27.20 -24.69 -9.86
CA PRO A 211 26.92 -23.60 -10.82
C PRO A 211 27.59 -23.79 -12.17
N TRP A 212 28.85 -24.26 -12.19
CA TRP A 212 29.48 -24.53 -13.47
C TRP A 212 28.80 -25.69 -14.19
N ILE A 213 28.46 -26.75 -13.47
CA ILE A 213 27.83 -27.91 -14.08
C ILE A 213 26.53 -27.52 -14.78
N LYS A 214 25.73 -26.67 -14.14
CA LYS A 214 24.46 -26.24 -14.72
C LYS A 214 24.67 -25.50 -16.03
N ASN A 215 25.73 -24.71 -16.11
CA ASN A 215 26.06 -24.01 -17.35
C ASN A 215 26.38 -24.98 -18.49
N LEU A 216 27.13 -26.04 -18.17
CA LEU A 216 27.67 -26.92 -19.21
C LEU A 216 26.56 -27.75 -19.87
N GLU A 217 25.57 -28.18 -19.09
CA GLU A 217 24.45 -28.95 -19.66
C GLU A 217 23.73 -28.16 -20.74
N GLU A 218 23.48 -26.87 -20.50
CA GLU A 218 22.80 -26.05 -21.50
C GLU A 218 23.68 -25.78 -22.72
N ILE A 219 25.00 -25.82 -22.56
CA ILE A 219 25.91 -25.48 -23.65
C ILE A 219 26.08 -26.65 -24.61
N GLU A 220 26.23 -27.87 -24.08
CA GLU A 220 26.35 -29.03 -24.95
C GLU A 220 25.08 -29.22 -25.77
N ARG A 221 23.92 -29.01 -25.16
CA ARG A 221 22.65 -29.17 -25.87
C ARG A 221 22.55 -28.19 -27.04
N THR A 222 23.00 -26.95 -26.86
CA THR A 222 22.93 -25.96 -27.92
C THR A 222 24.03 -26.12 -28.97
N ILE A 223 25.16 -26.77 -28.61
CA ILE A 223 26.21 -27.00 -29.60
C ILE A 223 25.77 -28.05 -30.61
N LYS A 224 25.05 -29.08 -30.15
CA LYS A 224 24.55 -30.12 -31.06
C LYS A 224 23.71 -29.54 -32.17
N ASP A 225 22.97 -28.46 -31.90
CA ASP A 225 22.16 -27.84 -32.93
C ASP A 225 23.03 -27.29 -34.05
N VAL A 226 24.10 -26.57 -33.69
CA VAL A 226 24.97 -25.98 -34.70
C VAL A 226 25.71 -27.06 -35.48
N LEU A 227 26.12 -28.14 -34.80
CA LEU A 227 26.78 -29.23 -35.49
C LEU A 227 25.86 -29.94 -36.48
N SER A 228 24.54 -29.82 -36.32
CA SER A 228 23.62 -30.48 -37.25
C SER A 228 23.59 -29.80 -38.61
N GLY A 229 23.74 -28.48 -38.65
CA GLY A 229 23.65 -27.74 -39.89
C GLY A 229 25.00 -27.32 -40.44
N ILE A 230 25.89 -28.29 -40.66
CA ILE A 230 27.22 -28.02 -41.20
C ILE A 230 27.30 -28.57 -42.61
N GLU A 231 28.13 -27.93 -43.44
CA GLU A 231 28.39 -28.40 -44.78
C GLU A 231 29.90 -28.48 -44.99
N VAL A 232 30.32 -29.04 -46.13
CA VAL A 232 31.72 -29.39 -46.32
C VAL A 232 32.09 -29.25 -47.79
N LYS A 233 33.33 -28.82 -48.03
CA LYS A 233 33.91 -28.70 -49.36
C LYS A 233 35.42 -28.80 -49.20
N ASN A 234 36.06 -29.61 -50.04
CA ASN A 234 37.52 -29.79 -50.01
C ASN A 234 38.00 -30.23 -48.63
N ASP A 235 37.18 -30.99 -47.91
CA ASP A 235 37.44 -31.41 -46.53
C ASP A 235 37.56 -30.21 -45.59
N ILE A 236 36.87 -29.12 -45.93
CA ILE A 236 36.78 -27.93 -45.08
C ILE A 236 35.34 -27.77 -44.64
N ALA A 237 35.12 -27.67 -43.33
CA ALA A 237 33.78 -27.54 -42.77
C ALA A 237 33.33 -26.09 -42.76
N PHE A 238 32.15 -25.83 -43.32
CA PHE A 238 31.53 -24.51 -43.30
C PHE A 238 30.31 -24.58 -42.38
N ILE A 239 30.39 -23.90 -41.23
CA ILE A 239 29.37 -23.98 -40.21
C ILE A 239 28.84 -22.57 -39.96
N GLU A 240 27.57 -22.35 -40.27
CA GLU A 240 26.91 -21.06 -40.13
C GLU A 240 25.77 -21.18 -39.12
N TYR A 241 25.64 -20.18 -38.25
CA TYR A 241 24.61 -20.21 -37.20
C TYR A 241 24.37 -18.79 -36.70
N SER A 242 23.38 -18.67 -35.81
CA SER A 242 23.06 -17.41 -35.14
C SER A 242 22.76 -17.72 -33.68
N SER A 243 23.48 -17.06 -32.77
CA SER A 243 23.34 -17.35 -31.35
C SER A 243 24.01 -16.29 -30.50
N PRO A 244 23.52 -16.02 -29.30
CA PRO A 244 24.20 -15.11 -28.38
C PRO A 244 25.29 -15.75 -27.53
N PHE A 245 25.42 -17.08 -27.55
CA PHE A 245 26.52 -17.75 -26.86
C PHE A 245 27.83 -17.66 -27.65
N ASN A 246 28.94 -17.56 -26.92
CA ASN A 246 30.25 -17.54 -27.56
C ASN A 246 30.78 -18.97 -27.73
N ILE A 247 30.02 -19.74 -28.53
CA ILE A 247 30.37 -21.13 -28.82
C ILE A 247 31.26 -21.25 -30.04
N ILE A 248 31.54 -20.13 -30.73
CA ILE A 248 32.29 -20.19 -31.98
C ILE A 248 33.68 -20.79 -31.78
N SER A 249 34.22 -20.65 -30.57
CA SER A 249 35.59 -21.14 -30.26
C SER A 249 35.56 -22.66 -30.30
N LYS A 250 34.62 -23.25 -29.56
CA LYS A 250 34.49 -24.71 -29.52
C LYS A 250 33.95 -25.33 -30.81
N ILE A 251 33.09 -24.63 -31.55
CA ILE A 251 32.58 -25.21 -32.78
C ILE A 251 33.72 -25.44 -33.77
N ALA A 252 34.59 -24.44 -33.92
CA ALA A 252 35.73 -24.62 -34.82
C ALA A 252 36.63 -25.75 -34.35
N ARG A 253 36.84 -25.86 -33.04
CA ARG A 253 37.65 -26.95 -32.52
C ARG A 253 36.97 -28.30 -32.72
N LYS A 254 35.68 -28.38 -32.38
CA LYS A 254 34.96 -29.64 -32.57
C LYS A 254 34.99 -30.09 -34.02
N ALA A 255 34.88 -29.14 -34.95
CA ALA A 255 34.83 -29.51 -36.36
C ALA A 255 36.16 -30.03 -36.86
N VAL A 256 37.27 -29.48 -36.37
CA VAL A 256 38.60 -29.87 -36.81
C VAL A 256 39.20 -30.92 -35.89
N TRP A 257 39.16 -30.69 -34.56
CA TRP A 257 39.87 -31.54 -33.62
C TRP A 257 39.17 -32.89 -33.42
N GLU A 258 37.83 -32.88 -33.36
CA GLU A 258 37.07 -34.09 -33.07
C GLU A 258 36.54 -34.77 -34.31
N MET A 259 35.82 -34.01 -35.16
CA MET A 259 35.24 -34.57 -36.36
C MET A 259 36.27 -34.84 -37.47
N GLY A 260 37.49 -34.30 -37.35
CA GLY A 260 38.58 -34.66 -38.23
C GLY A 260 38.67 -33.94 -39.55
N TYR A 261 37.94 -32.83 -39.73
CA TYR A 261 38.04 -32.07 -40.96
C TYR A 261 39.34 -31.27 -40.99
N ASN A 262 39.82 -31.01 -42.22
CA ASN A 262 41.09 -30.30 -42.38
C ASN A 262 40.98 -28.83 -42.02
N GLY A 263 39.80 -28.24 -42.17
CA GLY A 263 39.61 -26.84 -41.85
C GLY A 263 38.17 -26.56 -41.52
N ALA A 264 37.95 -25.51 -40.74
CA ALA A 264 36.60 -25.11 -40.35
C ALA A 264 36.48 -23.60 -40.46
N VAL A 265 35.46 -23.15 -41.19
CA VAL A 265 35.07 -21.74 -41.22
C VAL A 265 33.73 -21.62 -40.53
N VAL A 266 33.73 -21.01 -39.34
CA VAL A 266 32.53 -20.89 -38.52
C VAL A 266 32.10 -19.42 -38.50
N LEU A 267 30.82 -19.18 -38.79
CA LEU A 267 30.26 -17.84 -38.87
C LEU A 267 29.06 -17.72 -37.95
N ASN A 268 29.12 -16.75 -37.03
CA ASN A 268 27.99 -16.39 -36.17
C ASN A 268 27.47 -15.04 -36.61
N ARG A 269 26.26 -15.03 -37.15
CA ARG A 269 25.72 -13.84 -37.80
C ARG A 269 25.12 -12.85 -36.82
N SER A 270 24.74 -13.27 -35.61
CA SER A 270 24.06 -12.39 -34.68
C SER A 270 24.63 -12.54 -33.28
N PHE A 271 25.94 -12.30 -33.14
CA PHE A 271 26.56 -12.25 -31.83
C PHE A 271 26.42 -10.84 -31.28
N HIS A 272 25.32 -10.60 -30.58
CA HIS A 272 25.08 -9.35 -29.87
C HIS A 272 25.31 -8.13 -30.78
N GLU A 273 24.45 -8.04 -31.79
CA GLU A 273 24.42 -6.93 -32.75
C GLU A 273 25.71 -6.82 -33.55
N LYS A 274 26.54 -7.85 -33.56
CA LYS A 274 27.75 -7.88 -34.36
C LYS A 274 27.93 -9.28 -34.92
N ALA A 275 28.76 -9.38 -35.95
CA ALA A 275 29.07 -10.67 -36.54
C ALA A 275 30.33 -11.23 -35.89
N GLN A 276 30.65 -12.48 -36.24
CA GLN A 276 31.71 -13.21 -35.57
C GLN A 276 32.09 -14.40 -36.44
N LEU A 277 33.34 -14.45 -36.90
CA LEU A 277 33.78 -15.53 -37.76
C LEU A 277 35.08 -16.11 -37.22
N TYR A 278 35.21 -17.42 -37.33
CA TYR A 278 36.39 -18.16 -36.88
C TYR A 278 36.86 -19.06 -38.01
N PHE A 279 38.18 -19.11 -38.22
CA PHE A 279 38.79 -19.93 -39.25
C PHE A 279 39.94 -20.73 -38.63
N ARG A 280 39.70 -22.02 -38.39
CA ARG A 280 40.70 -22.90 -37.80
C ARG A 280 41.07 -23.98 -38.80
N ILE A 281 42.36 -24.29 -38.87
CA ILE A 281 42.86 -25.35 -39.75
C ILE A 281 43.60 -26.37 -38.90
N SER A 282 43.82 -27.52 -39.50
CA SER A 282 44.62 -28.58 -38.92
C SER A 282 46.09 -28.36 -39.24
N PRO A 283 47.00 -28.96 -38.46
CA PRO A 283 48.43 -28.86 -38.78
C PRO A 283 48.79 -29.29 -40.19
N ASP A 284 47.99 -30.18 -40.81
CA ASP A 284 48.24 -30.57 -42.20
C ASP A 284 48.20 -29.37 -43.14
N LEU A 285 47.22 -28.49 -42.97
CA LEU A 285 47.09 -27.30 -43.80
C LEU A 285 47.86 -26.11 -43.26
N LYS A 286 48.63 -26.29 -42.19
CA LYS A 286 49.31 -25.16 -41.56
C LYS A 286 50.36 -24.56 -42.47
N GLU A 287 50.92 -25.35 -43.39
CA GLU A 287 51.89 -24.85 -44.34
C GLU A 287 51.24 -24.25 -45.57
N LYS A 288 50.21 -24.92 -46.10
CA LYS A 288 49.57 -24.46 -47.33
C LYS A 288 48.85 -23.13 -47.14
N ILE A 289 48.41 -22.83 -45.92
CA ILE A 289 47.68 -21.60 -45.63
C ILE A 289 48.53 -20.73 -44.71
N ASP A 290 48.68 -19.46 -45.08
CA ASP A 290 49.38 -18.50 -44.24
C ASP A 290 48.34 -17.83 -43.35
N MET A 291 48.14 -18.38 -42.16
CA MET A 291 47.18 -17.81 -41.24
C MET A 291 47.64 -16.45 -40.72
N GLU A 292 48.96 -16.24 -40.66
CA GLU A 292 49.48 -14.96 -40.21
C GLU A 292 49.17 -13.86 -41.23
N GLY A 293 49.41 -14.13 -42.51
CA GLY A 293 49.09 -13.15 -43.53
C GLY A 293 47.62 -12.80 -43.57
N ILE A 294 46.74 -13.80 -43.42
CA ILE A 294 45.31 -13.52 -43.43
C ILE A 294 44.93 -12.63 -42.27
N ILE A 295 45.64 -12.73 -41.15
CA ILE A 295 45.40 -11.82 -40.04
C ILE A 295 45.75 -10.39 -40.43
N GLN A 296 46.95 -10.20 -40.98
CA GLN A 296 47.39 -8.86 -41.37
C GLN A 296 46.43 -8.23 -42.38
N ILE A 297 46.05 -8.98 -43.41
CA ILE A 297 45.11 -8.46 -44.39
C ILE A 297 43.81 -8.01 -43.73
N LEU A 298 43.32 -8.80 -42.77
CA LEU A 298 42.10 -8.42 -42.07
C LEU A 298 42.33 -7.19 -41.21
N LYS A 299 43.47 -7.11 -40.53
CA LYS A 299 43.77 -5.96 -39.68
C LYS A 299 43.92 -4.69 -40.51
N ASN A 300 44.66 -4.77 -41.61
CA ASN A 300 44.79 -3.63 -42.52
C ASN A 300 43.43 -3.10 -42.97
N ARG A 301 42.50 -4.01 -43.27
CA ARG A 301 41.12 -3.68 -43.68
C ARG A 301 40.26 -3.15 -42.54
N GLY A 302 40.81 -2.92 -41.36
CA GLY A 302 40.05 -2.36 -40.26
C GLY A 302 39.24 -3.35 -39.45
N PHE A 303 39.46 -4.64 -39.62
CA PHE A 303 38.75 -5.65 -38.88
C PHE A 303 39.41 -5.89 -37.53
N ASN A 304 38.60 -6.19 -36.52
CA ASN A 304 39.12 -6.58 -35.20
C ASN A 304 39.41 -8.09 -35.24
N ALA A 305 40.58 -8.41 -35.81
CA ALA A 305 40.98 -9.79 -36.04
C ALA A 305 42.26 -10.12 -35.29
N GLY A 306 42.39 -11.38 -34.88
CA GLY A 306 43.61 -11.88 -34.29
C GLY A 306 43.62 -13.40 -34.34
N GLY A 307 44.75 -13.98 -33.95
CA GLY A 307 44.78 -15.43 -33.83
C GLY A 307 46.18 -15.98 -33.69
N LYS A 308 46.36 -17.16 -34.28
CA LYS A 308 47.63 -17.89 -34.20
C LYS A 308 47.94 -18.39 -35.61
N SER A 309 48.90 -19.30 -35.70
CA SER A 309 49.30 -19.87 -36.99
C SER A 309 48.33 -20.92 -37.51
N GLU A 310 47.30 -21.27 -36.73
CA GLU A 310 46.33 -22.27 -37.15
C GLU A 310 44.89 -21.89 -36.88
N VAL A 311 44.62 -20.68 -36.37
CA VAL A 311 43.27 -20.29 -35.97
C VAL A 311 43.09 -18.79 -36.23
N LEU A 312 41.87 -18.43 -36.60
CA LEU A 312 41.51 -17.06 -36.96
C LEU A 312 40.28 -16.63 -36.19
N GLY A 313 40.29 -15.42 -35.64
CA GLY A 313 39.12 -14.91 -34.95
C GLY A 313 38.80 -13.49 -35.33
N ILE A 314 37.54 -13.21 -35.68
CA ILE A 314 37.14 -11.87 -36.08
C ILE A 314 35.81 -11.53 -35.40
N ILE A 315 35.67 -10.29 -34.94
CA ILE A 315 34.37 -9.70 -34.66
C ILE A 315 34.26 -8.42 -35.49
N PHE A 316 33.10 -8.21 -36.09
CA PHE A 316 32.97 -7.18 -37.10
C PHE A 316 31.50 -6.85 -37.28
N GLU A 317 31.23 -5.89 -38.16
CA GLU A 317 29.87 -5.46 -38.44
C GLU A 317 29.18 -6.45 -39.36
N LYS A 318 27.87 -6.60 -39.14
CA LYS A 318 27.11 -7.63 -39.86
C LYS A 318 27.18 -7.43 -41.37
N ASN A 319 27.18 -6.18 -41.82
CA ASN A 319 27.16 -5.89 -43.26
C ASN A 319 28.46 -6.25 -43.97
N ARG A 320 29.53 -6.56 -43.24
CA ARG A 320 30.80 -6.97 -43.84
C ARG A 320 30.99 -8.48 -43.85
N ILE A 321 29.90 -9.24 -43.72
CA ILE A 321 30.02 -10.69 -43.71
C ILE A 321 30.46 -11.21 -45.07
N ASP A 322 29.87 -10.68 -46.14
CA ASP A 322 30.26 -11.13 -47.47
C ASP A 322 31.71 -10.77 -47.76
N GLU A 323 32.13 -9.56 -47.36
CA GLU A 323 33.53 -9.16 -47.51
C GLU A 323 34.47 -10.18 -46.87
N VAL A 324 34.22 -10.52 -45.61
CA VAL A 324 35.06 -11.47 -44.88
C VAL A 324 35.06 -12.83 -45.55
N LEU A 325 33.89 -13.30 -45.98
CA LEU A 325 33.82 -14.61 -46.61
C LEU A 325 34.61 -14.62 -47.91
N GLY A 326 34.54 -13.53 -48.68
CA GLY A 326 35.30 -13.45 -49.92
C GLY A 326 36.80 -13.53 -49.70
N ILE A 327 37.29 -12.89 -48.64
CA ILE A 327 38.73 -12.91 -48.36
C ILE A 327 39.20 -14.33 -48.05
N ILE A 328 38.41 -15.07 -47.27
CA ILE A 328 38.86 -16.39 -46.83
C ILE A 328 38.62 -17.44 -47.92
N ASN A 329 37.47 -17.38 -48.60
CA ASN A 329 37.29 -18.23 -49.77
C ASN A 329 38.36 -17.96 -50.81
N GLY A 330 38.96 -16.78 -50.80
CA GLY A 330 40.11 -16.50 -51.64
C GLY A 330 41.26 -17.44 -51.39
N TYR A 331 41.77 -17.50 -50.16
CA TYR A 331 42.85 -18.42 -49.83
C TYR A 331 42.41 -19.86 -49.98
N LEU A 332 41.15 -20.17 -49.65
CA LEU A 332 40.65 -21.53 -49.76
C LEU A 332 40.52 -22.00 -51.20
N ALA A 333 40.50 -21.07 -52.16
CA ALA A 333 40.36 -21.45 -53.57
C ALA A 333 41.66 -21.97 -54.17
N SER A 334 42.80 -21.67 -53.54
CA SER A 334 44.09 -22.11 -54.05
C SER A 334 44.55 -23.43 -53.44
N LEU A 335 43.66 -24.16 -52.77
CA LEU A 335 43.99 -25.49 -52.26
C LEU A 335 43.76 -26.55 -53.34
N HIS B 20 -39.15 17.89 44.60
CA HIS B 20 -39.36 17.68 43.17
C HIS B 20 -39.12 18.94 42.36
N MET B 21 -37.93 19.05 41.79
CA MET B 21 -37.53 20.20 41.00
C MET B 21 -37.44 19.82 39.53
N LEU B 22 -38.11 20.60 38.68
CA LEU B 22 -38.17 20.37 37.25
C LEU B 22 -37.24 21.31 36.51
N VAL B 23 -36.55 20.80 35.49
CA VAL B 23 -35.57 21.56 34.72
C VAL B 23 -35.88 21.33 33.25
N ILE B 24 -36.61 22.25 32.63
CA ILE B 24 -36.85 22.24 31.19
C ILE B 24 -35.71 22.97 30.50
N HIS B 25 -35.18 22.41 29.43
CA HIS B 25 -33.98 22.98 28.81
C HIS B 25 -33.95 22.66 27.32
N HIS B 26 -33.24 23.50 26.57
CA HIS B 26 -33.00 23.29 25.15
C HIS B 26 -32.34 21.94 24.90
N TRP B 27 -32.44 21.46 23.66
CA TRP B 27 -32.01 20.12 23.29
C TRP B 27 -30.59 20.10 22.74
N ASP B 28 -29.92 21.24 22.64
CA ASP B 28 -28.57 21.31 22.11
C ASP B 28 -27.56 21.36 23.26
N THR B 29 -26.28 21.40 22.89
CA THR B 29 -25.21 21.41 23.89
C THR B 29 -25.34 22.59 24.85
N ASP B 30 -25.71 23.76 24.34
CA ASP B 30 -25.86 24.92 25.21
C ASP B 30 -26.91 24.67 26.28
N GLY B 31 -28.02 24.04 25.90
CA GLY B 31 -29.08 23.76 26.87
C GLY B 31 -28.79 22.60 27.79
N ILE B 32 -28.08 21.57 27.31
CA ILE B 32 -27.76 20.44 28.16
C ILE B 32 -26.70 20.80 29.19
N THR B 33 -25.67 21.57 28.77
CA THR B 33 -24.70 22.04 29.75
C THR B 33 -25.33 23.03 30.70
N SER B 34 -26.20 23.91 30.19
CA SER B 34 -26.91 24.84 31.06
C SER B 34 -27.75 24.08 32.09
N ALA B 35 -28.37 22.97 31.68
CA ALA B 35 -29.14 22.17 32.62
C ALA B 35 -28.22 21.53 33.66
N ALA B 36 -27.10 20.95 33.22
CA ALA B 36 -26.17 20.32 34.15
C ALA B 36 -25.60 21.34 35.12
N LEU B 37 -25.21 22.51 34.61
CA LEU B 37 -24.72 23.59 35.47
C LEU B 37 -25.76 23.97 36.52
N THR B 38 -27.02 24.04 36.13
CA THR B 38 -28.07 24.43 37.07
C THR B 38 -28.29 23.37 38.13
N ILE B 39 -28.29 22.09 37.74
CA ILE B 39 -28.55 21.03 38.72
C ILE B 39 -27.41 20.99 39.75
N LYS B 40 -26.17 21.17 39.30
CA LYS B 40 -25.07 21.12 40.24
C LYS B 40 -25.09 22.33 41.19
N ALA B 41 -25.31 23.54 40.65
CA ALA B 41 -25.27 24.73 41.48
C ALA B 41 -26.35 24.71 42.56
N LEU B 42 -27.49 24.07 42.30
CA LEU B 42 -28.58 24.03 43.27
C LEU B 42 -28.44 22.89 44.27
N GLY B 43 -27.43 22.03 44.11
CA GLY B 43 -27.25 20.90 45.00
C GLY B 43 -28.39 19.91 44.98
N LEU B 44 -29.00 19.68 43.82
CA LEU B 44 -30.17 18.83 43.72
C LEU B 44 -29.78 17.36 43.82
N ASP B 45 -30.50 16.61 44.66
CA ASP B 45 -30.38 15.17 44.73
C ASP B 45 -31.62 14.46 44.16
N ASP B 46 -32.62 15.20 43.70
CA ASP B 46 -33.85 14.62 43.15
C ASP B 46 -34.43 15.63 42.16
N PHE B 47 -34.20 15.39 40.88
CA PHE B 47 -34.62 16.32 39.84
C PHE B 47 -35.20 15.55 38.66
N ILE B 48 -36.02 16.26 37.89
CA ILE B 48 -36.52 15.79 36.61
C ILE B 48 -36.12 16.82 35.56
N ASN B 49 -35.40 16.37 34.54
CA ASN B 49 -34.97 17.23 33.43
C ASN B 49 -35.63 16.74 32.15
N ILE B 50 -36.23 17.66 31.40
CA ILE B 50 -36.93 17.33 30.16
C ILE B 50 -36.60 18.38 29.11
N VAL B 51 -36.94 18.05 27.86
CA VAL B 51 -36.83 18.98 26.75
C VAL B 51 -38.16 19.05 26.02
N PRO B 52 -38.51 20.18 25.40
CA PRO B 52 -39.68 20.22 24.52
C PRO B 52 -39.41 19.41 23.26
N PRO B 53 -40.42 19.13 22.44
CA PRO B 53 -40.17 18.36 21.21
C PRO B 53 -39.16 19.09 20.33
N ILE B 54 -38.20 18.33 19.78
CA ILE B 54 -37.11 18.95 19.03
C ILE B 54 -37.67 19.75 17.87
N GLY B 55 -37.22 21.00 17.76
CA GLY B 55 -37.56 21.87 16.65
C GLY B 55 -39.00 22.33 16.60
N GLU B 56 -39.75 22.17 17.69
CA GLU B 56 -41.14 22.59 17.72
C GLU B 56 -41.33 23.91 18.46
N PHE B 57 -40.47 24.22 19.43
CA PHE B 57 -40.47 25.51 20.11
C PHE B 57 -41.84 25.81 20.68
N ARG B 58 -42.36 24.85 21.44
CA ARG B 58 -43.64 24.94 22.09
C ARG B 58 -43.71 23.84 23.13
N PHE B 59 -44.47 24.10 24.19
CA PHE B 59 -44.73 23.08 25.20
C PHE B 59 -45.83 22.15 24.71
N ASP B 60 -45.59 20.84 24.80
CA ASP B 60 -46.58 19.84 24.44
C ASP B 60 -47.23 19.33 25.71
N GLY B 61 -48.07 18.29 25.57
CA GLY B 61 -48.72 17.71 26.73
C GLY B 61 -47.74 17.26 27.79
N ARG B 62 -46.64 16.61 27.37
CA ARG B 62 -45.69 16.03 28.32
C ARG B 62 -45.08 17.11 29.20
N VAL B 63 -44.62 18.20 28.60
CA VAL B 63 -43.99 19.28 29.35
C VAL B 63 -44.99 19.91 30.32
N LYS B 64 -46.22 20.14 29.84
CA LYS B 64 -47.24 20.81 30.65
C LYS B 64 -47.65 19.99 31.86
N LYS B 65 -47.62 18.65 31.75
CA LYS B 65 -47.99 17.83 32.90
C LYS B 65 -46.90 17.84 33.96
N HIS B 66 -45.62 17.75 33.54
CA HIS B 66 -44.52 17.86 34.50
C HIS B 66 -44.57 19.17 35.27
N ILE B 67 -44.98 20.25 34.60
CA ILE B 67 -45.03 21.54 35.27
C ILE B 67 -46.07 21.52 36.38
N GLU B 68 -47.23 20.90 36.14
CA GLU B 68 -48.25 20.87 37.16
C GLU B 68 -47.83 20.01 38.35
N GLU B 69 -47.12 18.92 38.08
CA GLU B 69 -46.67 18.04 39.16
C GLU B 69 -45.50 18.63 39.91
N ALA B 70 -44.63 19.35 39.23
CA ALA B 70 -43.44 19.87 39.87
C ALA B 70 -43.78 21.02 40.82
N GLU B 71 -42.87 21.28 41.74
CA GLU B 71 -43.00 22.37 42.70
C GLU B 71 -42.38 23.66 42.19
N LYS B 72 -41.12 23.59 41.74
CA LYS B 72 -40.43 24.70 41.11
C LYS B 72 -39.93 24.26 39.75
N VAL B 73 -39.84 25.22 38.82
CA VAL B 73 -39.48 24.95 37.44
C VAL B 73 -38.33 25.86 37.04
N TYR B 74 -37.35 25.30 36.34
CA TYR B 74 -36.27 26.06 35.74
C TYR B 74 -36.33 25.84 34.23
N ILE B 75 -36.39 26.95 33.48
CA ILE B 75 -36.42 26.91 32.02
C ILE B 75 -35.16 27.60 31.49
N LEU B 76 -34.41 26.89 30.65
CA LEU B 76 -33.05 27.27 30.29
C LEU B 76 -32.87 27.26 28.78
N ASP B 77 -32.38 28.37 28.22
CA ASP B 77 -32.01 28.47 26.81
C ASP B 77 -33.19 28.16 25.89
N LEU B 78 -34.39 28.58 26.29
CA LEU B 78 -35.60 28.27 25.53
C LEU B 78 -36.31 29.59 25.19
N ASN B 79 -36.02 30.10 23.99
CA ASN B 79 -36.61 31.38 23.53
C ASN B 79 -38.10 31.23 23.24
N LEU B 80 -38.88 30.74 24.20
CA LEU B 80 -40.35 30.60 23.99
C LEU B 80 -41.07 31.19 25.21
N PRO B 81 -41.06 32.53 25.39
CA PRO B 81 -41.74 33.19 26.51
C PRO B 81 -43.26 33.02 26.49
N GLN B 82 -43.85 33.08 25.29
CA GLN B 82 -45.33 32.96 25.10
C GLN B 82 -45.87 31.76 25.90
N GLU B 83 -45.07 30.70 26.03
CA GLU B 83 -45.47 29.52 26.78
C GLU B 83 -45.17 29.68 28.26
N VAL B 84 -44.09 30.39 28.60
CA VAL B 84 -43.75 30.67 29.99
C VAL B 84 -44.77 31.62 30.61
N GLU B 85 -45.42 32.44 29.78
CA GLU B 85 -46.35 33.44 30.28
C GLU B 85 -47.53 32.82 31.02
N ASP B 86 -47.90 31.58 30.67
CA ASP B 86 -49.06 30.90 31.24
C ASP B 86 -48.74 30.01 32.43
N VAL B 87 -47.47 29.92 32.83
CA VAL B 87 -47.06 28.98 33.87
C VAL B 87 -47.56 29.44 35.24
N GLU B 88 -48.21 28.52 35.96
CA GLU B 88 -48.71 28.78 37.31
C GLU B 88 -47.85 28.13 38.39
N LYS B 89 -46.54 28.06 38.18
CA LYS B 89 -45.60 27.56 39.18
C LYS B 89 -44.51 28.62 39.40
N ASP B 90 -43.81 28.48 40.51
CA ASP B 90 -42.66 29.34 40.76
C ASP B 90 -41.55 28.96 39.78
N THR B 91 -41.16 29.91 38.92
CA THR B 91 -40.34 29.60 37.75
C THR B 91 -39.16 30.58 37.63
N VAL B 92 -37.98 30.04 37.34
CA VAL B 92 -36.80 30.83 37.00
C VAL B 92 -36.47 30.58 35.54
N PHE B 93 -36.49 31.64 34.73
CA PHE B 93 -36.35 31.54 33.28
C PHE B 93 -35.04 32.23 32.89
N ILE B 94 -34.03 31.44 32.52
CA ILE B 94 -32.72 31.94 32.16
C ILE B 94 -32.50 31.71 30.65
N ASP B 95 -32.07 32.75 29.96
CA ASP B 95 -31.93 32.68 28.50
C ASP B 95 -31.02 33.80 28.04
N HIS B 96 -30.48 33.64 26.82
CA HIS B 96 -29.66 34.66 26.20
C HIS B 96 -30.16 35.08 24.81
N HIS B 97 -31.32 34.58 24.38
CA HIS B 97 -31.89 35.02 23.12
C HIS B 97 -32.55 36.38 23.28
N LEU B 98 -32.72 37.08 22.16
CA LEU B 98 -33.46 38.33 22.17
C LEU B 98 -34.95 38.02 22.26
N GLN B 99 -35.59 38.50 23.33
CA GLN B 99 -36.95 38.11 23.63
C GLN B 99 -37.67 39.26 24.32
N LYS B 100 -38.97 39.06 24.54
CA LYS B 100 -39.83 40.06 25.15
C LYS B 100 -39.91 39.85 26.66
N LYS B 101 -40.00 40.95 27.41
CA LYS B 101 -40.10 40.88 28.86
C LYS B 101 -41.34 40.08 29.28
N ILE B 102 -41.14 39.15 30.22
CA ILE B 102 -42.22 38.30 30.70
C ILE B 102 -42.98 39.02 31.80
N LYS B 103 -44.31 39.07 31.67
CA LYS B 103 -45.14 39.80 32.62
C LYS B 103 -45.53 38.95 33.83
N ASN B 104 -45.64 37.64 33.66
CA ASN B 104 -46.04 36.71 34.73
C ASN B 104 -45.20 36.95 35.98
N PRO B 105 -45.82 37.31 37.12
CA PRO B 105 -45.01 37.60 38.31
C PRO B 105 -44.37 36.36 38.89
N LYS B 106 -44.93 35.17 38.68
CA LYS B 106 -44.35 33.94 39.19
C LYS B 106 -43.04 33.58 38.50
N VAL B 107 -42.72 34.23 37.38
CA VAL B 107 -41.51 33.95 36.61
C VAL B 107 -40.46 35.00 36.92
N ARG B 108 -39.23 34.56 37.20
CA ARG B 108 -38.09 35.45 37.37
C ARG B 108 -37.22 35.31 36.12
N GLN B 109 -37.31 36.29 35.22
CA GLN B 109 -36.57 36.25 33.98
C GLN B 109 -35.13 36.70 34.21
N VAL B 110 -34.19 35.91 33.69
CA VAL B 110 -32.76 36.21 33.79
C VAL B 110 -32.21 36.18 32.38
N ASN B 111 -32.05 37.37 31.77
CA ASN B 111 -31.55 37.50 30.42
C ASN B 111 -30.63 38.72 30.34
N PRO B 112 -29.35 38.54 30.06
CA PRO B 112 -28.42 39.68 30.06
C PRO B 112 -28.49 40.50 28.78
N ILE B 113 -29.60 40.43 28.07
CA ILE B 113 -29.90 41.31 26.95
C ILE B 113 -31.01 42.29 27.31
N LEU B 114 -32.11 41.77 27.86
CA LEU B 114 -33.12 42.64 28.44
C LEU B 114 -32.53 43.52 29.53
N GLU B 115 -31.71 42.94 30.42
CA GLU B 115 -31.06 43.67 31.49
C GLU B 115 -30.04 44.69 30.99
N ARG B 116 -29.91 44.88 29.68
CA ARG B 116 -29.13 45.91 28.99
C ARG B 116 -27.65 45.55 28.93
N MET B 117 -27.18 44.57 29.69
CA MET B 117 -25.76 44.21 29.69
C MET B 117 -25.33 43.70 28.33
N ASN B 118 -24.02 43.71 28.11
CA ASN B 118 -23.46 43.34 26.82
C ASN B 118 -23.72 41.87 26.52
N GLY B 119 -24.22 41.58 25.32
CA GLY B 119 -24.43 40.22 24.87
C GLY B 119 -23.22 39.56 24.27
N LYS B 120 -22.14 40.31 24.06
CA LYS B 120 -20.88 39.70 23.66
C LYS B 120 -20.16 39.09 24.85
N GLU B 121 -20.43 39.60 26.05
CA GLU B 121 -19.96 38.96 27.28
C GLU B 121 -20.71 37.66 27.56
N PHE B 122 -21.87 37.45 26.94
CA PHE B 122 -22.73 36.30 27.18
C PHE B 122 -23.00 35.61 25.85
N PRO B 123 -22.06 34.80 25.36
CA PRO B 123 -22.26 34.15 24.05
C PRO B 123 -23.26 33.02 24.08
N SER B 124 -23.50 32.41 25.24
CA SER B 124 -24.39 31.27 25.37
C SER B 124 -25.13 31.33 26.69
N ALA B 125 -26.24 30.60 26.77
CA ALA B 125 -26.96 30.50 28.04
C ALA B 125 -26.10 29.87 29.11
N SER B 126 -25.16 28.99 28.73
CA SER B 126 -24.28 28.40 29.74
C SER B 126 -23.47 29.47 30.45
N PHE B 127 -23.03 30.50 29.72
CA PHE B 127 -22.36 31.62 30.38
C PHE B 127 -23.33 32.40 31.27
N VAL B 128 -24.57 32.57 30.81
CA VAL B 128 -25.58 33.24 31.62
C VAL B 128 -25.88 32.45 32.88
N VAL B 129 -26.02 31.13 32.74
CA VAL B 129 -26.26 30.27 33.90
C VAL B 129 -25.09 30.32 34.85
N SER B 130 -23.88 30.17 34.31
CA SER B 130 -22.67 30.20 35.13
C SER B 130 -22.56 31.52 35.88
N ASN B 131 -22.74 32.64 35.16
CA ASN B 131 -22.70 33.94 35.80
C ASN B 131 -23.82 34.08 36.84
N HIS B 132 -24.99 33.50 36.57
CA HIS B 132 -26.09 33.56 37.53
C HIS B 132 -25.73 32.86 38.83
N PHE B 133 -25.13 31.67 38.73
CA PHE B 133 -24.79 30.89 39.91
C PHE B 133 -23.36 31.08 40.37
N SER B 134 -22.54 31.82 39.62
CA SER B 134 -21.12 31.95 39.89
C SER B 134 -20.46 30.58 39.99
N LEU B 135 -20.79 29.74 39.02
CA LEU B 135 -20.27 28.38 38.91
C LEU B 135 -19.68 28.22 37.52
N TRP B 136 -18.35 28.20 37.43
CA TRP B 136 -17.65 28.16 36.15
C TRP B 136 -16.82 26.90 36.05
N ASN B 137 -17.15 26.06 35.05
CA ASN B 137 -16.39 24.86 34.77
C ASN B 137 -16.36 24.64 33.26
N SER B 138 -15.95 23.44 32.86
CA SER B 138 -15.81 23.17 31.44
C SER B 138 -17.16 23.13 30.73
N TRP B 139 -18.22 22.78 31.45
CA TRP B 139 -19.57 22.85 30.85
C TRP B 139 -19.90 24.25 30.39
N SER B 140 -19.43 25.26 31.14
CA SER B 140 -19.62 26.65 30.71
C SER B 140 -19.04 26.87 29.33
N SER B 141 -17.83 26.34 29.09
CA SER B 141 -17.19 26.49 27.80
C SER B 141 -17.95 25.73 26.73
N LEU B 142 -18.32 24.48 26.99
CA LEU B 142 -19.04 23.69 26.00
C LEU B 142 -20.27 24.42 25.49
N GLY B 143 -21.06 25.01 26.39
CA GLY B 143 -22.20 25.79 25.97
C GLY B 143 -21.82 26.90 25.01
N ALA B 144 -20.74 27.62 25.33
CA ALA B 144 -20.29 28.69 24.45
C ALA B 144 -19.87 28.17 23.08
N VAL B 145 -19.17 27.04 23.05
CA VAL B 145 -18.75 26.47 21.77
C VAL B 145 -19.95 25.94 20.99
N GLY B 146 -20.98 25.44 21.68
CA GLY B 146 -22.14 24.92 21.00
C GLY B 146 -23.04 25.96 20.35
N ASP B 147 -22.90 27.23 20.72
CA ASP B 147 -23.72 28.28 20.12
C ASP B 147 -22.99 29.16 19.14
N ILE B 148 -21.71 29.47 19.38
CA ILE B 148 -20.95 30.37 18.53
C ILE B 148 -19.69 29.71 17.99
N GLY B 149 -19.52 28.41 18.23
CA GLY B 149 -18.49 27.65 17.56
C GLY B 149 -17.09 28.10 17.91
N ASN B 150 -16.26 28.27 16.88
CA ASN B 150 -14.86 28.60 17.11
C ASN B 150 -14.70 29.98 17.73
N LYS B 151 -15.69 30.85 17.59
CA LYS B 151 -15.56 32.19 18.15
C LYS B 151 -15.55 32.18 19.68
N ALA B 152 -16.04 31.10 20.30
CA ALA B 152 -15.99 31.02 21.75
C ALA B 152 -14.56 31.06 22.26
N PHE B 153 -13.61 30.53 21.48
CA PHE B 153 -12.23 30.47 21.91
C PHE B 153 -11.58 31.85 21.93
N GLU B 154 -12.15 32.83 21.23
CA GLU B 154 -11.70 34.20 21.34
C GLU B 154 -12.06 34.84 22.68
N ILE B 155 -12.83 34.15 23.51
CA ILE B 155 -13.01 34.51 24.91
C ILE B 155 -12.01 33.71 25.73
N PRO B 156 -11.11 34.35 26.47
CA PRO B 156 -10.11 33.57 27.24
C PRO B 156 -10.73 32.65 28.27
N LYS B 157 -11.91 32.99 28.78
CA LYS B 157 -12.58 32.16 29.78
C LYS B 157 -12.86 30.77 29.25
N THR B 158 -13.12 30.64 27.94
CA THR B 158 -13.47 29.35 27.35
C THR B 158 -12.30 28.38 27.41
N LEU B 159 -11.18 28.75 26.79
CA LEU B 159 -10.00 27.89 26.79
C LEU B 159 -9.50 27.61 28.20
N GLU B 160 -9.53 28.61 29.07
CA GLU B 160 -9.05 28.43 30.44
C GLU B 160 -9.82 27.34 31.16
N LEU B 161 -11.15 27.35 31.04
CA LEU B 161 -11.95 26.35 31.74
C LEU B 161 -11.75 24.96 31.13
N LEU B 162 -11.66 24.89 29.81
CA LEU B 162 -11.36 23.62 29.15
C LEU B 162 -9.99 23.09 29.55
N LYS B 163 -9.05 23.99 29.84
CA LYS B 163 -7.68 23.59 30.16
C LYS B 163 -7.61 22.79 31.46
N THR B 164 -8.37 23.22 32.47
CA THR B 164 -8.38 22.52 33.76
C THR B 164 -8.74 21.05 33.60
N GLU B 165 -9.69 20.75 32.71
CA GLU B 165 -10.07 19.37 32.42
C GLU B 165 -9.18 18.73 31.35
N GLY B 166 -8.12 19.41 30.94
CA GLY B 166 -7.23 18.93 29.89
C GLY B 166 -7.91 18.62 28.58
N LEU B 167 -8.62 19.60 28.01
CA LEU B 167 -9.33 19.44 26.76
C LEU B 167 -8.81 20.44 25.73
N THR B 168 -8.66 19.97 24.49
CA THR B 168 -8.22 20.84 23.42
C THR B 168 -9.41 21.54 22.77
N LYS B 169 -9.10 22.50 21.89
CA LYS B 169 -10.13 23.12 21.07
C LYS B 169 -10.94 22.06 20.35
N ASN B 170 -10.27 21.17 19.62
CA ASN B 170 -10.95 20.15 18.83
C ASN B 170 -11.76 19.21 19.71
N GLU B 171 -11.26 18.91 20.92
CA GLU B 171 -11.98 17.99 21.78
C GLU B 171 -13.34 18.56 22.18
N ALA B 172 -13.40 19.87 22.42
CA ALA B 172 -14.67 20.51 22.76
C ALA B 172 -15.56 20.64 21.53
N LEU B 173 -14.97 20.94 20.37
CA LEU B 173 -15.74 20.96 19.13
C LEU B 173 -16.31 19.58 18.83
N LYS B 174 -15.54 18.53 19.08
CA LYS B 174 -16.02 17.16 18.89
C LYS B 174 -17.14 16.83 19.88
N LEU B 175 -17.01 17.31 21.12
CA LEU B 175 -18.02 17.03 22.13
C LEU B 175 -19.37 17.65 21.77
N VAL B 176 -19.36 18.82 21.15
CA VAL B 176 -20.62 19.43 20.74
C VAL B 176 -21.30 18.57 19.68
N GLN B 177 -20.52 18.07 18.71
CA GLN B 177 -21.07 17.18 17.69
C GLN B 177 -21.67 15.93 18.33
N LEU B 178 -20.98 15.33 19.29
CA LEU B 178 -21.49 14.13 19.95
C LEU B 178 -22.78 14.42 20.72
N ILE B 179 -22.77 15.50 21.52
CA ILE B 179 -23.96 15.83 22.29
C ILE B 179 -25.09 16.26 21.37
N ASP B 180 -24.80 17.10 20.38
CA ASP B 180 -25.84 17.53 19.46
C ASP B 180 -26.43 16.37 18.70
N SER B 181 -25.63 15.31 18.47
CA SER B 181 -26.09 14.16 17.70
C SER B 181 -27.40 13.59 18.22
N ASN B 182 -27.68 13.75 19.50
CA ASN B 182 -28.91 13.22 20.06
C ASN B 182 -30.14 13.95 19.54
N TYR B 183 -30.14 15.29 19.61
CA TYR B 183 -31.31 16.02 19.13
C TYR B 183 -31.42 15.98 17.61
N ILE B 184 -30.30 15.94 16.90
CA ILE B 184 -30.36 15.87 15.45
C ILE B 184 -31.06 14.59 15.02
N THR B 185 -30.79 13.48 15.70
CA THR B 185 -31.45 12.23 15.42
C THR B 185 -32.86 12.14 16.00
N MET B 186 -33.36 13.22 16.59
CA MET B 186 -34.74 13.29 17.11
C MET B 186 -34.96 12.35 18.30
N ASP B 187 -33.95 12.23 19.17
CA ASP B 187 -34.02 11.36 20.35
C ASP B 187 -34.23 12.22 21.59
N ARG B 188 -35.50 12.46 21.95
CA ARG B 188 -35.79 13.23 23.16
C ARG B 188 -35.22 12.54 24.38
N SER B 189 -35.31 11.21 24.43
CA SER B 189 -34.86 10.49 25.60
C SER B 189 -33.34 10.56 25.73
N ALA B 190 -32.62 10.38 24.62
CA ALA B 190 -31.16 10.45 24.67
C ALA B 190 -30.68 11.87 24.92
N ALA B 191 -31.39 12.86 24.39
CA ALA B 191 -31.06 14.26 24.64
C ALA B 191 -31.27 14.61 26.10
N GLU B 192 -32.33 14.07 26.72
CA GLU B 192 -32.56 14.28 28.15
C GLU B 192 -31.53 13.53 28.98
N LYS B 193 -31.21 12.28 28.61
CA LYS B 193 -30.23 11.50 29.35
C LYS B 193 -28.84 12.12 29.26
N ALA B 194 -28.58 12.88 28.19
CA ALA B 194 -27.27 13.53 28.05
C ALA B 194 -26.93 14.43 29.23
N VAL B 195 -27.95 14.97 29.90
CA VAL B 195 -27.70 15.79 31.09
C VAL B 195 -27.10 14.94 32.21
N GLU B 196 -27.62 13.73 32.41
CA GLU B 196 -27.09 12.85 33.45
C GLU B 196 -25.65 12.43 33.15
N LEU B 197 -25.32 12.17 31.88
CA LEU B 197 -23.97 11.75 31.54
C LEU B 197 -22.96 12.86 31.75
N VAL B 198 -23.33 14.10 31.41
CA VAL B 198 -22.43 15.24 31.64
C VAL B 198 -22.24 15.47 33.13
N LEU B 199 -23.30 15.28 33.92
CA LEU B 199 -23.21 15.48 35.36
C LEU B 199 -22.32 14.43 36.01
N ASN B 200 -22.34 13.20 35.49
CA ASN B 200 -21.78 12.06 36.18
C ASN B 200 -20.52 11.47 35.54
N ARG B 201 -20.02 12.06 34.46
CA ARG B 201 -18.85 11.51 33.79
C ARG B 201 -17.94 12.65 33.32
N PRO B 202 -16.62 12.47 33.42
CA PRO B 202 -15.71 13.46 32.85
C PRO B 202 -15.95 13.63 31.36
N LEU B 203 -15.77 14.86 30.88
CA LEU B 203 -15.97 15.13 29.47
C LEU B 203 -15.08 14.27 28.60
N LYS B 204 -13.82 14.09 29.01
CA LYS B 204 -12.89 13.32 28.21
C LYS B 204 -13.31 11.86 28.11
N GLU B 205 -14.09 11.37 29.07
CA GLU B 205 -14.70 10.04 28.93
C GLU B 205 -15.78 10.04 27.85
N LEU B 206 -16.62 11.07 27.83
CA LEU B 206 -17.73 11.12 26.87
C LEU B 206 -17.25 11.22 25.43
N LEU B 207 -16.01 11.66 25.22
CA LEU B 207 -15.42 11.62 23.89
C LEU B 207 -15.30 10.20 23.37
N GLU B 208 -15.38 9.21 24.25
CA GLU B 208 -15.34 7.80 23.89
C GLU B 208 -16.71 7.15 23.89
N TYR B 209 -17.74 7.84 24.40
CA TYR B 209 -19.08 7.28 24.56
C TYR B 209 -19.64 6.74 23.25
N GLU B 210 -19.75 5.41 23.15
CA GLU B 210 -20.13 4.80 21.88
C GLU B 210 -21.51 5.19 21.37
N PRO B 211 -22.58 5.26 22.19
CA PRO B 211 -23.89 5.62 21.64
C PRO B 211 -23.91 6.93 20.90
N TRP B 212 -23.22 7.95 21.41
CA TRP B 212 -23.13 9.22 20.70
C TRP B 212 -22.34 9.08 19.40
N ILE B 213 -21.23 8.34 19.45
CA ILE B 213 -20.38 8.18 18.26
C ILE B 213 -21.17 7.58 17.12
N LYS B 214 -21.99 6.56 17.41
CA LYS B 214 -22.77 5.90 16.37
C LYS B 214 -23.74 6.86 15.70
N ASN B 215 -24.32 7.79 16.48
CA ASN B 215 -25.20 8.79 15.92
C ASN B 215 -24.45 9.70 14.95
N LEU B 216 -23.22 10.09 15.32
CA LEU B 216 -22.50 11.12 14.58
C LEU B 216 -22.07 10.63 13.21
N GLU B 217 -21.71 9.35 13.10
CA GLU B 217 -21.32 8.80 11.81
C GLU B 217 -22.45 8.92 10.79
N GLU B 218 -23.68 8.62 11.20
CA GLU B 218 -24.82 8.68 10.30
C GLU B 218 -25.21 10.12 9.94
N ILE B 219 -24.89 11.08 10.80
CA ILE B 219 -25.31 12.47 10.58
C ILE B 219 -24.39 13.17 9.59
N GLU B 220 -23.08 12.95 9.68
CA GLU B 220 -22.17 13.54 8.72
C GLU B 220 -22.46 13.05 7.30
N ARG B 221 -22.79 11.76 7.16
CA ARG B 221 -23.07 11.20 5.84
C ARG B 221 -24.24 11.91 5.16
N THR B 222 -25.30 12.20 5.93
CA THR B 222 -26.48 12.84 5.36
C THR B 222 -26.33 14.35 5.20
N ILE B 223 -25.43 14.98 5.95
CA ILE B 223 -25.22 16.41 5.76
C ILE B 223 -24.49 16.68 4.45
N LYS B 224 -23.51 15.82 4.10
CA LYS B 224 -22.82 15.99 2.83
C LYS B 224 -23.80 15.98 1.65
N ASP B 225 -24.86 15.18 1.74
CA ASP B 225 -25.83 15.14 0.67
C ASP B 225 -26.51 16.50 0.50
N VAL B 226 -26.95 17.08 1.62
CA VAL B 226 -27.65 18.36 1.53
C VAL B 226 -26.72 19.45 1.02
N LEU B 227 -25.45 19.41 1.42
CA LEU B 227 -24.48 20.38 0.93
C LEU B 227 -24.21 20.21 -0.56
N SER B 228 -24.51 19.05 -1.14
CA SER B 228 -24.24 18.83 -2.56
C SER B 228 -25.18 19.62 -3.46
N GLY B 229 -26.43 19.82 -3.03
CA GLY B 229 -27.41 20.50 -3.86
C GLY B 229 -27.66 21.93 -3.43
N ILE B 230 -26.61 22.75 -3.39
CA ILE B 230 -26.74 24.15 -2.99
C ILE B 230 -26.49 25.03 -4.20
N GLU B 231 -27.14 26.21 -4.19
CA GLU B 231 -26.93 27.22 -5.20
C GLU B 231 -26.64 28.54 -4.50
N VAL B 232 -26.29 29.55 -5.29
CA VAL B 232 -25.71 30.77 -4.73
C VAL B 232 -26.13 31.97 -5.56
N LYS B 233 -26.35 33.09 -4.88
CA LYS B 233 -26.68 34.38 -5.49
C LYS B 233 -26.25 35.46 -4.52
N ASN B 234 -25.56 36.48 -5.02
CA ASN B 234 -25.10 37.61 -4.18
C ASN B 234 -24.27 37.13 -3.00
N ASP B 235 -23.52 36.03 -3.19
CA ASP B 235 -22.73 35.37 -2.13
C ASP B 235 -23.62 34.89 -0.99
N ILE B 236 -24.86 34.57 -1.30
CA ILE B 236 -25.81 33.98 -0.35
C ILE B 236 -26.14 32.57 -0.81
N ALA B 237 -25.98 31.60 0.08
CA ALA B 237 -26.24 30.20 -0.24
C ALA B 237 -27.70 29.88 -0.03
N PHE B 238 -28.33 29.30 -1.06
CA PHE B 238 -29.70 28.83 -0.97
C PHE B 238 -29.67 27.31 -1.00
N ILE B 239 -30.02 26.69 0.12
CA ILE B 239 -29.91 25.25 0.30
C ILE B 239 -31.31 24.73 0.62
N GLU B 240 -31.85 23.91 -0.28
CA GLU B 240 -33.17 23.34 -0.13
C GLU B 240 -33.05 21.82 -0.04
N TYR B 241 -33.79 21.21 0.88
CA TYR B 241 -33.70 19.77 1.10
C TYR B 241 -34.96 19.29 1.80
N SER B 242 -35.05 17.97 1.98
CA SER B 242 -36.16 17.35 2.68
C SER B 242 -35.59 16.25 3.57
N SER B 243 -35.90 16.30 4.87
CA SER B 243 -35.33 15.34 5.83
C SER B 243 -36.05 15.35 7.18
N PRO B 244 -36.10 14.20 7.86
CA PRO B 244 -36.62 14.17 9.22
C PRO B 244 -35.60 14.45 10.30
N PHE B 245 -34.31 14.55 9.96
CA PHE B 245 -33.29 14.96 10.92
C PHE B 245 -33.32 16.47 11.13
N ASN B 246 -33.00 16.89 12.36
CA ASN B 246 -32.92 18.32 12.65
C ASN B 246 -31.51 18.83 12.36
N ILE B 247 -31.14 18.72 11.08
CA ILE B 247 -29.83 19.16 10.61
C ILE B 247 -29.85 20.62 10.19
N ILE B 248 -31.02 21.27 10.23
CA ILE B 248 -31.19 22.61 9.69
C ILE B 248 -30.24 23.59 10.36
N SER B 249 -29.97 23.40 11.66
CA SER B 249 -29.08 24.32 12.37
C SER B 249 -27.65 24.21 11.85
N LYS B 250 -27.13 22.99 11.73
CA LYS B 250 -25.74 22.82 11.31
C LYS B 250 -25.53 23.18 9.85
N ILE B 251 -26.55 23.00 9.01
CA ILE B 251 -26.40 23.34 7.59
C ILE B 251 -26.17 24.84 7.43
N ALA B 252 -26.95 25.65 8.16
CA ALA B 252 -26.78 27.10 8.08
C ALA B 252 -25.39 27.50 8.56
N ARG B 253 -24.90 26.87 9.62
CA ARG B 253 -23.56 27.18 10.11
C ARG B 253 -22.49 26.73 9.12
N LYS B 254 -22.59 25.50 8.62
CA LYS B 254 -21.60 25.02 7.65
C LYS B 254 -21.55 25.94 6.44
N ALA B 255 -22.70 26.46 6.00
CA ALA B 255 -22.73 27.29 4.81
C ALA B 255 -22.08 28.64 5.05
N VAL B 256 -22.23 29.20 6.24
CA VAL B 256 -21.69 30.50 6.58
C VAL B 256 -20.34 30.39 7.28
N TRP B 257 -20.25 29.54 8.30
CA TRP B 257 -19.07 29.49 9.14
C TRP B 257 -17.90 28.78 8.46
N GLU B 258 -18.19 27.69 7.76
CA GLU B 258 -17.15 26.85 7.14
C GLU B 258 -16.91 27.20 5.68
N MET B 259 -17.96 27.17 4.87
CA MET B 259 -17.83 27.47 3.44
C MET B 259 -17.67 28.95 3.17
N GLY B 260 -17.97 29.82 4.13
CA GLY B 260 -17.64 31.22 4.02
C GLY B 260 -18.62 32.10 3.26
N TYR B 261 -19.82 31.62 2.97
CA TYR B 261 -20.80 32.47 2.30
C TYR B 261 -21.32 33.53 3.24
N ASN B 262 -21.71 34.68 2.68
CA ASN B 262 -22.14 35.79 3.52
C ASN B 262 -23.49 35.54 4.18
N GLY B 263 -24.31 34.68 3.58
CA GLY B 263 -25.60 34.37 4.14
C GLY B 263 -26.08 33.02 3.66
N ALA B 264 -26.95 32.40 4.45
CA ALA B 264 -27.51 31.10 4.10
C ALA B 264 -29.01 31.10 4.36
N VAL B 265 -29.78 30.73 3.34
CA VAL B 265 -31.21 30.47 3.48
C VAL B 265 -31.40 28.97 3.27
N VAL B 266 -31.72 28.25 4.35
CA VAL B 266 -31.84 26.80 4.31
C VAL B 266 -33.31 26.45 4.55
N LEU B 267 -33.86 25.62 3.68
CA LEU B 267 -35.27 25.25 3.72
C LEU B 267 -35.42 23.74 3.78
N ASN B 268 -36.11 23.26 4.82
CA ASN B 268 -36.47 21.85 4.96
C ASN B 268 -37.96 21.72 4.74
N ARG B 269 -38.34 21.07 3.64
CA ARG B 269 -39.74 21.08 3.20
C ARG B 269 -40.61 20.07 3.91
N SER B 270 -40.03 19.04 4.52
CA SER B 270 -40.80 17.96 5.12
C SER B 270 -40.21 17.56 6.47
N PHE B 271 -40.13 18.52 7.39
CA PHE B 271 -39.71 18.20 8.75
C PHE B 271 -40.94 17.77 9.54
N HIS B 272 -41.21 16.47 9.52
CA HIS B 272 -42.27 15.85 10.31
C HIS B 272 -43.61 16.57 10.10
N GLU B 273 -44.08 16.47 8.85
CA GLU B 273 -45.36 17.03 8.41
C GLU B 273 -45.40 18.55 8.54
N LYS B 274 -44.25 19.20 8.69
CA LYS B 274 -44.17 20.66 8.73
C LYS B 274 -42.91 21.12 8.00
N ALA B 275 -42.90 22.40 7.67
CA ALA B 275 -41.75 23.03 7.03
C ALA B 275 -40.83 23.65 8.07
N GLN B 276 -39.67 24.12 7.61
CA GLN B 276 -38.60 24.54 8.51
C GLN B 276 -37.60 25.39 7.73
N LEU B 277 -37.44 26.66 8.12
CA LEU B 277 -36.52 27.54 7.43
C LEU B 277 -35.59 28.21 8.43
N TYR B 278 -34.32 28.34 8.04
CA TYR B 278 -33.29 28.98 8.83
C TYR B 278 -32.58 30.00 7.94
N PHE B 279 -32.30 31.18 8.49
CA PHE B 279 -31.65 32.27 7.77
C PHE B 279 -30.50 32.80 8.63
N ARG B 280 -29.27 32.45 8.27
CA ARG B 280 -28.08 32.86 9.01
C ARG B 280 -27.21 33.76 8.16
N ILE B 281 -26.69 34.82 8.77
CA ILE B 281 -25.81 35.76 8.08
C ILE B 281 -24.47 35.80 8.80
N SER B 282 -23.49 36.33 8.10
CA SER B 282 -22.17 36.59 8.65
C SER B 282 -22.15 37.96 9.29
N PRO B 283 -21.22 38.21 10.21
CA PRO B 283 -21.10 39.55 10.79
C PRO B 283 -20.95 40.65 9.76
N ASP B 284 -20.41 40.35 8.58
CA ASP B 284 -20.29 41.35 7.52
C ASP B 284 -21.65 41.94 7.15
N LEU B 285 -22.66 41.08 7.01
CA LEU B 285 -24.01 41.50 6.68
C LEU B 285 -24.85 41.78 7.91
N LYS B 286 -24.25 41.72 9.11
CA LYS B 286 -25.04 41.87 10.33
C LYS B 286 -25.59 43.28 10.49
N GLU B 287 -24.91 44.27 9.90
CA GLU B 287 -25.39 45.66 9.93
C GLU B 287 -26.35 45.94 8.78
N LYS B 288 -26.04 45.43 7.59
CA LYS B 288 -26.87 45.69 6.42
C LYS B 288 -28.24 45.04 6.55
N ILE B 289 -28.35 43.97 7.34
CA ILE B 289 -29.60 43.23 7.53
C ILE B 289 -30.07 43.40 8.97
N ASP B 290 -31.34 43.74 9.14
CA ASP B 290 -31.96 43.81 10.47
C ASP B 290 -32.61 42.48 10.75
N MET B 291 -31.87 41.58 11.40
CA MET B 291 -32.42 40.26 11.70
C MET B 291 -33.50 40.31 12.77
N GLU B 292 -33.46 41.31 13.65
CA GLU B 292 -34.48 41.43 14.69
C GLU B 292 -35.83 41.77 14.09
N GLY B 293 -35.87 42.77 13.21
CA GLY B 293 -37.11 43.14 12.56
C GLY B 293 -37.70 42.00 11.75
N ILE B 294 -36.86 41.25 11.05
CA ILE B 294 -37.34 40.14 10.24
C ILE B 294 -38.04 39.13 11.14
N ILE B 295 -37.54 38.97 12.37
CA ILE B 295 -38.22 38.09 13.32
C ILE B 295 -39.58 38.67 13.68
N GLN B 296 -39.61 39.95 14.05
CA GLN B 296 -40.86 40.58 14.47
C GLN B 296 -41.92 40.48 13.37
N ILE B 297 -41.54 40.78 12.12
CA ILE B 297 -42.49 40.66 11.01
C ILE B 297 -43.05 39.25 10.93
N LEU B 298 -42.20 38.24 11.12
CA LEU B 298 -42.66 36.86 11.06
C LEU B 298 -43.60 36.54 12.21
N LYS B 299 -43.25 37.01 13.42
CA LYS B 299 -44.10 36.75 14.58
C LYS B 299 -45.44 37.43 14.42
N ASN B 300 -45.43 38.71 14.00
CA ASN B 300 -46.68 39.41 13.71
C ASN B 300 -47.53 38.63 12.72
N ARG B 301 -46.90 38.05 11.70
CA ARG B 301 -47.61 37.23 10.72
C ARG B 301 -48.06 35.90 11.26
N GLY B 302 -47.86 35.63 12.56
CA GLY B 302 -48.31 34.37 13.11
C GLY B 302 -47.37 33.22 12.91
N PHE B 303 -46.13 33.47 12.49
CA PHE B 303 -45.15 32.41 12.30
C PHE B 303 -44.44 32.11 13.61
N ASN B 304 -44.10 30.84 13.82
CA ASN B 304 -43.29 30.43 14.97
C ASN B 304 -41.83 30.61 14.59
N ALA B 305 -41.37 31.84 14.70
CA ALA B 305 -40.02 32.23 14.32
C ALA B 305 -39.30 32.81 15.54
N GLY B 306 -37.98 32.58 15.59
CA GLY B 306 -37.16 33.19 16.62
C GLY B 306 -35.71 33.18 16.18
N GLY B 307 -34.87 33.84 16.97
CA GLY B 307 -33.45 33.79 16.69
C GLY B 307 -32.60 34.80 17.42
N LYS B 308 -31.57 35.29 16.73
CA LYS B 308 -30.62 36.22 17.31
C LYS B 308 -30.37 37.35 16.32
N SER B 309 -29.33 38.15 16.55
CA SER B 309 -29.01 39.26 15.66
C SER B 309 -28.32 38.83 14.38
N GLU B 310 -28.02 37.53 14.22
CA GLU B 310 -27.38 37.03 13.01
C GLU B 310 -28.00 35.75 12.48
N VAL B 311 -29.03 35.22 13.12
CA VAL B 311 -29.60 33.94 12.71
C VAL B 311 -31.10 33.95 13.01
N LEU B 312 -31.86 33.34 12.11
CA LEU B 312 -33.31 33.28 12.15
C LEU B 312 -33.75 31.84 11.93
N GLY B 313 -34.73 31.39 12.72
CA GLY B 313 -35.25 30.04 12.58
C GLY B 313 -36.77 29.97 12.61
N ILE B 314 -37.38 29.24 11.68
CA ILE B 314 -38.84 29.16 11.60
C ILE B 314 -39.26 27.70 11.44
N ILE B 315 -40.34 27.32 12.13
CA ILE B 315 -41.12 26.14 11.80
C ILE B 315 -42.57 26.59 11.56
N PHE B 316 -43.18 26.07 10.50
CA PHE B 316 -44.42 26.64 10.00
C PHE B 316 -45.10 25.62 9.10
N GLU B 317 -46.29 25.97 8.61
CA GLU B 317 -47.07 25.10 7.76
C GLU B 317 -46.49 25.07 6.35
N LYS B 318 -46.58 23.89 5.73
CA LYS B 318 -45.95 23.70 4.42
C LYS B 318 -46.51 24.67 3.39
N ASN B 319 -47.80 24.98 3.46
CA ASN B 319 -48.43 25.81 2.45
C ASN B 319 -47.99 27.28 2.52
N ARG B 320 -47.27 27.69 3.58
CA ARG B 320 -46.78 29.06 3.69
C ARG B 320 -45.32 29.17 3.30
N ILE B 321 -44.79 28.19 2.56
CA ILE B 321 -43.37 28.21 2.22
C ILE B 321 -43.07 29.37 1.28
N ASP B 322 -43.90 29.55 0.26
CA ASP B 322 -43.68 30.67 -0.66
C ASP B 322 -43.84 32.00 0.05
N GLU B 323 -44.82 32.10 0.93
CA GLU B 323 -45.00 33.31 1.73
C GLU B 323 -43.70 33.69 2.45
N VAL B 324 -43.13 32.73 3.18
CA VAL B 324 -41.90 32.98 3.92
C VAL B 324 -40.78 33.34 2.98
N LEU B 325 -40.64 32.60 1.88
CA LEU B 325 -39.55 32.86 0.95
C LEU B 325 -39.66 34.25 0.35
N GLY B 326 -40.89 34.68 0.07
CA GLY B 326 -41.09 36.04 -0.43
C GLY B 326 -40.62 37.09 0.56
N ILE B 327 -40.86 36.85 1.85
CA ILE B 327 -40.46 37.82 2.87
C ILE B 327 -38.95 37.98 2.89
N ILE B 328 -38.22 36.87 2.75
CA ILE B 328 -36.77 36.93 2.92
C ILE B 328 -36.07 37.41 1.64
N ASN B 329 -36.51 36.93 0.47
CA ASN B 329 -36.00 37.49 -0.77
C ASN B 329 -36.29 38.97 -0.89
N GLY B 330 -37.32 39.46 -0.20
CA GLY B 330 -37.58 40.88 -0.11
C GLY B 330 -36.41 41.64 0.47
N TYR B 331 -36.01 41.29 1.69
CA TYR B 331 -34.87 41.95 2.31
C TYR B 331 -33.59 41.68 1.51
N LEU B 332 -33.45 40.47 0.98
CA LEU B 332 -32.26 40.11 0.22
C LEU B 332 -32.15 40.88 -1.09
N ALA B 333 -33.26 41.46 -1.56
CA ALA B 333 -33.25 42.21 -2.81
C ALA B 333 -32.65 43.60 -2.64
N SER B 334 -32.57 44.11 -1.42
CA SER B 334 -31.99 45.43 -1.17
C SER B 334 -30.50 45.37 -0.85
N LEU B 335 -29.84 44.25 -1.14
CA LEU B 335 -28.40 44.16 -0.96
C LEU B 335 -27.67 44.67 -2.20
N HIS C 20 20.92 -28.44 2.38
CA HIS C 20 20.54 -27.12 2.85
C HIS C 20 20.39 -27.09 4.37
N MET C 21 21.46 -26.71 5.07
CA MET C 21 21.47 -26.64 6.52
C MET C 21 21.55 -25.19 6.98
N LEU C 22 20.63 -24.80 7.85
CA LEU C 22 20.53 -23.43 8.33
C LEU C 22 21.07 -23.30 9.75
N VAL C 23 21.76 -22.19 10.01
CA VAL C 23 22.39 -21.91 11.31
C VAL C 23 21.99 -20.51 11.73
N ILE C 24 20.99 -20.41 12.62
CA ILE C 24 20.60 -19.13 13.23
C ILE C 24 21.44 -18.92 14.48
N HIS C 25 21.94 -17.69 14.67
CA HIS C 25 22.87 -17.44 15.76
C HIS C 25 22.80 -16.00 16.23
N HIS C 26 23.20 -15.78 17.48
CA HIS C 26 23.33 -14.44 18.06
C HIS C 26 24.28 -13.58 17.24
N TRP C 27 24.17 -12.26 17.42
CA TRP C 27 24.85 -11.29 16.60
C TRP C 27 26.17 -10.80 17.19
N ASP C 28 26.54 -11.26 18.39
CA ASP C 28 27.75 -10.82 19.07
C ASP C 28 28.86 -11.85 18.85
N THR C 29 30.05 -11.55 19.40
CA THR C 29 31.19 -12.46 19.22
C THR C 29 30.87 -13.86 19.71
N ASP C 30 30.16 -13.97 20.84
CA ASP C 30 29.80 -15.28 21.36
C ASP C 30 28.96 -16.06 20.36
N GLY C 31 28.01 -15.39 19.69
CA GLY C 31 27.17 -16.08 18.75
C GLY C 31 27.82 -16.36 17.42
N ILE C 32 28.71 -15.47 16.95
CA ILE C 32 29.35 -15.67 15.66
C ILE C 32 30.39 -16.78 15.75
N THR C 33 31.17 -16.82 16.84
CA THR C 33 32.11 -17.93 17.03
C THR C 33 31.39 -19.25 17.25
N SER C 34 30.27 -19.23 17.97
CA SER C 34 29.47 -20.45 18.13
C SER C 34 28.99 -20.97 16.79
N ALA C 35 28.61 -20.07 15.88
CA ALA C 35 28.20 -20.49 14.54
C ALA C 35 29.37 -21.09 13.76
N ALA C 36 30.54 -20.44 13.81
CA ALA C 36 31.70 -20.96 13.10
C ALA C 36 32.11 -22.33 13.63
N LEU C 37 32.12 -22.49 14.96
CA LEU C 37 32.43 -23.79 15.55
C LEU C 37 31.46 -24.86 15.08
N THR C 38 30.17 -24.53 15.03
CA THR C 38 29.16 -25.49 14.61
C THR C 38 29.29 -25.86 13.14
N ILE C 39 29.60 -24.89 12.29
CA ILE C 39 29.74 -25.15 10.86
C ILE C 39 30.91 -26.07 10.60
N LYS C 40 32.03 -25.87 11.31
CA LYS C 40 33.19 -26.73 11.12
C LYS C 40 32.94 -28.13 11.67
N ALA C 41 32.38 -28.21 12.88
CA ALA C 41 32.18 -29.51 13.53
C ALA C 41 31.28 -30.42 12.72
N LEU C 42 30.33 -29.86 11.98
CA LEU C 42 29.41 -30.64 11.17
C LEU C 42 29.96 -30.97 9.79
N GLY C 43 31.14 -30.46 9.45
CA GLY C 43 31.71 -30.69 8.14
C GLY C 43 30.86 -30.17 7.00
N LEU C 44 30.19 -29.04 7.21
CA LEU C 44 29.27 -28.50 6.23
C LEU C 44 30.02 -27.85 5.07
N ASP C 45 29.63 -28.20 3.84
CA ASP C 45 30.12 -27.53 2.65
C ASP C 45 29.06 -26.66 2.00
N ASP C 46 27.84 -26.63 2.56
CA ASP C 46 26.74 -25.86 1.99
C ASP C 46 25.81 -25.50 3.16
N PHE C 47 25.92 -24.29 3.65
CA PHE C 47 25.18 -23.86 4.83
C PHE C 47 24.65 -22.45 4.61
N ILE C 48 23.61 -22.11 5.37
CA ILE C 48 23.08 -20.76 5.45
C ILE C 48 23.12 -20.33 6.91
N ASN C 49 23.83 -19.24 7.19
CA ASN C 49 23.91 -18.68 8.53
C ASN C 49 23.26 -17.31 8.51
N ILE C 50 22.37 -17.07 9.47
CA ILE C 50 21.61 -15.82 9.55
C ILE C 50 21.54 -15.39 11.01
N VAL C 51 21.15 -14.14 11.21
CA VAL C 51 20.91 -13.60 12.56
C VAL C 51 19.51 -12.99 12.61
N PRO C 52 18.85 -13.00 13.76
CA PRO C 52 17.61 -12.25 13.90
C PRO C 52 17.91 -10.77 13.91
N PRO C 53 16.90 -9.91 13.78
CA PRO C 53 17.17 -8.47 13.80
C PRO C 53 17.85 -8.09 15.12
N ILE C 54 18.91 -7.29 15.02
CA ILE C 54 19.70 -6.94 16.20
C ILE C 54 18.81 -6.28 17.24
N GLY C 55 18.89 -6.77 18.47
CA GLY C 55 18.18 -6.17 19.58
C GLY C 55 16.68 -6.33 19.57
N GLU C 56 16.16 -7.22 18.72
CA GLU C 56 14.73 -7.47 18.67
C GLU C 56 14.32 -8.74 19.39
N PHE C 57 15.22 -9.72 19.47
CA PHE C 57 14.98 -10.93 20.25
C PHE C 57 13.68 -11.60 19.82
N ARG C 58 13.56 -11.81 18.52
CA ARG C 58 12.39 -12.45 17.94
C ARG C 58 12.71 -12.81 16.50
N PHE C 59 12.07 -13.87 16.01
CA PHE C 59 12.19 -14.24 14.61
C PHE C 59 11.28 -13.34 13.78
N ASP C 60 11.84 -12.74 12.74
CA ASP C 60 11.08 -11.90 11.82
C ASP C 60 10.73 -12.69 10.57
N GLY C 61 10.19 -12.00 9.58
CA GLY C 61 9.84 -12.66 8.33
C GLY C 61 11.02 -13.38 7.69
N ARG C 62 12.18 -12.73 7.67
CA ARG C 62 13.34 -13.31 7.00
C ARG C 62 13.74 -14.64 7.64
N VAL C 63 13.83 -14.67 8.98
CA VAL C 63 14.24 -15.89 9.67
C VAL C 63 13.22 -17.00 9.44
N LYS C 64 11.94 -16.68 9.54
CA LYS C 64 10.89 -17.69 9.43
C LYS C 64 10.84 -18.32 8.05
N LYS C 65 11.21 -17.57 7.00
CA LYS C 65 11.22 -18.14 5.66
C LYS C 65 12.38 -19.11 5.49
N HIS C 66 13.57 -18.74 5.98
CA HIS C 66 14.72 -19.63 5.91
C HIS C 66 14.45 -20.95 6.62
N ILE C 67 13.72 -20.92 7.74
CA ILE C 67 13.45 -22.12 8.51
C ILE C 67 12.60 -23.09 7.69
N GLU C 68 11.59 -22.56 6.97
CA GLU C 68 10.72 -23.42 6.19
C GLU C 68 11.46 -24.05 5.02
N GLU C 69 12.41 -23.33 4.42
CA GLU C 69 13.16 -23.85 3.28
C GLU C 69 14.23 -24.85 3.70
N ALA C 70 14.86 -24.63 4.84
CA ALA C 70 15.94 -25.48 5.28
C ALA C 70 15.43 -26.84 5.73
N GLU C 71 16.35 -27.82 5.76
CA GLU C 71 16.03 -29.17 6.21
C GLU C 71 16.27 -29.33 7.71
N LYS C 72 17.45 -28.94 8.19
CA LYS C 72 17.77 -28.95 9.61
C LYS C 72 18.19 -27.55 10.03
N VAL C 73 17.90 -27.22 11.29
CA VAL C 73 18.13 -25.88 11.81
C VAL C 73 18.96 -25.97 13.09
N TYR C 74 19.94 -25.09 13.20
CA TYR C 74 20.72 -24.92 14.42
C TYR C 74 20.52 -23.50 14.93
N ILE C 75 20.09 -23.37 16.19
CA ILE C 75 19.89 -22.08 16.84
C ILE C 75 20.85 -21.98 18.03
N LEU C 76 21.67 -20.92 18.05
CA LEU C 76 22.83 -20.81 18.91
C LEU C 76 22.84 -19.48 19.64
N ASP C 77 22.99 -19.53 20.98
CA ASP C 77 23.17 -18.35 21.83
C ASP C 77 22.01 -17.36 21.65
N LEU C 78 20.81 -17.87 21.50
CA LEU C 78 19.62 -17.05 21.27
C LEU C 78 18.59 -17.37 22.34
N ASN C 79 18.59 -16.58 23.41
CA ASN C 79 17.66 -16.76 24.52
C ASN C 79 16.24 -16.39 24.12
N LEU C 80 15.61 -17.21 23.28
CA LEU C 80 14.24 -16.96 22.84
C LEU C 80 13.52 -18.29 22.60
N PRO C 81 13.25 -19.04 23.66
CA PRO C 81 12.60 -20.36 23.50
C PRO C 81 11.19 -20.26 22.95
N GLN C 82 10.49 -19.16 23.20
CA GLN C 82 9.11 -19.02 22.74
C GLN C 82 9.02 -19.07 21.23
N GLU C 83 10.01 -18.51 20.53
CA GLU C 83 10.02 -18.59 19.07
C GLU C 83 10.42 -19.97 18.59
N VAL C 84 11.32 -20.63 19.32
CA VAL C 84 11.72 -21.99 18.97
C VAL C 84 10.57 -22.96 19.18
N GLU C 85 9.65 -22.64 20.09
CA GLU C 85 8.56 -23.56 20.43
C GLU C 85 7.67 -23.84 19.22
N ASP C 86 7.57 -22.89 18.28
CA ASP C 86 6.69 -23.01 17.13
C ASP C 86 7.40 -23.57 15.90
N VAL C 87 8.70 -23.85 15.98
CA VAL C 87 9.46 -24.30 14.82
C VAL C 87 9.06 -25.73 14.47
N GLU C 88 8.73 -25.95 13.20
CA GLU C 88 8.33 -27.26 12.70
C GLU C 88 9.44 -27.95 11.91
N LYS C 89 10.70 -27.77 12.30
CA LYS C 89 11.82 -28.44 11.65
C LYS C 89 12.64 -29.19 12.70
N ASP C 90 13.49 -30.11 12.22
CA ASP C 90 14.42 -30.79 13.09
C ASP C 90 15.46 -29.78 13.56
N THR C 91 15.50 -29.51 14.86
CA THR C 91 16.22 -28.37 15.40
C THR C 91 17.06 -28.77 16.60
N VAL C 92 18.31 -28.29 16.62
CA VAL C 92 19.18 -28.41 17.78
C VAL C 92 19.42 -27.00 18.33
N PHE C 93 19.01 -26.77 19.57
CA PHE C 93 19.03 -25.46 20.19
C PHE C 93 20.04 -25.46 21.31
N ILE C 94 21.19 -24.81 21.08
CA ILE C 94 22.30 -24.75 22.04
C ILE C 94 22.40 -23.33 22.57
N ASP C 95 22.44 -23.19 23.90
CA ASP C 95 22.43 -21.89 24.55
C ASP C 95 22.93 -22.05 25.98
N HIS C 96 23.34 -20.93 26.58
CA HIS C 96 23.78 -20.90 27.97
C HIS C 96 23.02 -19.88 28.82
N HIS C 97 22.00 -19.24 28.28
CA HIS C 97 21.20 -18.33 29.09
C HIS C 97 20.24 -19.11 29.97
N LEU C 98 19.79 -18.47 31.04
CA LEU C 98 18.77 -19.07 31.90
C LEU C 98 17.42 -18.97 31.20
N GLN C 99 16.83 -20.13 30.91
CA GLN C 99 15.66 -20.18 30.03
C GLN C 99 14.74 -21.31 30.48
N LYS C 100 13.59 -21.40 29.82
CA LYS C 100 12.56 -22.37 30.12
C LYS C 100 12.72 -23.61 29.25
N LYS C 101 12.44 -24.78 29.83
CA LYS C 101 12.53 -26.02 29.08
C LYS C 101 11.60 -26.02 27.87
N ILE C 102 12.14 -26.42 26.72
CA ILE C 102 11.38 -26.44 25.47
C ILE C 102 10.60 -27.75 25.37
N LYS C 103 9.30 -27.62 25.09
CA LYS C 103 8.41 -28.77 25.01
C LYS C 103 8.37 -29.41 23.62
N ASN C 104 8.61 -28.62 22.57
CA ASN C 104 8.59 -29.07 21.19
C ASN C 104 9.48 -30.32 21.01
N PRO C 105 8.93 -31.45 20.57
CA PRO C 105 9.75 -32.66 20.42
C PRO C 105 10.74 -32.59 19.28
N LYS C 106 10.48 -31.77 18.25
CA LYS C 106 11.41 -31.61 17.15
C LYS C 106 12.67 -30.84 17.56
N VAL C 107 12.67 -30.20 18.72
CA VAL C 107 13.81 -29.43 19.21
C VAL C 107 14.57 -30.25 20.23
N ARG C 108 15.90 -30.31 20.07
CA ARG C 108 16.78 -30.92 21.05
C ARG C 108 17.48 -29.79 21.78
N GLN C 109 17.05 -29.51 23.00
CA GLN C 109 17.61 -28.42 23.78
C GLN C 109 18.91 -28.86 24.45
N VAL C 110 19.95 -28.04 24.31
CA VAL C 110 21.26 -28.29 24.90
C VAL C 110 21.62 -27.05 25.71
N ASN C 111 21.43 -27.11 27.02
CA ASN C 111 21.74 -25.99 27.90
C ASN C 111 22.32 -26.51 29.21
N PRO C 112 23.58 -26.18 29.52
CA PRO C 112 24.20 -26.72 30.74
C PRO C 112 23.78 -25.99 32.00
N ILE C 113 22.63 -25.34 31.96
CA ILE C 113 21.99 -24.79 33.14
C ILE C 113 20.72 -25.59 33.47
N LEU C 114 19.87 -25.79 32.48
CA LEU C 114 18.76 -26.73 32.65
C LEU C 114 19.27 -28.11 33.02
N GLU C 115 20.29 -28.60 32.32
CA GLU C 115 20.86 -29.92 32.61
C GLU C 115 21.54 -30.00 33.97
N ARG C 116 21.46 -28.95 34.79
CA ARG C 116 21.87 -28.87 36.18
C ARG C 116 23.38 -28.70 36.33
N MET C 117 24.17 -28.92 35.29
CA MET C 117 25.62 -28.78 35.38
C MET C 117 26.00 -27.34 35.71
N ASN C 118 27.23 -27.17 36.18
CA ASN C 118 27.69 -25.87 36.64
C ASN C 118 27.75 -24.89 35.47
N GLY C 119 27.18 -23.71 35.68
CA GLY C 119 27.24 -22.66 34.67
C GLY C 119 28.49 -21.82 34.68
N LYS C 120 29.35 -22.00 35.70
CA LYS C 120 30.67 -21.39 35.69
C LYS C 120 31.63 -22.16 34.80
N GLU C 121 31.37 -23.44 34.59
CA GLU C 121 32.13 -24.20 33.60
C GLU C 121 31.79 -23.77 32.18
N PHE C 122 30.67 -23.07 31.99
CA PHE C 122 30.18 -22.67 30.66
C PHE C 122 29.96 -21.17 30.65
N PRO C 123 31.02 -20.37 30.50
CA PRO C 123 30.84 -18.91 30.53
C PRO C 123 30.17 -18.35 29.28
N SER C 124 30.22 -19.09 28.17
CA SER C 124 29.68 -18.62 26.91
C SER C 124 29.08 -19.80 26.16
N ALA C 125 28.20 -19.48 25.21
CA ALA C 125 27.66 -20.53 24.34
C ALA C 125 28.76 -21.21 23.55
N SER C 126 29.83 -20.48 23.23
CA SER C 126 30.96 -21.07 22.51
C SER C 126 31.57 -22.24 23.27
N PHE C 127 31.65 -22.11 24.60
CA PHE C 127 32.12 -23.24 25.41
C PHE C 127 31.12 -24.39 25.38
N VAL C 128 29.81 -24.07 25.38
CA VAL C 128 28.79 -25.11 25.28
C VAL C 128 28.89 -25.82 23.94
N VAL C 129 29.07 -25.06 22.86
CA VAL C 129 29.19 -25.66 21.54
C VAL C 129 30.44 -26.55 21.48
N SER C 130 31.57 -26.03 21.96
CA SER C 130 32.81 -26.79 21.95
C SER C 130 32.65 -28.10 22.73
N ASN C 131 32.10 -28.02 23.95
CA ASN C 131 31.88 -29.23 24.72
C ASN C 131 30.89 -30.15 24.03
N HIS C 132 29.90 -29.58 23.35
CA HIS C 132 28.92 -30.41 22.63
C HIS C 132 29.59 -31.21 21.53
N PHE C 133 30.46 -30.58 20.75
CA PHE C 133 31.11 -31.22 19.61
C PHE C 133 32.50 -31.76 19.92
N SER C 134 33.03 -31.49 21.11
CA SER C 134 34.42 -31.81 21.46
C SER C 134 35.38 -31.21 20.44
N LEU C 135 35.17 -29.93 20.13
CA LEU C 135 36.03 -29.16 19.22
C LEU C 135 36.41 -27.86 19.93
N TRP C 136 37.67 -27.77 20.39
CA TRP C 136 38.16 -26.67 21.19
C TRP C 136 39.28 -25.95 20.44
N ASN C 137 39.07 -24.70 20.10
CA ASN C 137 40.09 -23.87 19.48
C ASN C 137 39.95 -22.44 19.98
N SER C 138 40.61 -21.51 19.29
CA SER C 138 40.60 -20.13 19.76
C SER C 138 39.23 -19.48 19.64
N TRP C 139 38.40 -19.93 18.70
CA TRP C 139 37.03 -19.42 18.63
C TRP C 139 36.28 -19.68 19.93
N SER C 140 36.55 -20.82 20.56
CA SER C 140 35.97 -21.09 21.87
C SER C 140 36.33 -20.00 22.86
N SER C 141 37.59 -19.56 22.86
CA SER C 141 38.01 -18.51 23.77
C SER C 141 37.32 -17.19 23.44
N LEU C 142 37.28 -16.82 22.15
CA LEU C 142 36.66 -15.56 21.75
C LEU C 142 35.24 -15.45 22.29
N GLY C 143 34.46 -16.51 22.15
CA GLY C 143 33.11 -16.50 22.71
C GLY C 143 33.13 -16.22 24.20
N ALA C 144 34.03 -16.88 24.93
CA ALA C 144 34.13 -16.66 26.37
C ALA C 144 34.54 -15.23 26.67
N VAL C 145 35.49 -14.69 25.91
CA VAL C 145 35.89 -13.29 26.10
C VAL C 145 34.75 -12.36 25.70
N GLY C 146 33.95 -12.74 24.71
CA GLY C 146 32.86 -11.90 24.25
C GLY C 146 31.67 -11.83 25.20
N ASP C 147 31.57 -12.74 26.17
CA ASP C 147 30.45 -12.72 27.10
C ASP C 147 30.82 -12.27 28.50
N ILE C 148 32.02 -12.62 28.98
CA ILE C 148 32.36 -12.31 30.37
C ILE C 148 33.65 -11.51 30.41
N GLY C 149 34.14 -11.10 29.24
CA GLY C 149 35.25 -10.13 29.19
C GLY C 149 36.54 -10.70 29.74
N ASN C 150 37.21 -9.90 30.59
CA ASN C 150 38.50 -10.29 31.12
C ASN C 150 38.43 -11.51 32.01
N LYS C 151 37.26 -11.81 32.58
CA LYS C 151 37.13 -12.92 33.51
C LYS C 151 37.31 -14.28 32.82
N ALA C 152 37.15 -14.33 31.50
CA ALA C 152 37.38 -15.59 30.79
C ALA C 152 38.81 -16.06 30.94
N PHE C 153 39.76 -15.14 31.09
CA PHE C 153 41.16 -15.52 31.20
C PHE C 153 41.47 -16.21 32.52
N GLU C 154 40.61 -16.04 33.53
CA GLU C 154 40.75 -16.78 34.79
C GLU C 154 40.40 -18.26 34.62
N ILE C 155 39.90 -18.67 33.47
CA ILE C 155 39.79 -20.08 33.11
C ILE C 155 41.06 -20.45 32.32
N PRO C 156 41.82 -21.43 32.77
CA PRO C 156 43.06 -21.75 32.06
C PRO C 156 42.83 -22.20 30.63
N LYS C 157 41.68 -22.79 30.32
CA LYS C 157 41.41 -23.25 28.96
C LYS C 157 41.41 -22.09 27.97
N THR C 158 41.00 -20.90 28.42
CA THR C 158 40.90 -19.75 27.52
C THR C 158 42.25 -19.34 26.97
N LEU C 159 43.18 -18.98 27.86
CA LEU C 159 44.51 -18.57 27.42
C LEU C 159 45.21 -19.67 26.65
N GLU C 160 45.07 -20.92 27.11
CA GLU C 160 45.73 -22.04 26.44
C GLU C 160 45.31 -22.15 24.99
N LEU C 161 44.01 -22.03 24.70
CA LEU C 161 43.55 -22.14 23.32
C LEU C 161 44.01 -20.95 22.50
N LEU C 162 43.97 -19.75 23.10
CA LEU C 162 44.51 -18.56 22.45
C LEU C 162 46.00 -18.69 22.20
N LYS C 163 46.69 -19.45 23.04
CA LYS C 163 48.15 -19.58 22.94
C LYS C 163 48.55 -20.26 21.64
N THR C 164 47.82 -21.31 21.25
CA THR C 164 48.12 -22.02 20.01
C THR C 164 48.12 -21.07 18.81
N GLU C 165 47.19 -20.13 18.77
CA GLU C 165 47.16 -19.15 17.69
C GLU C 165 48.09 -17.97 17.95
N GLY C 166 48.89 -18.02 19.01
CA GLY C 166 49.79 -16.93 19.35
C GLY C 166 49.10 -15.58 19.51
N LEU C 167 48.12 -15.53 20.40
CA LEU C 167 47.33 -14.32 20.65
C LEU C 167 47.47 -13.91 22.09
N THR C 168 47.56 -12.60 22.33
CA THR C 168 47.65 -12.09 23.68
C THR C 168 46.26 -11.87 24.25
N LYS C 169 46.21 -11.58 25.55
CA LYS C 169 44.97 -11.15 26.19
C LYS C 169 44.36 -9.98 25.45
N ASN C 170 45.15 -8.92 25.22
CA ASN C 170 44.64 -7.73 24.55
C ASN C 170 44.17 -8.04 23.15
N GLU C 171 44.89 -8.93 22.46
CA GLU C 171 44.55 -9.25 21.08
C GLU C 171 43.17 -9.89 20.97
N ALA C 172 42.80 -10.72 21.95
CA ALA C 172 41.47 -11.31 21.95
C ALA C 172 40.41 -10.30 22.33
N LEU C 173 40.69 -9.44 23.32
CA LEU C 173 39.76 -8.38 23.67
C LEU C 173 39.52 -7.43 22.51
N LYS C 174 40.59 -7.13 21.75
CA LYS C 174 40.45 -6.29 20.55
C LYS C 174 39.63 -7.00 19.48
N LEU C 175 39.81 -8.31 19.33
CA LEU C 175 39.03 -9.03 18.32
C LEU C 175 37.55 -9.03 18.67
N VAL C 176 37.21 -9.08 19.96
CA VAL C 176 35.81 -9.03 20.35
C VAL C 176 35.20 -7.69 19.98
N GLN C 177 35.94 -6.61 20.22
CA GLN C 177 35.47 -5.29 19.81
C GLN C 177 35.26 -5.20 18.30
N LEU C 178 36.20 -5.73 17.52
CA LEU C 178 36.08 -5.66 16.06
C LEU C 178 34.86 -6.43 15.58
N ILE C 179 34.67 -7.66 16.06
CA ILE C 179 33.55 -8.47 15.61
C ILE C 179 32.24 -7.87 16.09
N ASP C 180 32.20 -7.42 17.36
CA ASP C 180 30.99 -6.83 17.90
C ASP C 180 30.60 -5.56 17.14
N SER C 181 31.59 -4.85 16.58
CA SER C 181 31.32 -3.62 15.85
C SER C 181 30.26 -3.82 14.76
N ASN C 182 30.16 -5.04 14.21
CA ASN C 182 29.18 -5.28 13.15
C ASN C 182 27.76 -5.19 13.67
N TYR C 183 27.44 -5.89 14.75
CA TYR C 183 26.07 -5.81 15.26
C TYR C 183 25.80 -4.45 15.90
N ILE C 184 26.80 -3.82 16.50
CA ILE C 184 26.59 -2.51 17.09
C ILE C 184 26.17 -1.50 16.03
N THR C 185 26.78 -1.58 14.86
CA THR C 185 26.42 -0.69 13.76
C THR C 185 25.14 -1.13 13.04
N MET C 186 24.46 -2.16 13.54
CA MET C 186 23.18 -2.63 13.01
C MET C 186 23.34 -3.24 11.61
N ASP C 187 24.44 -3.96 11.38
CA ASP C 187 24.72 -4.56 10.06
C ASP C 187 24.44 -6.06 10.11
N ARG C 188 23.21 -6.45 9.74
CA ARG C 188 22.87 -7.87 9.74
C ARG C 188 23.75 -8.65 8.76
N SER C 189 24.02 -8.07 7.59
CA SER C 189 24.81 -8.76 6.58
C SER C 189 26.27 -8.88 7.00
N ALA C 190 26.84 -7.80 7.56
CA ALA C 190 28.22 -7.86 8.01
C ALA C 190 28.39 -8.77 9.21
N ALA C 191 27.39 -8.80 10.11
CA ALA C 191 27.45 -9.72 11.24
C ALA C 191 27.36 -11.16 10.77
N GLU C 192 26.54 -11.43 9.76
CA GLU C 192 26.47 -12.78 9.21
C GLU C 192 27.74 -13.15 8.48
N LYS C 193 28.28 -12.23 7.68
CA LYS C 193 29.50 -12.52 6.94
C LYS C 193 30.68 -12.75 7.87
N ALA C 194 30.62 -12.20 9.09
CA ALA C 194 31.69 -12.40 10.05
C ALA C 194 31.92 -13.89 10.32
N VAL C 195 30.87 -14.71 10.19
CA VAL C 195 31.05 -16.15 10.38
C VAL C 195 31.94 -16.72 9.29
N GLU C 196 31.74 -16.28 8.04
CA GLU C 196 32.61 -16.74 6.96
C GLU C 196 34.03 -16.25 7.16
N LEU C 197 34.22 -15.02 7.63
CA LEU C 197 35.57 -14.48 7.81
C LEU C 197 36.31 -15.21 8.93
N VAL C 198 35.63 -15.52 10.02
CA VAL C 198 36.27 -16.28 11.10
C VAL C 198 36.58 -17.69 10.63
N LEU C 199 35.70 -18.27 9.82
CA LEU C 199 35.92 -19.62 9.32
C LEU C 199 37.10 -19.69 8.36
N ASN C 200 37.30 -18.64 7.56
CA ASN C 200 38.21 -18.72 6.42
C ASN C 200 39.48 -17.91 6.59
N ARG C 201 39.69 -17.26 7.74
CA ARG C 201 40.88 -16.45 7.94
C ARG C 201 41.40 -16.61 9.36
N PRO C 202 42.71 -16.65 9.55
CA PRO C 202 43.28 -16.68 10.91
C PRO C 202 42.85 -15.46 11.70
N LEU C 203 42.66 -15.65 13.01
CA LEU C 203 42.23 -14.55 13.86
C LEU C 203 43.19 -13.37 13.80
N LYS C 204 44.49 -13.64 13.80
CA LYS C 204 45.47 -12.56 13.78
C LYS C 204 45.40 -11.75 12.48
N GLU C 205 44.89 -12.36 11.39
CA GLU C 205 44.59 -11.60 10.18
C GLU C 205 43.42 -10.66 10.40
N LEU C 206 42.38 -11.13 11.09
CA LEU C 206 41.19 -10.32 11.29
C LEU C 206 41.46 -9.09 12.15
N LEU C 207 42.56 -9.12 12.93
CA LEU C 207 42.97 -7.94 13.66
C LEU C 207 43.33 -6.78 12.75
N GLU C 208 43.59 -7.04 11.47
CA GLU C 208 43.90 -6.03 10.48
C GLU C 208 42.74 -5.68 9.57
N TYR C 209 41.64 -6.43 9.65
CA TYR C 209 40.50 -6.28 8.74
C TYR C 209 39.94 -4.86 8.74
N GLU C 210 40.14 -4.12 7.64
CA GLU C 210 39.77 -2.71 7.61
C GLU C 210 38.29 -2.45 7.80
N PRO C 211 37.36 -3.19 7.19
CA PRO C 211 35.93 -2.88 7.41
C PRO C 211 35.54 -2.90 8.87
N TRP C 212 36.04 -3.87 9.64
CA TRP C 212 35.75 -3.88 11.07
C TRP C 212 36.40 -2.70 11.77
N ILE C 213 37.64 -2.38 11.41
CA ILE C 213 38.34 -1.26 12.04
C ILE C 213 37.57 0.04 11.82
N LYS C 214 37.05 0.25 10.62
CA LYS C 214 36.31 1.47 10.33
C LYS C 214 35.06 1.58 11.19
N ASN C 215 34.38 0.45 11.43
CA ASN C 215 33.20 0.47 12.29
C ASN C 215 33.56 0.86 13.72
N LEU C 216 34.65 0.31 14.24
CA LEU C 216 34.96 0.46 15.67
C LEU C 216 35.36 1.88 16.01
N GLU C 217 36.07 2.56 15.10
CA GLU C 217 36.46 3.95 15.34
C GLU C 217 35.24 4.83 15.57
N GLU C 218 34.19 4.64 14.77
CA GLU C 218 32.98 5.44 14.91
C GLU C 218 32.19 5.08 16.16
N ILE C 219 32.36 3.86 16.68
CA ILE C 219 31.58 3.41 17.83
C ILE C 219 32.19 3.93 19.13
N GLU C 220 33.52 3.91 19.25
CA GLU C 220 34.14 4.45 20.45
C GLU C 220 33.87 5.94 20.59
N ARG C 221 33.86 6.67 19.47
CA ARG C 221 33.62 8.11 19.51
C ARG C 221 32.23 8.41 20.05
N THR C 222 31.22 7.64 19.65
CA THR C 222 29.87 7.87 20.15
C THR C 222 29.64 7.31 21.54
N ILE C 223 30.47 6.35 21.98
CA ILE C 223 30.33 5.83 23.35
C ILE C 223 30.81 6.86 24.37
N LYS C 224 31.89 7.59 24.05
CA LYS C 224 32.37 8.62 24.95
C LYS C 224 31.30 9.68 25.24
N ASP C 225 30.47 9.99 24.26
CA ASP C 225 29.41 10.97 24.47
C ASP C 225 28.40 10.47 25.50
N VAL C 226 27.96 9.21 25.39
CA VAL C 226 26.98 8.67 26.32
C VAL C 226 27.54 8.58 27.73
N LEU C 227 28.82 8.20 27.85
CA LEU C 227 29.47 8.12 29.15
C LEU C 227 29.63 9.48 29.81
N SER C 228 29.56 10.56 29.02
CA SER C 228 29.69 11.90 29.59
C SER C 228 28.48 12.27 30.44
N GLY C 229 27.29 11.81 30.06
CA GLY C 229 26.09 12.16 30.78
C GLY C 229 25.58 11.05 31.67
N ILE C 230 26.40 10.59 32.62
CA ILE C 230 25.99 9.54 33.54
C ILE C 230 25.86 10.14 34.93
N GLU C 231 24.94 9.58 35.71
CA GLU C 231 24.76 9.97 37.10
C GLU C 231 24.78 8.71 37.95
N VAL C 232 24.80 8.91 39.27
CA VAL C 232 25.10 7.80 40.18
C VAL C 232 24.35 7.99 41.50
N LYS C 233 23.92 6.87 42.07
CA LYS C 233 23.25 6.83 43.37
C LYS C 233 23.48 5.45 43.96
N ASN C 234 23.87 5.40 45.24
CA ASN C 234 24.11 4.14 45.94
C ASN C 234 25.12 3.27 45.19
N ASP C 235 26.08 3.90 44.53
CA ASP C 235 27.09 3.23 43.71
C ASP C 235 26.46 2.44 42.56
N ILE C 236 25.29 2.90 42.10
CA ILE C 236 24.61 2.36 40.93
C ILE C 236 24.60 3.45 39.86
N ALA C 237 25.12 3.13 38.68
CA ALA C 237 25.19 4.08 37.59
C ALA C 237 23.87 4.09 36.82
N PHE C 238 23.31 5.28 36.65
CA PHE C 238 22.10 5.49 35.85
C PHE C 238 22.48 6.26 34.59
N ILE C 239 22.41 5.60 33.45
CA ILE C 239 22.88 6.14 32.18
C ILE C 239 21.69 6.17 31.23
N GLU C 240 21.28 7.37 30.83
CA GLU C 240 20.15 7.57 29.94
C GLU C 240 20.66 8.21 28.65
N TYR C 241 20.21 7.68 27.50
CA TYR C 241 20.66 8.17 26.21
C TYR C 241 19.65 7.75 25.15
N SER C 242 19.87 8.26 23.93
CA SER C 242 19.04 7.92 22.77
C SER C 242 19.93 7.73 21.55
N SER C 243 19.83 6.58 20.90
CA SER C 243 20.71 6.26 19.78
C SER C 243 20.20 5.05 19.00
N PRO C 244 20.47 4.99 17.69
CA PRO C 244 20.14 3.79 16.92
C PRO C 244 21.20 2.71 16.93
N PHE C 245 22.38 2.96 17.50
CA PHE C 245 23.38 1.93 17.68
C PHE C 245 23.01 1.02 18.85
N ASN C 246 23.35 -0.26 18.72
CA ASN C 246 23.11 -1.19 19.83
C ASN C 246 24.32 -1.22 20.77
N ILE C 247 24.59 -0.05 21.35
CA ILE C 247 25.70 0.12 22.28
C ILE C 247 25.31 -0.15 23.71
N ILE C 248 24.02 -0.39 23.99
CA ILE C 248 23.55 -0.50 25.36
C ILE C 248 24.27 -1.63 26.09
N SER C 249 24.67 -2.63 25.29
CA SER C 249 25.35 -3.87 25.73
C SER C 249 26.64 -3.40 26.41
N LYS C 250 27.51 -2.77 25.61
CA LYS C 250 28.82 -2.29 26.05
C LYS C 250 28.79 -1.22 27.13
N ILE C 251 27.79 -0.35 27.12
CA ILE C 251 27.69 0.70 28.14
C ILE C 251 27.49 0.08 29.52
N ALA C 252 26.59 -0.91 29.62
CA ALA C 252 26.34 -1.55 30.90
C ALA C 252 27.60 -2.21 31.44
N ARG C 253 28.39 -2.85 30.57
CA ARG C 253 29.65 -3.45 30.99
C ARG C 253 30.65 -2.38 31.39
N LYS C 254 30.81 -1.33 30.57
CA LYS C 254 31.76 -0.27 30.88
C LYS C 254 31.47 0.36 32.25
N ALA C 255 30.20 0.53 32.58
CA ALA C 255 29.85 1.17 33.85
C ALA C 255 30.20 0.29 35.03
N VAL C 256 30.02 -1.02 34.88
CA VAL C 256 30.28 -1.95 35.97
C VAL C 256 31.70 -2.54 35.90
N TRP C 257 32.11 -3.00 34.72
CA TRP C 257 33.38 -3.73 34.61
C TRP C 257 34.59 -2.80 34.66
N GLU C 258 34.53 -1.65 33.98
CA GLU C 258 35.66 -0.74 33.89
C GLU C 258 35.60 0.40 34.90
N MET C 259 34.49 1.13 34.93
CA MET C 259 34.38 2.24 35.87
C MET C 259 34.19 1.77 37.31
N GLY C 260 33.82 0.51 37.53
CA GLY C 260 33.81 -0.09 38.86
C GLY C 260 32.56 0.12 39.69
N TYR C 261 31.46 0.57 39.09
CA TYR C 261 30.22 0.73 39.86
C TYR C 261 29.59 -0.63 40.16
N ASN C 262 28.85 -0.69 41.26
CA ASN C 262 28.26 -1.96 41.68
C ASN C 262 27.11 -2.38 40.76
N GLY C 263 26.44 -1.42 40.11
CA GLY C 263 25.36 -1.73 39.21
C GLY C 263 25.20 -0.64 38.16
N ALA C 264 24.61 -1.02 37.04
CA ALA C 264 24.37 -0.11 35.94
C ALA C 264 22.95 -0.29 35.42
N VAL C 265 22.18 0.80 35.38
CA VAL C 265 20.89 0.82 34.71
C VAL C 265 21.04 1.71 33.48
N VAL C 266 21.04 1.11 32.30
CA VAL C 266 21.27 1.81 31.04
C VAL C 266 19.96 1.83 30.28
N LEU C 267 19.56 3.01 29.82
CA LEU C 267 18.29 3.20 29.12
C LEU C 267 18.54 3.86 27.78
N ASN C 268 18.11 3.22 26.70
CA ASN C 268 18.12 3.79 25.36
C ASN C 268 16.69 4.09 24.96
N ARG C 269 16.38 5.38 24.81
CA ARG C 269 15.00 5.81 24.66
C ARG C 269 14.46 5.72 23.24
N SER C 270 15.34 5.72 22.23
CA SER C 270 14.88 5.76 20.85
C SER C 270 15.68 4.76 20.02
N PHE C 271 15.61 3.49 20.42
CA PHE C 271 16.19 2.41 19.62
C PHE C 271 15.14 1.94 18.61
N HIS C 272 15.16 2.59 17.44
CA HIS C 272 14.35 2.21 16.28
C HIS C 272 12.87 2.06 16.67
N GLU C 273 12.29 3.18 17.09
CA GLU C 273 10.88 3.30 17.47
C GLU C 273 10.53 2.42 18.67
N LYS C 274 11.53 1.97 19.41
CA LYS C 274 11.31 1.19 20.63
C LYS C 274 12.32 1.60 21.67
N ALA C 275 12.01 1.27 22.92
CA ALA C 275 12.92 1.52 24.02
C ALA C 275 13.79 0.31 24.29
N GLN C 276 14.77 0.50 25.17
CA GLN C 276 15.81 -0.51 25.35
C GLN C 276 16.47 -0.22 26.69
N LEU C 277 16.36 -1.17 27.62
CA LEU C 277 16.90 -0.98 28.95
C LEU C 277 17.75 -2.18 29.34
N TYR C 278 18.87 -1.91 30.00
CA TYR C 278 19.78 -2.94 30.47
C TYR C 278 20.09 -2.70 31.93
N PHE C 279 20.12 -3.78 32.70
CA PHE C 279 20.40 -3.72 34.13
C PHE C 279 21.47 -4.76 34.45
N ARG C 280 22.71 -4.30 34.66
CA ARG C 280 23.81 -5.18 34.98
C ARG C 280 24.33 -4.86 36.37
N ILE C 281 24.64 -5.90 37.14
CA ILE C 281 25.19 -5.73 38.48
C ILE C 281 26.53 -6.43 38.56
N SER C 282 27.28 -6.08 39.60
CA SER C 282 28.55 -6.74 39.92
C SER C 282 28.30 -7.97 40.78
N PRO C 283 29.23 -8.91 40.78
CA PRO C 283 29.09 -10.08 41.66
C PRO C 283 28.88 -9.73 43.13
N ASP C 284 29.34 -8.56 43.57
CA ASP C 284 29.08 -8.14 44.95
C ASP C 284 27.58 -8.06 45.22
N LEU C 285 26.81 -7.52 44.28
CA LEU C 285 25.37 -7.42 44.40
C LEU C 285 24.64 -8.65 43.85
N LYS C 286 25.38 -9.68 43.44
CA LYS C 286 24.74 -10.82 42.77
C LYS C 286 23.85 -11.62 43.73
N GLU C 287 24.15 -11.58 45.03
CA GLU C 287 23.31 -12.25 46.01
C GLU C 287 22.15 -11.37 46.48
N LYS C 288 22.41 -10.08 46.70
CA LYS C 288 21.39 -9.18 47.21
C LYS C 288 20.26 -8.96 46.20
N ILE C 289 20.54 -9.11 44.90
CA ILE C 289 19.56 -8.85 43.85
C ILE C 289 19.21 -10.17 43.19
N ASP C 290 17.90 -10.41 43.04
CA ASP C 290 17.41 -11.57 42.28
C ASP C 290 17.18 -11.13 40.85
N MET C 291 18.20 -11.29 40.02
CA MET C 291 18.06 -10.91 38.62
C MET C 291 17.10 -11.82 37.87
N GLU C 292 16.98 -13.08 38.32
CA GLU C 292 16.07 -14.01 37.67
C GLU C 292 14.61 -13.62 37.90
N GLY C 293 14.25 -13.30 39.14
CA GLY C 293 12.89 -12.88 39.42
C GLY C 293 12.50 -11.64 38.66
N ILE C 294 13.42 -10.67 38.57
CA ILE C 294 13.11 -9.46 37.84
C ILE C 294 12.84 -9.78 36.37
N ILE C 295 13.51 -10.80 35.84
CA ILE C 295 13.23 -11.22 34.47
C ILE C 295 11.81 -11.78 34.39
N GLN C 296 11.48 -12.72 35.27
CA GLN C 296 10.15 -13.35 35.28
C GLN C 296 9.05 -12.30 35.44
N ILE C 297 9.22 -11.39 36.40
CA ILE C 297 8.23 -10.33 36.58
C ILE C 297 8.03 -9.56 35.28
N LEU C 298 9.14 -9.25 34.61
CA LEU C 298 9.04 -8.52 33.35
C LEU C 298 8.34 -9.34 32.28
N LYS C 299 8.68 -10.62 32.20
CA LYS C 299 8.06 -11.49 31.20
C LYS C 299 6.57 -11.64 31.45
N ASN C 300 6.19 -11.89 32.71
CA ASN C 300 4.78 -11.99 33.08
C ASN C 300 4.01 -10.75 32.65
N ARG C 301 4.60 -9.57 32.82
CA ARG C 301 4.03 -8.30 32.40
C ARG C 301 4.05 -8.11 30.90
N GLY C 302 4.43 -9.11 30.14
CA GLY C 302 4.40 -9.00 28.69
C GLY C 302 5.58 -8.31 28.07
N PHE C 303 6.66 -8.11 28.81
CA PHE C 303 7.87 -7.48 28.29
C PHE C 303 8.76 -8.50 27.62
N ASN C 304 9.45 -8.06 26.57
CA ASN C 304 10.47 -8.88 25.91
C ASN C 304 11.78 -8.69 26.68
N ALA C 305 11.90 -9.43 27.79
CA ALA C 305 13.03 -9.32 28.69
C ALA C 305 13.75 -10.66 28.81
N GLY C 306 15.07 -10.60 28.98
CA GLY C 306 15.87 -11.77 29.28
C GLY C 306 17.21 -11.37 29.86
N GLY C 307 17.96 -12.38 30.27
CA GLY C 307 19.31 -12.12 30.74
C GLY C 307 19.97 -13.27 31.48
N LYS C 308 20.75 -12.94 32.48
CA LYS C 308 21.49 -13.92 33.27
C LYS C 308 21.31 -13.56 34.74
N SER C 309 22.13 -14.16 35.61
CA SER C 309 22.07 -13.88 37.04
C SER C 309 22.72 -12.56 37.42
N GLU C 310 23.31 -11.84 36.46
CA GLU C 310 23.95 -10.57 36.74
C GLU C 310 23.63 -9.48 35.73
N VAL C 311 22.79 -9.76 34.73
CA VAL C 311 22.50 -8.80 33.68
C VAL C 311 21.06 -8.98 33.22
N LEU C 312 20.42 -7.88 32.90
CA LEU C 312 19.02 -7.85 32.48
C LEU C 312 18.91 -7.03 31.20
N GLY C 313 18.17 -7.53 30.23
CA GLY C 313 17.98 -6.81 28.98
C GLY C 313 16.52 -6.80 28.54
N ILE C 314 16.00 -5.64 28.17
CA ILE C 314 14.60 -5.50 27.77
C ILE C 314 14.52 -4.68 26.49
N ILE C 315 13.61 -5.07 25.60
CA ILE C 315 13.14 -4.19 24.54
C ILE C 315 11.62 -4.10 24.64
N PHE C 316 11.10 -2.89 24.50
CA PHE C 316 9.70 -2.64 24.85
C PHE C 316 9.24 -1.35 24.18
N GLU C 317 7.97 -1.03 24.38
CA GLU C 317 7.38 0.19 23.82
C GLU C 317 7.79 1.41 24.63
N LYS C 318 7.97 2.54 23.93
CA LYS C 318 8.48 3.74 24.58
C LYS C 318 7.59 4.20 25.73
N ASN C 319 6.27 4.01 25.60
CA ASN C 319 5.34 4.48 26.62
C ASN C 319 5.40 3.67 27.92
N ARG C 320 6.11 2.54 27.95
CA ARG C 320 6.28 1.78 29.18
C ARG C 320 7.63 2.05 29.83
N ILE C 321 8.27 3.17 29.49
CA ILE C 321 9.59 3.46 30.06
C ILE C 321 9.48 3.72 31.55
N ASP C 322 8.51 4.53 31.96
CA ASP C 322 8.34 4.80 33.39
C ASP C 322 7.97 3.54 34.14
N GLU C 323 7.09 2.71 33.56
CA GLU C 323 6.74 1.42 34.15
C GLU C 323 7.98 0.58 34.44
N VAL C 324 8.84 0.41 33.43
CA VAL C 324 10.05 -0.39 33.60
C VAL C 324 10.95 0.20 34.68
N LEU C 325 11.12 1.52 34.67
CA LEU C 325 11.97 2.16 35.64
C LEU C 325 11.44 1.97 37.06
N GLY C 326 10.12 2.08 37.23
CA GLY C 326 9.53 1.88 38.55
C GLY C 326 9.77 0.50 39.08
N ILE C 327 9.72 -0.52 38.22
CA ILE C 327 9.95 -1.90 38.63
C ILE C 327 11.37 -2.08 39.14
N ILE C 328 12.35 -1.49 38.45
CA ILE C 328 13.74 -1.74 38.80
C ILE C 328 14.17 -0.87 39.98
N ASN C 329 13.76 0.40 39.98
CA ASN C 329 14.02 1.21 41.16
C ASN C 329 13.37 0.62 42.41
N GLY C 330 12.31 -0.18 42.23
CA GLY C 330 11.71 -0.92 43.33
C GLY C 330 12.68 -1.82 44.06
N TYR C 331 13.30 -2.75 43.32
CA TYR C 331 14.28 -3.64 43.93
C TYR C 331 15.47 -2.85 44.47
N LEU C 332 15.88 -1.80 43.74
CA LEU C 332 17.02 -1.00 44.14
C LEU C 332 16.79 -0.22 45.44
N ALA C 333 15.53 -0.05 45.85
CA ALA C 333 15.22 0.71 47.05
C ALA C 333 15.48 -0.05 48.34
N SER C 334 15.58 -1.38 48.27
CA SER C 334 15.82 -2.20 49.44
C SER C 334 17.30 -2.46 49.69
N LEU C 335 18.19 -1.70 49.06
CA LEU C 335 19.62 -1.83 49.32
C LEU C 335 20.02 -1.01 50.54
N HIS D 20 -9.54 -9.53 0.68
CA HIS D 20 -10.10 -10.88 0.80
C HIS D 20 -10.55 -11.40 -0.55
N MET D 21 -10.40 -10.57 -1.58
CA MET D 21 -10.78 -10.91 -2.94
C MET D 21 -9.52 -11.03 -3.79
N LEU D 22 -9.35 -12.18 -4.44
CA LEU D 22 -8.18 -12.45 -5.26
C LEU D 22 -8.51 -12.33 -6.73
N VAL D 23 -7.57 -11.78 -7.50
CA VAL D 23 -7.75 -11.56 -8.93
C VAL D 23 -6.52 -12.09 -9.64
N ILE D 24 -6.58 -13.31 -10.15
CA ILE D 24 -5.54 -13.88 -11.00
C ILE D 24 -5.80 -13.47 -12.44
N HIS D 25 -4.76 -13.05 -13.14
CA HIS D 25 -4.93 -12.50 -14.48
C HIS D 25 -3.68 -12.75 -15.31
N HIS D 26 -3.88 -12.81 -16.63
CA HIS D 26 -2.78 -12.91 -17.59
C HIS D 26 -1.80 -11.76 -17.42
N TRP D 27 -0.58 -11.96 -17.92
CA TRP D 27 0.52 -11.05 -17.68
C TRP D 27 0.69 -10.01 -18.78
N ASP D 28 -0.14 -10.03 -19.80
CA ASP D 28 -0.03 -9.09 -20.90
C ASP D 28 -1.02 -7.95 -20.71
N THR D 29 -1.00 -6.99 -21.64
CA THR D 29 -1.90 -5.84 -21.55
C THR D 29 -3.35 -6.27 -21.46
N ASP D 30 -3.74 -7.29 -22.22
CA ASP D 30 -5.14 -7.74 -22.18
C ASP D 30 -5.52 -8.21 -20.79
N GLY D 31 -4.63 -8.96 -20.12
CA GLY D 31 -4.96 -9.44 -18.79
C GLY D 31 -4.86 -8.39 -17.71
N ILE D 32 -3.93 -7.44 -17.85
CA ILE D 32 -3.77 -6.39 -16.86
C ILE D 32 -4.93 -5.40 -16.91
N THR D 33 -5.36 -5.02 -18.12
CA THR D 33 -6.53 -4.14 -18.24
C THR D 33 -7.79 -4.87 -17.78
N SER D 34 -7.89 -6.16 -18.08
CA SER D 34 -9.01 -6.96 -17.59
C SER D 34 -9.07 -6.97 -16.08
N ALA D 35 -7.90 -7.06 -15.42
CA ALA D 35 -7.86 -7.04 -13.97
C ALA D 35 -8.31 -5.69 -13.43
N ALA D 36 -7.84 -4.60 -14.04
CA ALA D 36 -8.27 -3.28 -13.59
C ALA D 36 -9.76 -3.08 -13.76
N LEU D 37 -10.30 -3.50 -14.91
CA LEU D 37 -11.74 -3.41 -15.16
C LEU D 37 -12.52 -4.16 -14.09
N THR D 38 -12.07 -5.36 -13.73
CA THR D 38 -12.78 -6.16 -12.74
C THR D 38 -12.71 -5.53 -11.35
N ILE D 39 -11.55 -5.01 -10.97
CA ILE D 39 -11.41 -4.44 -9.63
C ILE D 39 -12.30 -3.21 -9.49
N LYS D 40 -12.38 -2.37 -10.52
CA LYS D 40 -13.25 -1.20 -10.48
C LYS D 40 -14.72 -1.59 -10.53
N ALA D 41 -15.07 -2.55 -11.41
CA ALA D 41 -16.46 -2.93 -11.54
C ALA D 41 -17.01 -3.51 -10.24
N LEU D 42 -16.15 -4.15 -9.46
CA LEU D 42 -16.57 -4.76 -8.20
C LEU D 42 -16.50 -3.80 -7.02
N GLY D 43 -16.02 -2.58 -7.23
CA GLY D 43 -15.90 -1.61 -6.15
C GLY D 43 -14.97 -2.05 -5.04
N LEU D 44 -13.89 -2.76 -5.38
CA LEU D 44 -13.00 -3.33 -4.39
C LEU D 44 -12.08 -2.26 -3.80
N ASP D 45 -12.00 -2.22 -2.47
CA ASP D 45 -11.04 -1.40 -1.76
C ASP D 45 -9.95 -2.22 -1.10
N ASP D 46 -9.99 -3.54 -1.21
CA ASP D 46 -9.01 -4.42 -0.60
C ASP D 46 -8.95 -5.69 -1.44
N PHE D 47 -7.94 -5.78 -2.29
CA PHE D 47 -7.83 -6.88 -3.24
C PHE D 47 -6.38 -7.33 -3.32
N ILE D 48 -6.19 -8.56 -3.78
CA ILE D 48 -4.88 -9.09 -4.12
C ILE D 48 -4.94 -9.55 -5.58
N ASN D 49 -4.08 -8.98 -6.43
CA ASN D 49 -3.99 -9.37 -7.83
C ASN D 49 -2.63 -9.99 -8.11
N ILE D 50 -2.62 -11.16 -8.76
CA ILE D 50 -1.40 -11.89 -9.06
C ILE D 50 -1.47 -12.42 -10.48
N VAL D 51 -0.31 -12.88 -10.97
CA VAL D 51 -0.21 -13.56 -12.26
C VAL D 51 0.51 -14.89 -12.06
N PRO D 52 0.20 -15.90 -12.87
CA PRO D 52 1.02 -17.12 -12.86
C PRO D 52 2.39 -16.83 -13.45
N PRO D 53 3.35 -17.75 -13.31
CA PRO D 53 4.68 -17.52 -13.88
C PRO D 53 4.62 -17.27 -15.38
N ILE D 54 5.34 -16.24 -15.84
CA ILE D 54 5.28 -15.83 -17.24
C ILE D 54 5.67 -16.99 -18.15
N GLY D 55 4.83 -17.26 -19.14
CA GLY D 55 5.11 -18.27 -20.15
C GLY D 55 5.09 -19.69 -19.65
N GLU D 56 4.57 -19.93 -18.45
CA GLU D 56 4.48 -21.26 -17.87
C GLU D 56 3.07 -21.85 -17.96
N PHE D 57 2.04 -21.00 -17.96
CA PHE D 57 0.66 -21.47 -18.17
C PHE D 57 0.31 -22.56 -17.18
N ARG D 58 0.54 -22.28 -15.90
CA ARG D 58 0.24 -23.22 -14.84
C ARG D 58 0.30 -22.48 -13.51
N PHE D 59 -0.47 -22.97 -12.55
CA PHE D 59 -0.39 -22.44 -11.19
C PHE D 59 0.81 -23.04 -10.47
N ASP D 60 1.62 -22.18 -9.88
CA ASP D 60 2.76 -22.62 -9.09
C ASP D 60 2.39 -22.57 -7.62
N GLY D 61 3.37 -22.80 -6.75
CA GLY D 61 3.10 -22.74 -5.32
C GLY D 61 2.49 -21.42 -4.90
N ARG D 62 3.02 -20.32 -5.42
CA ARG D 62 2.56 -18.99 -4.99
C ARG D 62 1.07 -18.80 -5.27
N VAL D 63 0.65 -19.11 -6.49
CA VAL D 63 -0.76 -18.91 -6.86
C VAL D 63 -1.66 -19.80 -6.03
N LYS D 64 -1.27 -21.07 -5.85
CA LYS D 64 -2.11 -22.02 -5.14
C LYS D 64 -2.31 -21.62 -3.69
N LYS D 65 -1.32 -20.95 -3.08
CA LYS D 65 -1.48 -20.51 -1.70
C LYS D 65 -2.42 -19.33 -1.60
N HIS D 66 -2.32 -18.35 -2.51
CA HIS D 66 -3.23 -17.21 -2.50
C HIS D 66 -4.68 -17.66 -2.63
N ILE D 67 -4.94 -18.70 -3.43
CA ILE D 67 -6.31 -19.16 -3.61
C ILE D 67 -6.89 -19.68 -2.29
N GLU D 68 -6.08 -20.42 -1.53
CA GLU D 68 -6.56 -20.98 -0.28
C GLU D 68 -6.84 -19.90 0.76
N GLU D 69 -6.02 -18.84 0.77
CA GLU D 69 -6.21 -17.77 1.74
C GLU D 69 -7.34 -16.84 1.34
N ALA D 70 -7.51 -16.60 0.05
CA ALA D 70 -8.52 -15.67 -0.41
C ALA D 70 -9.92 -16.24 -0.23
N GLU D 71 -10.90 -15.35 -0.24
CA GLU D 71 -12.29 -15.73 -0.10
C GLU D 71 -12.95 -16.02 -1.45
N LYS D 72 -12.85 -15.10 -2.39
CA LYS D 72 -13.34 -15.30 -3.74
C LYS D 72 -12.19 -15.06 -4.72
N VAL D 73 -12.23 -15.75 -5.86
CA VAL D 73 -11.16 -15.70 -6.84
C VAL D 73 -11.74 -15.37 -8.21
N TYR D 74 -11.08 -14.45 -8.91
CA TYR D 74 -11.39 -14.14 -10.31
C TYR D 74 -10.18 -14.49 -11.15
N ILE D 75 -10.38 -15.32 -12.16
CA ILE D 75 -9.33 -15.71 -13.09
C ILE D 75 -9.69 -15.17 -14.46
N LEU D 76 -8.76 -14.41 -15.05
CA LEU D 76 -9.02 -13.57 -16.21
C LEU D 76 -7.98 -13.82 -17.29
N ASP D 77 -8.46 -14.10 -18.51
CA ASP D 77 -7.61 -14.24 -19.71
C ASP D 77 -6.54 -15.31 -19.50
N LEU D 78 -6.90 -16.40 -18.83
CA LEU D 78 -5.95 -17.47 -18.52
C LEU D 78 -6.51 -18.78 -19.07
N ASN D 79 -6.11 -19.13 -20.30
CA ASN D 79 -6.60 -20.35 -20.97
C ASN D 79 -6.04 -21.61 -20.30
N LEU D 80 -6.19 -21.75 -18.99
CA LEU D 80 -5.69 -22.95 -18.29
C LEU D 80 -6.78 -23.52 -17.38
N PRO D 81 -7.85 -24.12 -17.95
CA PRO D 81 -8.95 -24.69 -17.17
C PRO D 81 -8.54 -25.88 -16.29
N GLN D 82 -7.67 -26.75 -16.81
CA GLN D 82 -7.19 -27.96 -16.08
C GLN D 82 -6.77 -27.59 -14.66
N GLU D 83 -6.30 -26.36 -14.45
CA GLU D 83 -5.91 -25.91 -13.11
C GLU D 83 -7.10 -25.35 -12.37
N VAL D 84 -8.02 -24.70 -13.08
CA VAL D 84 -9.24 -24.18 -12.46
C VAL D 84 -10.13 -25.34 -12.02
N GLU D 85 -9.99 -26.49 -12.66
CA GLU D 85 -10.83 -27.64 -12.35
C GLU D 85 -10.65 -28.09 -10.91
N ASP D 86 -9.49 -27.84 -10.32
CA ASP D 86 -9.17 -28.27 -8.97
C ASP D 86 -9.47 -27.23 -7.89
N VAL D 87 -9.93 -26.04 -8.29
CA VAL D 87 -10.09 -24.95 -7.32
C VAL D 87 -11.26 -25.24 -6.39
N GLU D 88 -11.01 -25.17 -5.09
CA GLU D 88 -12.04 -25.38 -4.07
C GLU D 88 -12.49 -24.08 -3.44
N LYS D 89 -12.54 -23.00 -4.24
CA LYS D 89 -13.06 -21.71 -3.82
C LYS D 89 -14.15 -21.26 -4.78
N ASP D 90 -14.96 -20.31 -4.33
CA ASP D 90 -15.95 -19.72 -5.22
C ASP D 90 -15.22 -18.86 -6.25
N THR D 91 -15.35 -19.22 -7.53
CA THR D 91 -14.49 -18.69 -8.57
C THR D 91 -15.30 -18.24 -9.77
N VAL D 92 -14.98 -17.06 -10.29
CA VAL D 92 -15.52 -16.58 -11.55
C VAL D 92 -14.37 -16.55 -12.56
N PHE D 93 -14.51 -17.33 -13.63
CA PHE D 93 -13.45 -17.55 -14.62
C PHE D 93 -13.92 -16.95 -15.95
N ILE D 94 -13.28 -15.84 -16.33
CA ILE D 94 -13.62 -15.12 -17.56
C ILE D 94 -12.47 -15.27 -18.55
N ASP D 95 -12.79 -15.63 -19.79
CA ASP D 95 -11.77 -15.84 -20.82
C ASP D 95 -12.44 -15.80 -22.19
N HIS D 96 -11.61 -15.59 -23.21
CA HIS D 96 -12.06 -15.58 -24.60
C HIS D 96 -11.30 -16.55 -25.49
N HIS D 97 -10.43 -17.38 -24.93
CA HIS D 97 -9.77 -18.41 -25.69
C HIS D 97 -10.72 -19.57 -25.95
N LEU D 98 -10.43 -20.35 -26.99
CA LEU D 98 -11.18 -21.57 -27.24
C LEU D 98 -10.75 -22.64 -26.25
N GLN D 99 -11.69 -23.12 -25.44
CA GLN D 99 -11.33 -23.97 -24.30
C GLN D 99 -12.46 -24.95 -24.05
N LYS D 100 -12.23 -25.83 -23.08
CA LYS D 100 -13.17 -26.88 -22.70
C LYS D 100 -14.06 -26.39 -21.56
N LYS D 101 -15.31 -26.82 -21.57
CA LYS D 101 -16.26 -26.46 -20.51
C LYS D 101 -15.77 -26.98 -19.15
N ILE D 102 -15.82 -26.10 -18.15
CA ILE D 102 -15.37 -26.45 -16.81
C ILE D 102 -16.49 -27.12 -16.03
N LYS D 103 -16.18 -28.27 -15.44
CA LYS D 103 -17.15 -29.08 -14.72
C LYS D 103 -17.30 -28.67 -13.26
N ASN D 104 -16.25 -28.11 -12.66
CA ASN D 104 -16.25 -27.68 -11.27
C ASN D 104 -17.44 -26.78 -11.00
N PRO D 105 -18.35 -27.17 -10.10
CA PRO D 105 -19.54 -26.34 -9.83
C PRO D 105 -19.21 -25.04 -9.13
N LYS D 106 -18.10 -24.99 -8.39
CA LYS D 106 -17.66 -23.78 -7.72
C LYS D 106 -17.21 -22.70 -8.70
N VAL D 107 -17.02 -23.04 -9.97
CA VAL D 107 -16.56 -22.11 -10.99
C VAL D 107 -17.75 -21.66 -11.83
N ARG D 108 -17.85 -20.34 -12.04
CA ARG D 108 -18.82 -19.76 -12.96
C ARG D 108 -18.02 -19.32 -14.18
N GLN D 109 -18.08 -20.12 -15.24
CA GLN D 109 -17.32 -19.85 -16.46
C GLN D 109 -18.04 -18.82 -17.32
N VAL D 110 -17.30 -17.81 -17.78
CA VAL D 110 -17.83 -16.76 -18.66
C VAL D 110 -16.92 -16.71 -19.88
N ASN D 111 -17.37 -17.30 -21.00
CA ASN D 111 -16.61 -17.31 -22.24
C ASN D 111 -17.56 -17.15 -23.42
N PRO D 112 -17.42 -16.08 -24.21
CA PRO D 112 -18.35 -15.85 -25.33
C PRO D 112 -18.03 -16.66 -26.57
N ILE D 113 -17.32 -17.77 -26.39
CA ILE D 113 -17.12 -18.77 -27.44
C ILE D 113 -17.89 -20.04 -27.13
N LEU D 114 -17.71 -20.56 -25.90
CA LEU D 114 -18.54 -21.66 -25.41
C LEU D 114 -20.01 -21.29 -25.46
N GLU D 115 -20.35 -20.08 -24.99
CA GLU D 115 -21.73 -19.59 -24.99
C GLU D 115 -22.29 -19.38 -26.39
N ARG D 116 -21.54 -19.74 -27.44
CA ARG D 116 -21.94 -19.79 -28.84
C ARG D 116 -21.94 -18.41 -29.48
N MET D 117 -21.86 -17.32 -28.70
CA MET D 117 -21.88 -15.98 -29.26
C MET D 117 -20.67 -15.76 -30.17
N ASN D 118 -20.76 -14.73 -31.01
CA ASN D 118 -19.73 -14.46 -32.01
C ASN D 118 -18.44 -14.07 -31.32
N GLY D 119 -17.34 -14.70 -31.74
CA GLY D 119 -16.03 -14.36 -31.21
C GLY D 119 -15.36 -13.19 -31.89
N LYS D 120 -15.93 -12.69 -32.99
CA LYS D 120 -15.45 -11.45 -33.58
C LYS D 120 -15.98 -10.24 -32.83
N GLU D 121 -17.13 -10.39 -32.17
CA GLU D 121 -17.61 -9.34 -31.27
C GLU D 121 -16.77 -9.22 -30.01
N PHE D 122 -15.96 -10.24 -29.70
CA PHE D 122 -15.17 -10.29 -28.48
C PHE D 122 -13.71 -10.52 -28.82
N PRO D 123 -13.00 -9.47 -29.25
CA PRO D 123 -11.60 -9.64 -29.68
C PRO D 123 -10.63 -9.88 -28.55
N SER D 124 -10.98 -9.50 -27.32
CA SER D 124 -10.09 -9.61 -26.18
C SER D 124 -10.89 -9.92 -24.93
N ALA D 125 -10.20 -10.43 -23.92
CA ALA D 125 -10.83 -10.64 -22.62
C ALA D 125 -11.33 -9.35 -22.02
N SER D 126 -10.66 -8.23 -22.33
CA SER D 126 -11.09 -6.94 -21.83
C SER D 126 -12.51 -6.60 -22.28
N PHE D 127 -12.84 -6.94 -23.53
CA PHE D 127 -14.22 -6.75 -24.01
C PHE D 127 -15.18 -7.70 -23.31
N VAL D 128 -14.75 -8.94 -23.06
CA VAL D 128 -15.60 -9.88 -22.33
C VAL D 128 -15.86 -9.37 -20.92
N VAL D 129 -14.80 -8.89 -20.24
CA VAL D 129 -14.98 -8.33 -18.90
C VAL D 129 -15.89 -7.12 -18.94
N SER D 130 -15.65 -6.22 -19.90
CA SER D 130 -16.50 -5.03 -20.02
C SER D 130 -17.95 -5.42 -20.28
N ASN D 131 -18.17 -6.33 -21.23
CA ASN D 131 -19.54 -6.79 -21.49
C ASN D 131 -20.13 -7.48 -20.27
N HIS D 132 -19.31 -8.24 -19.52
CA HIS D 132 -19.80 -8.91 -18.33
C HIS D 132 -20.28 -7.91 -17.28
N PHE D 133 -19.51 -6.84 -17.06
CA PHE D 133 -19.83 -5.85 -16.04
C PHE D 133 -20.55 -4.63 -16.59
N SER D 134 -20.71 -4.51 -17.90
CA SER D 134 -21.24 -3.32 -18.54
C SER D 134 -20.45 -2.08 -18.12
N LEU D 135 -19.12 -2.19 -18.18
CA LEU D 135 -18.20 -1.11 -17.84
C LEU D 135 -17.21 -0.93 -18.99
N TRP D 136 -17.39 0.14 -19.77
CA TRP D 136 -16.61 0.38 -20.98
C TRP D 136 -15.82 1.66 -20.83
N ASN D 137 -14.50 1.55 -20.86
CA ASN D 137 -13.62 2.72 -20.83
C ASN D 137 -12.42 2.42 -21.71
N SER D 138 -11.38 3.25 -21.57
CA SER D 138 -10.21 3.10 -22.43
C SER D 138 -9.45 1.81 -22.15
N TRP D 139 -9.53 1.28 -20.92
CA TRP D 139 -8.90 -0.01 -20.65
C TRP D 139 -9.48 -1.11 -21.54
N SER D 140 -10.79 -1.03 -21.82
CA SER D 140 -11.40 -1.98 -22.74
C SER D 140 -10.70 -1.96 -24.10
N SER D 141 -10.40 -0.77 -24.60
CA SER D 141 -9.74 -0.64 -25.89
C SER D 141 -8.31 -1.17 -25.84
N LEU D 142 -7.55 -0.80 -24.79
CA LEU D 142 -6.17 -1.27 -24.66
C LEU D 142 -6.05 -2.78 -24.76
N GLY D 143 -6.91 -3.49 -24.02
CA GLY D 143 -6.92 -4.95 -24.10
C GLY D 143 -7.11 -5.46 -25.52
N ALA D 144 -8.07 -4.87 -26.24
CA ALA D 144 -8.33 -5.28 -27.61
C ALA D 144 -7.11 -5.01 -28.50
N VAL D 145 -6.45 -3.87 -28.30
CA VAL D 145 -5.24 -3.61 -29.05
C VAL D 145 -4.13 -4.57 -28.63
N GLY D 146 -4.11 -4.97 -27.37
CA GLY D 146 -3.11 -5.89 -26.87
C GLY D 146 -3.25 -7.31 -27.36
N ASP D 147 -4.39 -7.68 -27.94
CA ASP D 147 -4.60 -9.04 -28.45
C ASP D 147 -4.62 -9.15 -29.95
N ILE D 148 -5.19 -8.17 -30.67
CA ILE D 148 -5.30 -8.30 -32.12
C ILE D 148 -4.68 -7.10 -32.81
N GLY D 149 -4.03 -6.24 -32.03
CA GLY D 149 -3.23 -5.16 -32.61
C GLY D 149 -4.08 -4.14 -33.34
N ASN D 150 -3.63 -3.77 -34.54
CA ASN D 150 -4.29 -2.69 -35.27
C ASN D 150 -5.70 -3.03 -35.68
N LYS D 151 -6.05 -4.32 -35.79
CA LYS D 151 -7.39 -4.68 -36.22
C LYS D 151 -8.44 -4.27 -35.19
N ALA D 152 -8.04 -4.04 -33.95
CA ALA D 152 -9.00 -3.58 -32.94
C ALA D 152 -9.62 -2.25 -33.33
N PHE D 153 -8.88 -1.42 -34.08
CA PHE D 153 -9.40 -0.12 -34.49
C PHE D 153 -10.49 -0.24 -35.55
N GLU D 154 -10.57 -1.38 -36.25
CA GLU D 154 -11.69 -1.62 -37.16
C GLU D 154 -12.99 -1.86 -36.40
N ILE D 155 -12.92 -1.98 -35.08
CA ILE D 155 -14.12 -1.93 -34.24
C ILE D 155 -14.29 -0.51 -33.78
N PRO D 156 -15.41 0.14 -34.08
CA PRO D 156 -15.58 1.55 -33.70
C PRO D 156 -15.55 1.76 -32.19
N LYS D 157 -15.93 0.75 -31.41
CA LYS D 157 -15.92 0.88 -29.95
C LYS D 157 -14.52 1.15 -29.43
N THR D 158 -13.49 0.65 -30.12
CA THR D 158 -12.12 0.82 -29.66
C THR D 158 -11.71 2.29 -29.72
N LEU D 159 -11.76 2.88 -30.92
CA LEU D 159 -11.38 4.29 -31.07
C LEU D 159 -12.25 5.21 -30.24
N GLU D 160 -13.56 4.92 -30.16
CA GLU D 160 -14.48 5.78 -29.41
C GLU D 160 -14.06 5.89 -27.95
N LEU D 161 -13.75 4.76 -27.31
CA LEU D 161 -13.38 4.79 -25.90
C LEU D 161 -12.02 5.44 -25.69
N LEU D 162 -11.07 5.18 -26.59
CA LEU D 162 -9.79 5.87 -26.55
C LEU D 162 -9.92 7.37 -26.74
N LYS D 163 -10.95 7.80 -27.48
CA LYS D 163 -11.12 9.21 -27.80
C LYS D 163 -11.41 10.04 -26.55
N THR D 164 -12.24 9.52 -25.66
CA THR D 164 -12.58 10.22 -24.42
C THR D 164 -11.33 10.59 -23.62
N GLU D 165 -10.35 9.69 -23.56
CA GLU D 165 -9.10 9.96 -22.87
C GLU D 165 -8.11 10.75 -23.72
N GLY D 166 -8.52 11.19 -24.91
CA GLY D 166 -7.62 11.90 -25.80
C GLY D 166 -6.37 11.12 -26.13
N LEU D 167 -6.55 9.91 -26.67
CA LEU D 167 -5.44 9.03 -27.03
C LEU D 167 -5.52 8.71 -28.52
N THR D 168 -4.37 8.73 -29.18
CA THR D 168 -4.32 8.38 -30.60
C THR D 168 -4.14 6.87 -30.76
N LYS D 169 -4.30 6.42 -32.00
CA LYS D 169 -3.99 5.04 -32.34
C LYS D 169 -2.59 4.67 -31.87
N ASN D 170 -1.60 5.47 -32.26
CA ASN D 170 -0.21 5.19 -31.89
C ASN D 170 -0.01 5.24 -30.38
N GLU D 171 -0.71 6.16 -29.69
CA GLU D 171 -0.56 6.27 -28.25
C GLU D 171 -1.02 5.00 -27.55
N ALA D 172 -2.07 4.37 -28.08
CA ALA D 172 -2.55 3.11 -27.51
C ALA D 172 -1.63 1.95 -27.87
N LEU D 173 -1.16 1.89 -29.11
CA LEU D 173 -0.18 0.87 -29.48
C LEU D 173 1.09 1.01 -28.66
N LYS D 174 1.50 2.25 -28.38
CA LYS D 174 2.66 2.50 -27.53
C LYS D 174 2.40 2.03 -26.10
N LEU D 175 1.18 2.23 -25.60
CA LEU D 175 0.87 1.83 -24.24
C LEU D 175 0.95 0.31 -24.07
N VAL D 176 0.54 -0.44 -25.10
CA VAL D 176 0.62 -1.90 -25.03
C VAL D 176 2.08 -2.34 -24.95
N GLN D 177 2.95 -1.70 -25.74
CA GLN D 177 4.37 -2.01 -25.66
C GLN D 177 4.92 -1.77 -24.26
N LEU D 178 4.55 -0.63 -23.66
CA LEU D 178 5.04 -0.30 -22.32
C LEU D 178 4.54 -1.30 -21.29
N ILE D 179 3.25 -1.60 -21.31
CA ILE D 179 2.67 -2.54 -20.35
C ILE D 179 3.20 -3.95 -20.57
N ASP D 180 3.27 -4.38 -21.84
CA ASP D 180 3.79 -5.71 -22.14
C ASP D 180 5.24 -5.85 -21.72
N SER D 181 6.00 -4.75 -21.76
CA SER D 181 7.43 -4.78 -21.44
C SER D 181 7.72 -5.46 -20.10
N ASN D 182 6.77 -5.40 -19.17
CA ASN D 182 7.01 -5.99 -17.86
C ASN D 182 7.09 -7.51 -17.95
N TYR D 183 6.10 -8.15 -18.57
CA TYR D 183 6.13 -9.60 -18.64
C TYR D 183 7.23 -10.10 -19.59
N ILE D 184 7.55 -9.33 -20.63
CA ILE D 184 8.63 -9.75 -21.53
C ILE D 184 9.94 -9.81 -20.78
N THR D 185 10.19 -8.84 -19.91
CA THR D 185 11.39 -8.81 -19.08
C THR D 185 11.32 -9.75 -17.89
N MET D 186 10.27 -10.58 -17.82
CA MET D 186 10.13 -11.60 -16.79
C MET D 186 9.94 -10.97 -15.41
N ASP D 187 9.22 -9.86 -15.36
CA ASP D 187 9.01 -9.13 -14.10
C ASP D 187 7.60 -9.40 -13.60
N ARG D 188 7.45 -10.46 -12.80
CA ARG D 188 6.14 -10.79 -12.23
C ARG D 188 5.64 -9.63 -11.36
N SER D 189 6.55 -9.01 -10.61
CA SER D 189 6.15 -7.95 -9.70
C SER D 189 5.72 -6.71 -10.46
N ALA D 190 6.44 -6.34 -11.52
CA ALA D 190 6.07 -5.18 -12.31
C ALA D 190 4.77 -5.42 -13.09
N ALA D 191 4.58 -6.64 -13.58
CA ALA D 191 3.35 -6.98 -14.29
C ALA D 191 2.14 -6.90 -13.37
N GLU D 192 2.29 -7.32 -12.11
CA GLU D 192 1.21 -7.21 -11.14
C GLU D 192 0.97 -5.76 -10.74
N LYS D 193 2.04 -5.00 -10.48
CA LYS D 193 1.89 -3.60 -10.09
C LYS D 193 1.30 -2.76 -11.22
N ALA D 194 1.49 -3.19 -12.48
CA ALA D 194 0.92 -2.47 -13.60
C ALA D 194 -0.59 -2.33 -13.47
N VAL D 195 -1.25 -3.26 -12.78
CA VAL D 195 -2.69 -3.13 -12.56
C VAL D 195 -2.99 -1.94 -11.66
N GLU D 196 -2.22 -1.76 -10.58
CA GLU D 196 -2.43 -0.63 -9.69
C GLU D 196 -2.19 0.70 -10.39
N LEU D 197 -1.16 0.75 -11.24
CA LEU D 197 -0.86 2.00 -11.95
C LEU D 197 -1.95 2.33 -12.95
N VAL D 198 -2.45 1.33 -13.67
CA VAL D 198 -3.56 1.55 -14.60
C VAL D 198 -4.79 2.02 -13.84
N LEU D 199 -5.01 1.46 -12.64
CA LEU D 199 -6.17 1.83 -11.85
C LEU D 199 -6.05 3.26 -11.33
N ASN D 200 -4.85 3.69 -11.01
CA ASN D 200 -4.65 4.90 -10.22
C ASN D 200 -4.05 6.08 -10.98
N ARG D 201 -3.78 5.93 -12.27
CA ARG D 201 -3.15 6.99 -13.06
C ARG D 201 -3.79 7.04 -14.44
N PRO D 202 -3.98 8.24 -15.00
CA PRO D 202 -4.46 8.33 -16.39
C PRO D 202 -3.53 7.62 -17.34
N LEU D 203 -4.11 7.04 -18.40
CA LEU D 203 -3.28 6.33 -19.38
C LEU D 203 -2.24 7.25 -19.99
N LYS D 204 -2.62 8.49 -20.28
CA LYS D 204 -1.70 9.42 -20.92
C LYS D 204 -0.52 9.76 -20.01
N GLU D 205 -0.68 9.63 -18.69
CA GLU D 205 0.44 9.74 -17.78
C GLU D 205 1.39 8.55 -17.92
N LEU D 206 0.82 7.34 -18.01
CA LEU D 206 1.63 6.13 -18.08
C LEU D 206 2.46 6.05 -19.36
N LEU D 207 2.09 6.83 -20.38
CA LEU D 207 2.92 6.94 -21.56
C LEU D 207 4.28 7.53 -21.24
N GLU D 208 4.40 8.21 -20.10
CA GLU D 208 5.64 8.82 -19.64
C GLU D 208 6.35 8.00 -18.57
N TYR D 209 5.70 6.96 -18.03
CA TYR D 209 6.22 6.19 -16.91
C TYR D 209 7.60 5.63 -17.22
N GLU D 210 8.63 6.16 -16.55
CA GLU D 210 10.00 5.83 -16.89
C GLU D 210 10.35 4.34 -16.70
N PRO D 211 9.93 3.64 -15.64
CA PRO D 211 10.31 2.22 -15.52
C PRO D 211 9.90 1.38 -16.71
N TRP D 212 8.70 1.61 -17.25
CA TRP D 212 8.28 0.86 -18.43
C TRP D 212 9.11 1.22 -19.66
N ILE D 213 9.38 2.52 -19.83
CA ILE D 213 10.15 2.98 -20.98
C ILE D 213 11.53 2.34 -21.00
N LYS D 214 12.16 2.26 -19.83
CA LYS D 214 13.49 1.67 -19.73
C LYS D 214 13.48 0.21 -20.15
N ASN D 215 12.41 -0.51 -19.81
CA ASN D 215 12.27 -1.90 -20.23
C ASN D 215 12.17 -2.00 -21.75
N LEU D 216 11.39 -1.10 -22.36
CA LEU D 216 11.05 -1.25 -23.77
C LEU D 216 12.26 -1.03 -24.68
N GLU D 217 13.13 -0.09 -24.33
CA GLU D 217 14.32 0.16 -25.15
C GLU D 217 15.19 -1.08 -25.25
N GLU D 218 15.38 -1.80 -24.14
CA GLU D 218 16.20 -3.00 -24.14
C GLU D 218 15.54 -4.14 -24.90
N ILE D 219 14.21 -4.13 -25.01
CA ILE D 219 13.50 -5.24 -25.66
C ILE D 219 13.55 -5.10 -27.17
N GLU D 220 13.38 -3.87 -27.68
CA GLU D 220 13.48 -3.65 -29.12
C GLU D 220 14.87 -4.00 -29.62
N ARG D 221 15.90 -3.69 -28.84
CA ARG D 221 17.27 -4.00 -29.23
C ARG D 221 17.47 -5.50 -29.40
N THR D 222 16.92 -6.30 -28.50
CA THR D 222 17.08 -7.75 -28.59
C THR D 222 16.13 -8.40 -29.60
N ILE D 223 15.01 -7.76 -29.92
CA ILE D 223 14.11 -8.34 -30.91
C ILE D 223 14.72 -8.25 -32.31
N LYS D 224 15.41 -7.15 -32.61
CA LYS D 224 16.06 -7.02 -33.92
C LYS D 224 17.04 -8.16 -34.18
N ASP D 225 17.73 -8.64 -33.13
CA ASP D 225 18.66 -9.75 -33.31
C ASP D 225 17.94 -10.99 -33.80
N VAL D 226 16.80 -11.32 -33.18
CA VAL D 226 16.05 -12.50 -33.58
C VAL D 226 15.49 -12.34 -34.99
N LEU D 227 15.05 -11.14 -35.34
CA LEU D 227 14.56 -10.88 -36.68
C LEU D 227 15.65 -11.00 -37.73
N SER D 228 16.92 -10.91 -37.34
CA SER D 228 18.00 -11.02 -38.30
C SER D 228 18.15 -12.43 -38.84
N GLY D 229 17.89 -13.44 -38.01
CA GLY D 229 18.06 -14.82 -38.43
C GLY D 229 16.77 -15.55 -38.75
N ILE D 230 15.98 -15.04 -39.69
CA ILE D 230 14.74 -15.70 -40.07
C ILE D 230 14.89 -16.25 -41.49
N GLU D 231 14.20 -17.36 -41.76
CA GLU D 231 14.18 -17.97 -43.08
C GLU D 231 12.73 -18.22 -43.47
N VAL D 232 12.52 -18.63 -44.73
CA VAL D 232 11.18 -18.63 -45.28
C VAL D 232 11.02 -19.76 -46.29
N LYS D 233 9.82 -20.34 -46.31
CA LYS D 233 9.43 -21.39 -47.24
C LYS D 233 7.91 -21.35 -47.36
N ASN D 234 7.40 -21.39 -48.59
CA ASN D 234 5.96 -21.37 -48.84
C ASN D 234 5.29 -20.14 -48.21
N ASP D 235 6.03 -19.04 -48.14
CA ASP D 235 5.58 -17.79 -47.50
C ASP D 235 5.29 -18.00 -46.00
N ILE D 236 5.99 -18.95 -45.39
CA ILE D 236 5.91 -19.20 -43.95
C ILE D 236 7.27 -18.87 -43.34
N ALA D 237 7.27 -18.00 -42.33
CA ALA D 237 8.50 -17.58 -41.67
C ALA D 237 8.88 -18.57 -40.58
N PHE D 238 10.11 -19.06 -40.62
CA PHE D 238 10.66 -19.94 -39.59
C PHE D 238 11.74 -19.17 -38.83
N ILE D 239 11.49 -18.88 -37.56
CA ILE D 239 12.35 -18.04 -36.75
C ILE D 239 12.78 -18.85 -35.53
N GLU D 240 14.08 -19.16 -35.45
CA GLU D 240 14.63 -19.93 -34.36
C GLU D 240 15.63 -19.11 -33.58
N TYR D 241 15.56 -19.19 -32.26
CA TYR D 241 16.41 -18.37 -31.39
C TYR D 241 16.44 -18.99 -30.00
N SER D 242 17.28 -18.41 -29.14
CA SER D 242 17.40 -18.81 -27.75
C SER D 242 17.51 -17.56 -26.89
N SER D 243 16.63 -17.43 -25.90
CA SER D 243 16.57 -16.23 -25.07
C SER D 243 15.73 -16.44 -23.82
N PRO D 244 16.04 -15.72 -22.72
CA PRO D 244 15.20 -15.76 -21.53
C PRO D 244 14.04 -14.77 -21.54
N PHE D 245 13.99 -13.86 -22.52
CA PHE D 245 12.84 -12.97 -22.65
C PHE D 245 11.67 -13.70 -23.27
N ASN D 246 10.48 -13.33 -22.83
CA ASN D 246 9.27 -13.91 -23.43
C ASN D 246 8.84 -13.09 -24.64
N ILE D 247 9.74 -13.07 -25.62
CA ILE D 247 9.50 -12.32 -26.85
C ILE D 247 8.83 -13.16 -27.93
N ILE D 248 8.61 -14.46 -27.67
CA ILE D 248 8.10 -15.32 -28.72
C ILE D 248 6.75 -14.83 -29.22
N SER D 249 5.96 -14.22 -28.34
CA SER D 249 4.65 -13.71 -28.76
C SER D 249 4.81 -12.58 -29.77
N LYS D 250 5.65 -11.59 -29.46
CA LYS D 250 5.80 -10.45 -30.38
C LYS D 250 6.53 -10.83 -31.66
N ILE D 251 7.46 -11.79 -31.59
CA ILE D 251 8.16 -12.23 -32.78
C ILE D 251 7.18 -12.85 -33.77
N ALA D 252 6.30 -13.72 -33.27
CA ALA D 252 5.30 -14.35 -34.14
C ALA D 252 4.39 -13.30 -34.77
N ARG D 253 3.99 -12.29 -34.00
CA ARG D 253 3.15 -11.23 -34.56
C ARG D 253 3.92 -10.40 -35.57
N LYS D 254 5.15 -10.00 -35.24
CA LYS D 254 5.96 -9.20 -36.16
C LYS D 254 6.14 -9.89 -37.51
N ALA D 255 6.29 -11.22 -37.49
CA ALA D 255 6.52 -11.97 -38.71
C ALA D 255 5.29 -12.01 -39.60
N VAL D 256 4.11 -12.08 -39.00
CA VAL D 256 2.85 -12.17 -39.73
C VAL D 256 2.20 -10.81 -39.92
N TRP D 257 2.09 -10.03 -38.85
CA TRP D 257 1.32 -8.79 -38.90
C TRP D 257 2.07 -7.68 -39.62
N GLU D 258 3.37 -7.54 -39.38
CA GLU D 258 4.14 -6.43 -39.96
C GLU D 258 4.85 -6.82 -41.24
N MET D 259 5.64 -7.89 -41.21
CA MET D 259 6.37 -8.30 -42.39
C MET D 259 5.46 -8.94 -43.45
N GLY D 260 4.24 -9.34 -43.07
CA GLY D 260 3.23 -9.77 -44.01
C GLY D 260 3.29 -11.23 -44.42
N TYR D 261 4.05 -12.05 -43.70
CA TYR D 261 4.14 -13.47 -44.03
C TYR D 261 2.84 -14.20 -43.70
N ASN D 262 2.56 -15.26 -44.45
CA ASN D 262 1.31 -16.00 -44.27
C ASN D 262 1.30 -16.79 -42.96
N GLY D 263 2.48 -17.19 -42.49
CA GLY D 263 2.57 -17.93 -41.25
C GLY D 263 3.93 -17.74 -40.64
N ALA D 264 3.99 -17.93 -39.33
CA ALA D 264 5.24 -17.86 -38.58
C ALA D 264 5.31 -19.03 -37.62
N VAL D 265 6.39 -19.79 -37.69
CA VAL D 265 6.72 -20.80 -36.69
C VAL D 265 7.95 -20.29 -35.95
N VAL D 266 7.75 -19.92 -34.69
CA VAL D 266 8.81 -19.33 -33.87
C VAL D 266 9.20 -20.33 -32.80
N LEU D 267 10.50 -20.60 -32.69
CA LEU D 267 11.02 -21.56 -31.74
C LEU D 267 12.04 -20.88 -30.85
N ASN D 268 11.80 -20.91 -29.55
CA ASN D 268 12.75 -20.44 -28.54
C ASN D 268 13.28 -21.67 -27.82
N ARG D 269 14.57 -21.95 -28.02
CA ARG D 269 15.13 -23.22 -27.60
C ARG D 269 15.51 -23.26 -26.12
N SER D 270 15.71 -22.12 -25.48
CA SER D 270 16.17 -22.10 -24.10
C SER D 270 15.38 -21.07 -23.30
N PHE D 271 14.06 -21.25 -23.25
CA PHE D 271 13.24 -20.42 -22.37
C PHE D 271 13.20 -21.04 -20.98
N HIS D 272 14.20 -20.68 -20.17
CA HIS D 272 14.28 -21.07 -18.77
C HIS D 272 14.12 -22.58 -18.59
N GLU D 273 15.11 -23.29 -19.13
CA GLU D 273 15.21 -24.75 -19.04
C GLU D 273 14.04 -25.47 -19.69
N LYS D 274 13.28 -24.78 -20.55
CA LYS D 274 12.22 -25.41 -21.31
C LYS D 274 12.18 -24.80 -22.70
N ALA D 275 11.54 -25.50 -23.61
CA ALA D 275 11.38 -24.98 -24.96
C ALA D 275 10.05 -24.24 -25.07
N GLN D 276 9.87 -23.60 -26.22
CA GLN D 276 8.76 -22.65 -26.38
C GLN D 276 8.55 -22.44 -27.88
N LEU D 277 7.38 -22.83 -28.39
CA LEU D 277 7.08 -22.71 -29.81
C LEU D 277 5.75 -22.00 -30.00
N TYR D 278 5.70 -21.13 -31.00
CA TYR D 278 4.51 -20.36 -31.34
C TYR D 278 4.24 -20.53 -32.83
N PHE D 279 2.98 -20.74 -33.19
CA PHE D 279 2.57 -20.93 -34.58
C PHE D 279 1.41 -19.98 -34.86
N ARG D 280 1.68 -18.89 -35.59
CA ARG D 280 0.68 -17.90 -35.94
C ARG D 280 0.51 -17.87 -37.45
N ILE D 281 -0.74 -17.79 -37.90
CA ILE D 281 -1.04 -17.67 -39.32
C ILE D 281 -1.84 -16.39 -39.55
N SER D 282 -1.89 -16.00 -40.80
CA SER D 282 -2.74 -14.90 -41.22
C SER D 282 -4.13 -15.40 -41.52
N PRO D 283 -5.13 -14.53 -41.50
CA PRO D 283 -6.49 -14.94 -41.86
C PRO D 283 -6.60 -15.63 -43.22
N ASP D 284 -5.66 -15.36 -44.13
CA ASP D 284 -5.66 -16.03 -45.42
C ASP D 284 -5.58 -17.55 -45.26
N LEU D 285 -4.70 -18.03 -44.37
CA LEU D 285 -4.54 -19.45 -44.12
C LEU D 285 -5.45 -19.97 -43.00
N LYS D 286 -6.35 -19.13 -42.49
CA LYS D 286 -7.15 -19.52 -41.33
C LYS D 286 -8.11 -20.67 -41.66
N GLU D 287 -8.52 -20.78 -42.92
CA GLU D 287 -9.38 -21.88 -43.34
C GLU D 287 -8.57 -23.12 -43.72
N LYS D 288 -7.47 -22.94 -44.45
CA LYS D 288 -6.68 -24.08 -44.92
C LYS D 288 -6.02 -24.84 -43.77
N ILE D 289 -5.77 -24.17 -42.64
CA ILE D 289 -5.15 -24.78 -41.47
C ILE D 289 -6.16 -24.82 -40.34
N ASP D 290 -6.30 -26.00 -39.72
CA ASP D 290 -7.16 -26.14 -38.54
C ASP D 290 -6.30 -25.96 -37.30
N MET D 291 -6.25 -24.72 -36.80
CA MET D 291 -5.44 -24.44 -35.63
C MET D 291 -6.01 -25.10 -34.38
N GLU D 292 -7.32 -25.31 -34.34
CA GLU D 292 -7.95 -25.96 -33.19
C GLU D 292 -7.54 -27.41 -33.08
N GLY D 293 -7.59 -28.13 -34.21
CA GLY D 293 -7.17 -29.53 -34.21
C GLY D 293 -5.72 -29.72 -33.81
N ILE D 294 -4.84 -28.85 -34.30
CA ILE D 294 -3.44 -28.97 -33.95
C ILE D 294 -3.25 -28.79 -32.45
N ILE D 295 -4.08 -27.95 -31.81
CA ILE D 295 -4.01 -27.79 -30.36
C ILE D 295 -4.40 -29.09 -29.67
N GLN D 296 -5.53 -29.68 -30.09
CA GLN D 296 -6.00 -30.92 -29.47
C GLN D 296 -4.96 -32.03 -29.58
N ILE D 297 -4.39 -32.22 -30.78
CA ILE D 297 -3.35 -33.23 -30.94
C ILE D 297 -2.19 -32.99 -29.99
N LEU D 298 -1.81 -31.72 -29.83
CA LEU D 298 -0.72 -31.40 -28.92
C LEU D 298 -1.11 -31.71 -27.48
N LYS D 299 -2.34 -31.37 -27.09
CA LYS D 299 -2.80 -31.63 -25.74
C LYS D 299 -2.86 -33.13 -25.45
N ASN D 300 -3.44 -33.89 -26.39
CA ASN D 300 -3.51 -35.34 -26.25
C ASN D 300 -2.15 -35.97 -26.02
N ARG D 301 -1.13 -35.49 -26.73
CA ARG D 301 0.26 -35.94 -26.60
C ARG D 301 0.93 -35.46 -25.33
N GLY D 302 0.20 -34.79 -24.45
CA GLY D 302 0.77 -34.34 -23.19
C GLY D 302 1.50 -33.03 -23.23
N PHE D 303 1.37 -32.25 -24.31
CA PHE D 303 2.01 -30.95 -24.41
C PHE D 303 1.16 -29.88 -23.73
N ASN D 304 1.83 -28.89 -23.15
CA ASN D 304 1.15 -27.71 -22.59
C ASN D 304 0.96 -26.73 -23.73
N ALA D 305 -0.13 -26.92 -24.47
CA ALA D 305 -0.44 -26.14 -25.66
C ALA D 305 -1.80 -25.46 -25.52
N GLY D 306 -1.92 -24.27 -26.12
CA GLY D 306 -3.19 -23.57 -26.21
C GLY D 306 -3.12 -22.50 -27.28
N GLY D 307 -4.27 -21.87 -27.53
CA GLY D 307 -4.25 -20.74 -28.44
C GLY D 307 -5.64 -20.33 -28.91
N LYS D 308 -5.69 -19.89 -30.16
CA LYS D 308 -6.92 -19.40 -30.77
C LYS D 308 -7.06 -20.01 -32.15
N SER D 309 -7.98 -19.48 -32.95
CA SER D 309 -8.20 -19.99 -34.29
C SER D 309 -7.13 -19.53 -35.27
N GLU D 310 -6.18 -18.70 -34.85
CA GLU D 310 -5.12 -18.24 -35.73
C GLU D 310 -3.74 -18.27 -35.10
N VAL D 311 -3.60 -18.69 -33.85
CA VAL D 311 -2.30 -18.74 -33.19
C VAL D 311 -2.33 -19.84 -32.13
N LEU D 312 -1.22 -20.56 -31.99
CA LEU D 312 -1.05 -21.61 -31.00
C LEU D 312 0.31 -21.46 -30.34
N GLY D 313 0.36 -21.68 -29.04
CA GLY D 313 1.59 -21.54 -28.29
C GLY D 313 1.84 -22.74 -27.40
N ILE D 314 3.10 -23.16 -27.35
CA ILE D 314 3.51 -24.34 -26.58
C ILE D 314 4.71 -23.99 -25.72
N ILE D 315 4.72 -24.51 -24.49
CA ILE D 315 5.94 -24.66 -23.71
C ILE D 315 6.04 -26.14 -23.34
N PHE D 316 7.25 -26.68 -23.43
CA PHE D 316 7.40 -28.13 -23.37
C PHE D 316 8.85 -28.46 -23.04
N GLU D 317 9.13 -29.75 -22.91
CA GLU D 317 10.47 -30.20 -22.60
C GLU D 317 11.37 -30.09 -23.83
N LYS D 318 12.63 -29.72 -23.59
CA LYS D 318 13.54 -29.46 -24.70
C LYS D 318 13.72 -30.69 -25.59
N ASN D 319 13.73 -31.88 -24.98
CA ASN D 319 13.98 -33.09 -25.76
C ASN D 319 12.84 -33.45 -26.71
N ARG D 320 11.69 -32.79 -26.63
CA ARG D 320 10.60 -33.02 -27.57
C ARG D 320 10.52 -31.95 -28.66
N ILE D 321 11.61 -31.22 -28.92
CA ILE D 321 11.58 -30.16 -29.92
C ILE D 321 11.39 -30.73 -31.32
N ASP D 322 12.12 -31.79 -31.65
CA ASP D 322 11.96 -32.40 -32.97
C ASP D 322 10.55 -32.94 -33.14
N GLU D 323 10.02 -33.58 -32.09
CA GLU D 323 8.64 -34.06 -32.10
C GLU D 323 7.67 -32.96 -32.47
N VAL D 324 7.75 -31.82 -31.76
CA VAL D 324 6.84 -30.71 -32.02
C VAL D 324 6.98 -30.23 -33.46
N LEU D 325 8.22 -30.08 -33.92
CA LEU D 325 8.45 -29.59 -35.28
C LEU D 325 7.88 -30.56 -36.31
N GLY D 326 8.02 -31.86 -36.07
CA GLY D 326 7.45 -32.84 -36.99
C GLY D 326 5.94 -32.72 -37.11
N ILE D 327 5.26 -32.45 -36.00
CA ILE D 327 3.80 -32.32 -36.02
C ILE D 327 3.38 -31.14 -36.89
N ILE D 328 4.07 -30.00 -36.75
CA ILE D 328 3.64 -28.78 -37.41
C ILE D 328 4.08 -28.75 -38.87
N ASN D 329 5.30 -29.19 -39.16
CA ASN D 329 5.68 -29.34 -40.56
C ASN D 329 4.78 -30.34 -41.29
N GLY D 330 4.13 -31.24 -40.55
CA GLY D 330 3.13 -32.12 -41.11
C GLY D 330 1.97 -31.42 -41.78
N TYR D 331 1.25 -30.58 -41.02
CA TYR D 331 0.14 -29.83 -41.60
C TYR D 331 0.62 -28.86 -42.67
N LEU D 332 1.80 -28.27 -42.46
CA LEU D 332 2.33 -27.32 -43.44
C LEU D 332 2.69 -27.98 -44.76
N ALA D 333 2.85 -29.31 -44.77
CA ALA D 333 3.22 -30.02 -45.99
C ALA D 333 2.04 -30.20 -46.95
N SER D 334 0.81 -30.07 -46.46
CA SER D 334 -0.38 -30.22 -47.28
C SER D 334 -0.87 -28.90 -47.88
N LEU D 335 -0.04 -27.86 -47.86
CA LEU D 335 -0.38 -26.59 -48.50
C LEU D 335 0.03 -26.62 -49.96
N HIS E 20 -41.37 -31.55 13.21
CA HIS E 20 -40.76 -30.23 13.22
C HIS E 20 -40.31 -29.84 11.82
N MET E 21 -41.19 -29.13 11.12
CA MET E 21 -40.96 -28.67 9.75
C MET E 21 -40.83 -27.15 9.73
N LEU E 22 -39.81 -26.65 9.06
CA LEU E 22 -39.53 -25.22 9.00
C LEU E 22 -40.04 -24.62 7.69
N VAL E 23 -40.59 -23.41 7.79
CA VAL E 23 -41.16 -22.69 6.65
C VAL E 23 -40.60 -21.28 6.68
N ILE E 24 -39.56 -21.04 5.89
CA ILE E 24 -39.00 -19.71 5.69
C ILE E 24 -39.76 -19.04 4.55
N HIS E 25 -40.16 -17.78 4.75
CA HIS E 25 -41.05 -17.13 3.78
C HIS E 25 -40.79 -15.63 3.75
N HIS E 26 -41.16 -15.02 2.63
CA HIS E 26 -41.10 -13.57 2.44
C HIS E 26 -41.92 -12.85 3.52
N TRP E 27 -41.61 -11.57 3.70
CA TRP E 27 -42.16 -10.79 4.81
C TRP E 27 -43.38 -9.97 4.42
N ASP E 28 -43.79 -10.00 3.15
CA ASP E 28 -44.94 -9.24 2.69
C ASP E 28 -46.16 -10.15 2.59
N THR E 29 -47.29 -9.56 2.19
CA THR E 29 -48.54 -10.32 2.10
C THR E 29 -48.39 -11.55 1.23
N ASP E 30 -47.67 -11.43 0.10
CA ASP E 30 -47.51 -12.57 -0.78
C ASP E 30 -46.80 -13.71 -0.08
N GLY E 31 -45.75 -13.41 0.71
CA GLY E 31 -45.03 -14.46 1.39
C GLY E 31 -45.73 -15.01 2.61
N ILE E 32 -46.47 -14.15 3.33
CA ILE E 32 -47.17 -14.62 4.52
C ILE E 32 -48.36 -15.50 4.12
N THR E 33 -49.10 -15.10 3.08
CA THR E 33 -50.19 -15.93 2.59
C THR E 33 -49.68 -17.23 1.99
N SER E 34 -48.57 -17.18 1.27
CA SER E 34 -47.96 -18.39 0.74
C SER E 34 -47.60 -19.36 1.85
N ALA E 35 -47.08 -18.84 2.97
CA ALA E 35 -46.76 -19.68 4.11
C ALA E 35 -48.01 -20.31 4.70
N ALA E 36 -49.07 -19.51 4.87
CA ALA E 36 -50.30 -20.03 5.44
C ALA E 36 -50.89 -21.12 4.56
N LEU E 37 -50.88 -20.90 3.24
CA LEU E 37 -51.35 -21.92 2.30
C LEU E 37 -50.54 -23.21 2.44
N THR E 38 -49.22 -23.09 2.58
CA THR E 38 -48.36 -24.26 2.67
C THR E 38 -48.60 -25.03 3.96
N ILE E 39 -48.77 -24.31 5.08
CA ILE E 39 -48.97 -24.98 6.36
C ILE E 39 -50.31 -25.72 6.35
N LYS E 40 -51.32 -25.11 5.73
CA LYS E 40 -52.63 -25.76 5.67
C LYS E 40 -52.60 -26.96 4.74
N ALA E 41 -51.99 -26.81 3.56
CA ALA E 41 -51.99 -27.90 2.59
C ALA E 41 -51.25 -29.13 3.11
N LEU E 42 -50.25 -28.93 3.96
CA LEU E 42 -49.47 -30.05 4.50
C LEU E 42 -50.07 -30.65 5.77
N GLY E 43 -51.14 -30.06 6.29
CA GLY E 43 -51.75 -30.56 7.52
C GLY E 43 -50.82 -30.52 8.71
N LEU E 44 -49.98 -29.50 8.80
CA LEU E 44 -48.98 -29.43 9.86
C LEU E 44 -49.64 -29.05 11.17
N ASP E 45 -49.32 -29.80 12.23
CA ASP E 45 -49.71 -29.47 13.59
C ASP E 45 -48.53 -29.02 14.43
N ASP E 46 -47.33 -28.98 13.87
CA ASP E 46 -46.13 -28.57 14.60
C ASP E 46 -45.14 -28.04 13.56
N PHE E 47 -45.06 -26.72 13.45
CA PHE E 47 -44.23 -26.09 12.44
C PHE E 47 -43.53 -24.87 13.03
N ILE E 48 -42.44 -24.47 12.39
CA ILE E 48 -41.74 -23.23 12.71
C ILE E 48 -41.70 -22.39 11.43
N ASN E 49 -42.26 -21.18 11.50
CA ASN E 49 -42.26 -20.25 10.38
C ASN E 49 -41.42 -19.03 10.75
N ILE E 50 -40.51 -18.65 9.85
CA ILE E 50 -39.61 -17.52 10.07
C ILE E 50 -39.47 -16.73 8.77
N VAL E 51 -38.93 -15.52 8.90
CA VAL E 51 -38.58 -14.68 7.76
C VAL E 51 -37.12 -14.25 7.90
N PRO E 52 -36.40 -14.04 6.82
CA PRO E 52 -35.08 -13.42 6.92
C PRO E 52 -35.22 -11.95 7.30
N PRO E 53 -34.13 -11.27 7.66
CA PRO E 53 -34.25 -9.85 8.02
C PRO E 53 -34.84 -9.04 6.88
N ILE E 54 -35.79 -8.15 7.23
CA ILE E 54 -36.52 -7.41 6.20
C ILE E 54 -35.56 -6.61 5.33
N GLY E 55 -35.73 -6.74 4.01
CA GLY E 55 -34.95 -5.96 3.07
C GLY E 55 -33.48 -6.30 3.02
N GLU E 56 -33.08 -7.43 3.58
CA GLU E 56 -31.69 -7.88 3.59
C GLU E 56 -31.41 -8.95 2.55
N PHE E 57 -32.40 -9.76 2.20
CA PHE E 57 -32.29 -10.75 1.13
C PHE E 57 -31.08 -11.65 1.32
N ARG E 58 -30.98 -12.22 2.51
CA ARG E 58 -29.91 -13.15 2.86
C ARG E 58 -30.30 -13.87 4.13
N PHE E 59 -29.80 -15.10 4.28
CA PHE E 59 -29.99 -15.83 5.52
C PHE E 59 -28.98 -15.35 6.54
N ASP E 60 -29.46 -15.00 7.73
CA ASP E 60 -28.61 -14.58 8.83
C ASP E 60 -28.40 -15.76 9.78
N GLY E 61 -27.76 -15.49 10.93
CA GLY E 61 -27.53 -16.56 11.89
C GLY E 61 -28.80 -17.26 12.31
N ARG E 62 -29.85 -16.48 12.59
CA ARG E 62 -31.10 -17.06 13.09
C ARG E 62 -31.70 -18.04 12.09
N VAL E 63 -31.77 -17.64 10.82
CA VAL E 63 -32.36 -18.51 9.79
C VAL E 63 -31.52 -19.78 9.62
N LYS E 64 -30.19 -19.62 9.59
CA LYS E 64 -29.32 -20.76 9.34
C LYS E 64 -29.39 -21.77 10.49
N LYS E 65 -29.63 -21.32 11.72
CA LYS E 65 -29.73 -22.24 12.84
C LYS E 65 -31.02 -23.05 12.79
N HIS E 66 -32.14 -22.40 12.46
CA HIS E 66 -33.40 -23.10 12.28
C HIS E 66 -33.28 -24.19 11.23
N ILE E 67 -32.54 -23.92 10.16
CA ILE E 67 -32.39 -24.88 9.08
C ILE E 67 -31.70 -26.14 9.58
N GLU E 68 -30.66 -25.98 10.40
CA GLU E 68 -29.94 -27.15 10.91
C GLU E 68 -30.80 -27.96 11.87
N GLU E 69 -31.63 -27.29 12.66
CA GLU E 69 -32.46 -27.98 13.65
C GLU E 69 -33.66 -28.65 13.01
N ALA E 70 -34.23 -28.04 11.97
CA ALA E 70 -35.42 -28.58 11.34
C ALA E 70 -35.09 -29.84 10.53
N GLU E 71 -36.13 -30.61 10.26
CA GLU E 71 -36.03 -31.82 9.45
C GLU E 71 -36.24 -31.53 7.98
N LYS E 72 -37.34 -30.85 7.64
CA LYS E 72 -37.63 -30.41 6.29
C LYS E 72 -37.84 -28.90 6.28
N VAL E 73 -37.49 -28.27 5.17
CA VAL E 73 -37.53 -26.82 5.05
C VAL E 73 -38.33 -26.45 3.81
N TYR E 74 -39.22 -25.45 3.95
CA TYR E 74 -39.93 -24.85 2.82
C TYR E 74 -39.53 -23.39 2.73
N ILE E 75 -39.05 -22.98 1.57
CA ILE E 75 -38.66 -21.59 1.32
C ILE E 75 -39.58 -21.02 0.24
N LEU E 76 -40.26 -19.93 0.58
CA LEU E 76 -41.40 -19.44 -0.20
C LEU E 76 -41.23 -17.96 -0.50
N ASP E 77 -41.32 -17.61 -1.79
CA ASP E 77 -41.32 -16.22 -2.26
C ASP E 77 -40.03 -15.50 -1.84
N LEU E 78 -38.91 -16.21 -1.87
CA LEU E 78 -37.63 -15.65 -1.45
C LEU E 78 -36.64 -15.78 -2.59
N ASN E 79 -36.56 -14.74 -3.43
CA ASN E 79 -35.68 -14.74 -4.62
C ASN E 79 -34.20 -14.67 -4.20
N LEU E 80 -33.76 -15.60 -3.33
CA LEU E 80 -32.34 -15.62 -2.91
C LEU E 80 -31.82 -17.07 -3.03
N PRO E 81 -31.63 -17.60 -4.26
CA PRO E 81 -31.14 -18.98 -4.46
C PRO E 81 -29.72 -19.19 -3.93
N GLN E 82 -28.84 -18.19 -4.13
CA GLN E 82 -27.42 -18.25 -3.70
C GLN E 82 -27.33 -18.77 -2.25
N GLU E 83 -28.35 -18.50 -1.44
CA GLU E 83 -28.36 -18.96 -0.06
C GLU E 83 -28.98 -20.36 0.04
N VAL E 84 -29.96 -20.65 -0.83
CA VAL E 84 -30.56 -21.97 -0.87
C VAL E 84 -29.57 -23.01 -1.37
N GLU E 85 -28.60 -22.57 -2.17
CA GLU E 85 -27.63 -23.49 -2.78
C GLU E 85 -26.82 -24.24 -1.73
N ASP E 86 -26.62 -23.63 -0.56
CA ASP E 86 -25.78 -24.20 0.49
C ASP E 86 -26.57 -25.00 1.52
N VAL E 87 -27.90 -25.11 1.37
CA VAL E 87 -28.72 -25.78 2.36
C VAL E 87 -28.48 -27.29 2.30
N GLU E 88 -28.17 -27.88 3.47
CA GLU E 88 -27.91 -29.31 3.57
C GLU E 88 -29.08 -30.06 4.18
N LYS E 89 -30.31 -29.61 3.91
CA LYS E 89 -31.52 -30.27 4.36
C LYS E 89 -32.41 -30.52 3.15
N ASP E 90 -33.37 -31.43 3.33
CA ASP E 90 -34.38 -31.67 2.31
C ASP E 90 -35.30 -30.44 2.22
N THR E 91 -35.30 -29.79 1.07
CA THR E 91 -35.90 -28.46 0.94
C THR E 91 -36.78 -28.38 -0.31
N VAL E 92 -37.95 -27.78 -0.16
CA VAL E 92 -38.82 -27.42 -1.29
C VAL E 92 -38.83 -25.91 -1.40
N PHE E 93 -38.36 -25.39 -2.53
CA PHE E 93 -38.17 -23.96 -2.74
C PHE E 93 -39.16 -23.51 -3.82
N ILE E 94 -40.19 -22.78 -3.41
CA ILE E 94 -41.24 -22.29 -4.29
C ILE E 94 -41.11 -20.78 -4.40
N ASP E 95 -41.12 -20.26 -5.62
CA ASP E 95 -40.93 -18.84 -5.88
C ASP E 95 -41.41 -18.55 -7.29
N HIS E 96 -41.69 -17.28 -7.56
CA HIS E 96 -42.12 -16.84 -8.87
C HIS E 96 -41.24 -15.73 -9.44
N HIS E 97 -40.14 -15.39 -8.79
CA HIS E 97 -39.23 -14.40 -9.34
C HIS E 97 -38.38 -15.03 -10.45
N LEU E 98 -37.85 -14.16 -11.31
CA LEU E 98 -36.90 -14.61 -12.32
C LEU E 98 -35.56 -14.91 -11.66
N GLN E 99 -35.12 -16.16 -11.74
CA GLN E 99 -33.98 -16.61 -10.96
C GLN E 99 -33.22 -17.68 -11.73
N LYS E 100 -32.09 -18.09 -11.16
CA LYS E 100 -31.22 -19.09 -11.75
C LYS E 100 -31.58 -20.47 -11.23
N LYS E 101 -31.46 -21.48 -12.08
CA LYS E 101 -31.75 -22.86 -11.68
C LYS E 101 -30.83 -23.29 -10.53
N ILE E 102 -31.43 -23.91 -9.51
CA ILE E 102 -30.67 -24.36 -8.35
C ILE E 102 -30.07 -25.73 -8.64
N LYS E 103 -28.77 -25.86 -8.40
CA LYS E 103 -28.06 -27.10 -8.68
C LYS E 103 -28.14 -28.10 -7.53
N ASN E 104 -28.24 -27.62 -6.30
CA ASN E 104 -28.30 -28.46 -5.11
C ASN E 104 -29.35 -29.55 -5.29
N PRO E 105 -28.96 -30.83 -5.26
CA PRO E 105 -29.96 -31.90 -5.46
C PRO E 105 -30.93 -32.03 -4.31
N LYS E 106 -30.54 -31.63 -3.09
CA LYS E 106 -31.44 -31.71 -1.94
C LYS E 106 -32.60 -30.72 -2.02
N VAL E 107 -32.54 -29.75 -2.93
CA VAL E 107 -33.58 -28.75 -3.11
C VAL E 107 -34.45 -29.12 -4.30
N ARG E 108 -35.76 -29.05 -4.12
CA ARG E 108 -36.71 -29.24 -5.21
C ARG E 108 -37.27 -27.86 -5.57
N GLN E 109 -36.77 -27.29 -6.67
CA GLN E 109 -37.17 -25.96 -7.08
C GLN E 109 -38.50 -26.00 -7.84
N VAL E 110 -39.42 -25.12 -7.45
CA VAL E 110 -40.75 -24.99 -8.07
C VAL E 110 -40.91 -23.54 -8.47
N ASN E 111 -40.70 -23.25 -9.76
CA ASN E 111 -40.84 -21.89 -10.28
C ASN E 111 -41.43 -21.93 -11.69
N PRO E 112 -42.63 -21.36 -11.88
CA PRO E 112 -43.30 -21.44 -13.19
C PRO E 112 -42.78 -20.44 -14.20
N ILE E 113 -41.55 -19.97 -14.01
CA ILE E 113 -40.84 -19.18 -15.01
C ILE E 113 -39.69 -19.98 -15.60
N LEU E 114 -38.87 -20.58 -14.74
CA LEU E 114 -37.90 -21.56 -15.20
C LEU E 114 -38.58 -22.70 -15.94
N GLU E 115 -39.67 -23.23 -15.37
CA GLU E 115 -40.44 -24.30 -15.99
C GLU E 115 -41.14 -23.89 -17.28
N ARG E 116 -40.93 -22.66 -17.77
CA ARG E 116 -41.33 -22.14 -19.07
C ARG E 116 -42.81 -21.74 -19.09
N MET E 117 -43.63 -22.14 -18.12
CA MET E 117 -45.04 -21.77 -18.13
C MET E 117 -45.22 -20.26 -18.05
N ASN E 118 -46.41 -19.82 -18.40
CA ASN E 118 -46.69 -18.38 -18.47
C ASN E 118 -46.60 -17.77 -17.08
N GLY E 119 -45.87 -16.66 -16.96
CA GLY E 119 -45.76 -15.93 -15.71
C GLY E 119 -46.87 -14.94 -15.45
N LYS E 120 -47.73 -14.70 -16.45
CA LYS E 120 -48.95 -13.94 -16.24
C LYS E 120 -50.05 -14.79 -15.60
N GLU E 121 -49.99 -16.10 -15.79
CA GLU E 121 -50.86 -17.03 -15.07
C GLU E 121 -50.51 -17.11 -13.60
N PHE E 122 -49.30 -16.69 -13.21
CA PHE E 122 -48.81 -16.78 -11.83
C PHE E 122 -48.36 -15.39 -11.39
N PRO E 123 -49.30 -14.52 -11.00
CA PRO E 123 -48.91 -13.16 -10.62
C PRO E 123 -48.19 -13.09 -9.29
N SER E 124 -48.35 -14.09 -8.43
CA SER E 124 -47.78 -14.10 -7.10
C SER E 124 -47.38 -15.51 -6.73
N ALA E 125 -46.47 -15.61 -5.75
CA ALA E 125 -46.11 -16.91 -5.21
C ALA E 125 -47.31 -17.64 -4.61
N SER E 126 -48.28 -16.87 -4.10
CA SER E 126 -49.49 -17.48 -3.55
C SER E 126 -50.23 -18.30 -4.61
N PHE E 127 -50.27 -17.82 -5.85
CA PHE E 127 -50.85 -18.63 -6.91
C PHE E 127 -49.98 -19.85 -7.22
N VAL E 128 -48.66 -19.67 -7.20
CA VAL E 128 -47.75 -20.80 -7.43
C VAL E 128 -47.91 -21.85 -6.34
N VAL E 129 -47.98 -21.41 -5.08
CA VAL E 129 -48.19 -22.33 -3.97
C VAL E 129 -49.54 -23.02 -4.13
N SER E 130 -50.57 -22.25 -4.47
CA SER E 130 -51.91 -22.82 -4.65
C SER E 130 -51.91 -23.87 -5.73
N ASN E 131 -51.36 -23.56 -6.91
CA ASN E 131 -51.33 -24.53 -7.99
C ASN E 131 -50.52 -25.75 -7.61
N HIS E 132 -49.43 -25.55 -6.86
CA HIS E 132 -48.60 -26.67 -6.43
C HIS E 132 -49.39 -27.63 -5.56
N PHE E 133 -50.18 -27.10 -4.62
CA PHE E 133 -50.95 -27.92 -3.68
C PHE E 133 -52.39 -28.10 -4.12
N SER E 134 -52.83 -27.42 -5.17
CA SER E 134 -54.22 -27.43 -5.62
C SER E 134 -55.16 -27.05 -4.47
N LEU E 135 -54.79 -25.99 -3.75
CA LEU E 135 -55.57 -25.47 -2.63
C LEU E 135 -55.79 -23.99 -2.88
N TRP E 136 -57.02 -23.63 -3.25
CA TRP E 136 -57.39 -22.27 -3.67
C TRP E 136 -58.42 -21.69 -2.72
N ASN E 137 -58.06 -20.61 -2.02
CA ASN E 137 -58.98 -19.91 -1.15
C ASN E 137 -58.65 -18.42 -1.22
N SER E 138 -59.17 -17.65 -0.26
CA SER E 138 -58.98 -16.21 -0.29
C SER E 138 -57.54 -15.80 -0.03
N TRP E 139 -56.76 -16.62 0.69
CA TRP E 139 -55.33 -16.33 0.87
C TRP E 139 -54.61 -16.27 -0.48
N SER E 140 -55.03 -17.12 -1.42
CA SER E 140 -54.45 -17.07 -2.75
C SER E 140 -54.62 -15.70 -3.38
N SER E 141 -55.81 -15.11 -3.25
CA SER E 141 -56.06 -13.81 -3.85
C SER E 141 -55.21 -12.72 -3.19
N LEU E 142 -55.16 -12.71 -1.86
CA LEU E 142 -54.37 -11.70 -1.15
C LEU E 142 -52.94 -11.61 -1.65
N GLY E 143 -52.30 -12.76 -1.84
CA GLY E 143 -50.96 -12.77 -2.41
C GLY E 143 -50.89 -12.09 -3.76
N ALA E 144 -51.87 -12.37 -4.63
CA ALA E 144 -51.90 -11.75 -5.95
C ALA E 144 -52.08 -10.24 -5.85
N VAL E 145 -52.97 -9.79 -4.95
CA VAL E 145 -53.15 -8.36 -4.75
C VAL E 145 -51.89 -7.75 -4.13
N GLY E 146 -51.19 -8.50 -3.29
CA GLY E 146 -49.99 -8.01 -2.64
C GLY E 146 -48.79 -7.85 -3.55
N ASP E 147 -48.81 -8.42 -4.75
CA ASP E 147 -47.71 -8.30 -5.69
C ASP E 147 -48.01 -7.41 -6.88
N ILE E 148 -49.25 -7.43 -7.39
CA ILE E 148 -49.55 -6.67 -8.59
C ILE E 148 -50.73 -5.74 -8.34
N GLY E 149 -51.15 -5.64 -7.09
CA GLY E 149 -52.12 -4.62 -6.72
C GLY E 149 -53.46 -4.81 -7.39
N ASN E 150 -53.99 -3.71 -7.94
CA ASN E 150 -55.32 -3.75 -8.54
C ASN E 150 -55.38 -4.63 -9.78
N LYS E 151 -54.24 -4.89 -10.40
CA LYS E 151 -54.25 -5.72 -11.59
C LYS E 151 -54.63 -7.16 -11.28
N ALA E 152 -54.48 -7.57 -10.01
CA ALA E 152 -54.87 -8.92 -9.62
C ALA E 152 -56.35 -9.17 -9.86
N PHE E 153 -57.18 -8.14 -9.75
CA PHE E 153 -58.63 -8.31 -9.92
C PHE E 153 -59.01 -8.59 -11.35
N GLU E 154 -58.14 -8.28 -12.32
CA GLU E 154 -58.39 -8.62 -13.71
C GLU E 154 -58.29 -10.12 -13.98
N ILE E 155 -57.87 -10.92 -13.01
CA ILE E 155 -57.97 -12.38 -13.10
C ILE E 155 -59.27 -12.79 -12.40
N PRO E 156 -60.18 -13.48 -13.10
CA PRO E 156 -61.47 -13.83 -12.48
C PRO E 156 -61.31 -14.69 -11.24
N LYS E 157 -60.22 -15.45 -11.13
CA LYS E 157 -60.01 -16.28 -9.96
C LYS E 157 -59.90 -15.44 -8.69
N THR E 158 -59.38 -14.21 -8.80
CA THR E 158 -59.16 -13.37 -7.62
C THR E 158 -60.48 -12.98 -6.97
N LEU E 159 -61.35 -12.31 -7.73
CA LEU E 159 -62.64 -11.91 -7.17
C LEU E 159 -63.45 -13.11 -6.73
N GLU E 160 -63.44 -14.19 -7.51
CA GLU E 160 -64.22 -15.38 -7.16
C GLU E 160 -63.81 -15.93 -5.79
N LEU E 161 -62.51 -16.04 -5.55
CA LEU E 161 -62.06 -16.59 -4.27
C LEU E 161 -62.33 -15.62 -3.12
N LEU E 162 -62.11 -14.32 -3.34
CA LEU E 162 -62.46 -13.32 -2.34
C LEU E 162 -63.95 -13.29 -2.08
N LYS E 163 -64.76 -13.65 -3.09
CA LYS E 163 -66.21 -13.59 -2.97
C LYS E 163 -66.73 -14.59 -1.94
N THR E 164 -66.16 -15.80 -1.93
CA THR E 164 -66.59 -16.84 -0.98
C THR E 164 -66.50 -16.35 0.46
N GLU E 165 -65.48 -15.58 0.79
CA GLU E 165 -65.33 -14.98 2.11
C GLU E 165 -66.09 -13.68 2.26
N GLY E 166 -66.87 -13.28 1.24
CA GLY E 166 -67.61 -12.04 1.24
C GLY E 166 -66.74 -10.81 1.46
N LEU E 167 -65.73 -10.64 0.61
CA LEU E 167 -64.79 -9.53 0.72
C LEU E 167 -64.81 -8.71 -0.57
N THR E 168 -64.72 -7.39 -0.41
CA THR E 168 -64.70 -6.50 -1.56
C THR E 168 -63.29 -6.32 -2.08
N LYS E 169 -63.19 -5.70 -3.26
CA LYS E 169 -61.89 -5.31 -3.79
C LYS E 169 -61.13 -4.50 -2.75
N ASN E 170 -61.74 -3.43 -2.25
CA ASN E 170 -61.09 -2.55 -1.30
C ASN E 170 -60.71 -3.28 -0.02
N GLU E 171 -61.54 -4.23 0.42
CA GLU E 171 -61.27 -4.95 1.65
C GLU E 171 -59.99 -5.78 1.54
N ALA E 172 -59.72 -6.34 0.35
CA ALA E 172 -58.47 -7.07 0.16
C ALA E 172 -57.30 -6.11 0.04
N LEU E 173 -57.50 -4.97 -0.64
CA LEU E 173 -56.45 -3.97 -0.72
C LEU E 173 -56.11 -3.45 0.67
N LYS E 174 -57.13 -3.27 1.52
CA LYS E 174 -56.89 -2.84 2.89
C LYS E 174 -56.16 -3.92 3.68
N LEU E 175 -56.51 -5.18 3.45
CA LEU E 175 -55.85 -6.26 4.18
C LEU E 175 -54.38 -6.36 3.84
N VAL E 176 -54.01 -6.05 2.59
CA VAL E 176 -52.60 -6.08 2.20
C VAL E 176 -51.83 -4.99 2.93
N GLN E 177 -52.41 -3.79 3.05
CA GLN E 177 -51.77 -2.72 3.79
C GLN E 177 -51.55 -3.11 5.25
N LEU E 178 -52.55 -3.72 5.87
CA LEU E 178 -52.42 -4.10 7.27
C LEU E 178 -51.33 -5.15 7.47
N ILE E 179 -51.33 -6.17 6.63
CA ILE E 179 -50.34 -7.24 6.75
C ILE E 179 -48.95 -6.71 6.44
N ASP E 180 -48.84 -5.91 5.38
CA ASP E 180 -47.54 -5.34 5.02
C ASP E 180 -47.01 -4.41 6.11
N SER E 181 -47.90 -3.79 6.89
CA SER E 181 -47.47 -2.86 7.93
C SER E 181 -46.45 -3.48 8.89
N ASN E 182 -46.50 -4.80 9.06
CA ASN E 182 -45.58 -5.45 9.98
C ASN E 182 -44.15 -5.38 9.49
N TYR E 183 -43.91 -5.78 8.24
CA TYR E 183 -42.54 -5.75 7.73
C TYR E 183 -42.05 -4.32 7.52
N ILE E 184 -42.96 -3.40 7.16
CA ILE E 184 -42.55 -2.01 6.95
C ILE E 184 -42.04 -1.40 8.24
N THR E 185 -42.70 -1.70 9.37
CA THR E 185 -42.25 -1.20 10.66
C THR E 185 -41.07 -1.99 11.21
N MET E 186 -40.52 -2.91 10.42
CA MET E 186 -39.31 -3.65 10.79
C MET E 186 -39.55 -4.60 11.96
N ASP E 187 -40.73 -5.21 12.00
CA ASP E 187 -41.12 -6.13 13.08
C ASP E 187 -41.04 -7.55 12.54
N ARG E 188 -39.87 -8.19 12.73
CA ARG E 188 -39.71 -9.57 12.29
C ARG E 188 -40.68 -10.49 12.99
N SER E 189 -40.91 -10.28 14.28
CA SER E 189 -41.78 -11.16 15.05
C SER E 189 -43.24 -10.97 14.63
N ALA E 190 -43.68 -9.72 14.42
CA ALA E 190 -45.06 -9.48 14.01
C ALA E 190 -45.31 -9.98 12.60
N ALA E 191 -44.32 -9.86 11.72
CA ALA E 191 -44.46 -10.39 10.37
C ALA E 191 -44.58 -11.90 10.39
N GLU E 192 -43.82 -12.55 11.28
CA GLU E 192 -43.91 -14.00 11.40
C GLU E 192 -45.23 -14.42 12.05
N LYS E 193 -45.65 -13.71 13.09
CA LYS E 193 -46.90 -14.06 13.75
C LYS E 193 -48.10 -13.84 12.85
N ALA E 194 -47.98 -12.93 11.87
CA ALA E 194 -49.09 -12.68 10.95
C ALA E 194 -49.53 -13.95 10.23
N VAL E 195 -48.61 -14.92 10.05
CA VAL E 195 -49.01 -16.18 9.44
C VAL E 195 -50.00 -16.92 10.34
N GLU E 196 -49.72 -16.93 11.65
CA GLU E 196 -50.61 -17.60 12.61
C GLU E 196 -51.99 -16.94 12.64
N LEU E 197 -52.03 -15.61 12.55
CA LEU E 197 -53.31 -14.91 12.57
C LEU E 197 -54.13 -15.22 11.32
N VAL E 198 -53.47 -15.28 10.16
CA VAL E 198 -54.18 -15.63 8.93
C VAL E 198 -54.69 -17.07 9.01
N LEU E 199 -53.89 -17.95 9.60
CA LEU E 199 -54.29 -19.36 9.71
C LEU E 199 -55.44 -19.55 10.68
N ASN E 200 -55.50 -18.75 11.75
CA ASN E 200 -56.40 -19.01 12.87
C ASN E 200 -57.56 -18.03 12.99
N ARG E 201 -57.67 -17.04 12.10
CA ARG E 201 -58.74 -16.05 12.17
C ARG E 201 -59.24 -15.71 10.77
N PRO E 202 -60.55 -15.50 10.62
CA PRO E 202 -61.09 -15.08 9.32
C PRO E 202 -60.45 -13.78 8.86
N LEU E 203 -60.30 -13.64 7.53
CA LEU E 203 -59.71 -12.43 6.99
C LEU E 203 -60.51 -11.20 7.38
N LYS E 204 -61.84 -11.30 7.35
CA LYS E 204 -62.67 -10.16 7.68
C LYS E 204 -62.53 -9.74 9.14
N GLU E 205 -62.12 -10.67 10.02
CA GLU E 205 -61.77 -10.30 11.39
C GLU E 205 -60.48 -9.48 11.42
N LEU E 206 -59.48 -9.88 10.65
CA LEU E 206 -58.19 -9.20 10.69
C LEU E 206 -58.29 -7.76 10.19
N LEU E 207 -59.34 -7.43 9.45
CA LEU E 207 -59.59 -6.04 9.09
C LEU E 207 -59.82 -5.17 10.33
N GLU E 208 -60.12 -5.79 11.47
CA GLU E 208 -60.33 -5.10 12.73
C GLU E 208 -59.12 -5.16 13.65
N TYR E 209 -58.11 -5.96 13.31
CA TYR E 209 -56.97 -6.19 14.21
C TYR E 209 -56.27 -4.89 14.57
N GLU E 210 -56.39 -4.50 15.84
CA GLU E 210 -55.89 -3.20 16.28
C GLU E 210 -54.36 -3.07 16.15
N PRO E 211 -53.54 -4.06 16.50
CA PRO E 211 -52.08 -3.87 16.35
C PRO E 211 -51.66 -3.52 14.92
N TRP E 212 -52.25 -4.17 13.91
CA TRP E 212 -51.92 -3.82 12.52
C TRP E 212 -52.41 -2.43 12.16
N ILE E 213 -53.62 -2.07 12.62
CA ILE E 213 -54.16 -0.74 12.33
C ILE E 213 -53.26 0.33 12.91
N LYS E 214 -52.78 0.13 14.14
CA LYS E 214 -51.91 1.12 14.77
C LYS E 214 -50.62 1.31 13.98
N ASN E 215 -50.09 0.23 13.40
CA ASN E 215 -48.91 0.36 12.55
C ASN E 215 -49.23 1.17 11.30
N LEU E 216 -50.39 0.90 10.69
CA LEU E 216 -50.68 1.47 9.38
C LEU E 216 -50.90 2.98 9.46
N GLU E 217 -51.50 3.44 10.56
CA GLU E 217 -51.70 4.89 10.75
C GLU E 217 -50.37 5.63 10.74
N GLU E 218 -49.36 5.08 11.41
CA GLU E 218 -48.04 5.71 11.48
C GLU E 218 -47.29 5.66 10.15
N ILE E 219 -47.60 4.68 9.30
CA ILE E 219 -46.85 4.49 8.06
C ILE E 219 -47.34 5.43 6.96
N GLU E 220 -48.66 5.62 6.86
CA GLU E 220 -49.19 6.55 5.87
C GLU E 220 -48.70 7.97 6.14
N ARG E 221 -48.63 8.36 7.41
CA ARG E 221 -48.18 9.70 7.77
C ARG E 221 -46.74 9.95 7.30
N THR E 222 -45.87 8.95 7.45
CA THR E 222 -44.48 9.11 7.02
C THR E 222 -44.32 8.93 5.52
N ILE E 223 -45.26 8.25 4.86
CA ILE E 223 -45.15 8.10 3.41
C ILE E 223 -45.48 9.42 2.71
N LYS E 224 -46.44 10.17 3.25
CA LYS E 224 -46.76 11.48 2.68
C LYS E 224 -45.55 12.41 2.67
N ASP E 225 -44.67 12.29 3.68
CA ASP E 225 -43.48 13.13 3.74
C ASP E 225 -42.55 12.86 2.55
N VAL E 226 -42.31 11.58 2.25
CA VAL E 226 -41.40 11.25 1.14
C VAL E 226 -42.00 11.67 -0.19
N LEU E 227 -43.32 11.51 -0.35
CA LEU E 227 -43.97 11.91 -1.59
C LEU E 227 -43.90 13.41 -1.82
N SER E 228 -43.66 14.20 -0.78
CA SER E 228 -43.55 15.64 -0.96
C SER E 228 -42.28 16.02 -1.72
N GLY E 229 -41.20 15.26 -1.51
CA GLY E 229 -39.93 15.56 -2.14
C GLY E 229 -39.60 14.68 -3.32
N ILE E 230 -40.48 14.64 -4.33
CA ILE E 230 -40.24 13.86 -5.54
C ILE E 230 -40.00 14.83 -6.70
N GLU E 231 -39.18 14.40 -7.65
CA GLU E 231 -38.90 15.17 -8.85
C GLU E 231 -39.11 14.27 -10.07
N VAL E 232 -39.04 14.85 -11.26
CA VAL E 232 -39.47 14.15 -12.46
C VAL E 232 -38.63 14.59 -13.66
N LYS E 233 -38.35 13.63 -14.54
CA LYS E 233 -37.66 13.87 -15.80
C LYS E 233 -38.06 12.76 -16.75
N ASN E 234 -38.43 13.12 -17.99
CA ASN E 234 -38.84 12.14 -18.99
C ASN E 234 -39.99 11.27 -18.51
N ASP E 235 -40.87 11.84 -17.67
CA ASP E 235 -41.98 11.11 -17.04
C ASP E 235 -41.47 9.96 -16.18
N ILE E 236 -40.26 10.10 -15.64
CA ILE E 236 -39.68 9.15 -14.70
C ILE E 236 -39.52 9.85 -13.36
N ALA E 237 -40.08 9.25 -12.30
CA ALA E 237 -40.05 9.83 -10.97
C ALA E 237 -38.76 9.44 -10.25
N PHE E 238 -38.04 10.45 -9.75
CA PHE E 238 -36.83 10.23 -8.95
C PHE E 238 -37.12 10.66 -7.52
N ILE E 239 -37.17 9.67 -6.61
CA ILE E 239 -37.57 9.91 -5.23
C ILE E 239 -36.42 9.49 -4.32
N GLU E 240 -35.84 10.45 -3.63
CA GLU E 240 -34.71 10.24 -2.74
C GLU E 240 -35.13 10.60 -1.32
N TYR E 241 -34.74 9.77 -0.36
CA TYR E 241 -35.12 9.96 1.04
C TYR E 241 -34.17 9.18 1.94
N SER E 242 -34.36 9.36 3.25
CA SER E 242 -33.60 8.64 4.26
C SER E 242 -34.56 8.20 5.34
N SER E 243 -34.58 6.90 5.65
CA SER E 243 -35.56 6.38 6.61
C SER E 243 -35.20 4.96 7.06
N PRO E 244 -35.58 4.59 8.29
CA PRO E 244 -35.43 3.20 8.72
C PRO E 244 -36.61 2.29 8.40
N PHE E 245 -37.72 2.83 7.90
CA PHE E 245 -38.83 2.01 7.45
C PHE E 245 -38.56 1.42 6.06
N ASN E 246 -39.08 0.21 5.84
CA ASN E 246 -38.97 -0.42 4.52
C ASN E 246 -40.13 0.00 3.64
N ILE E 247 -40.20 1.32 3.40
CA ILE E 247 -41.27 1.87 2.57
C ILE E 247 -40.88 1.95 1.11
N ILE E 248 -39.63 1.60 0.75
CA ILE E 248 -39.19 1.78 -0.62
C ILE E 248 -40.06 1.02 -1.60
N SER E 249 -40.59 -0.13 -1.17
CA SER E 249 -41.44 -0.93 -2.05
C SER E 249 -42.73 -0.19 -2.38
N LYS E 250 -43.40 0.36 -1.37
CA LYS E 250 -44.67 1.07 -1.58
C LYS E 250 -44.46 2.38 -2.31
N ILE E 251 -43.33 3.06 -2.10
CA ILE E 251 -43.09 4.33 -2.76
C ILE E 251 -42.99 4.15 -4.27
N ALA E 252 -42.24 3.13 -4.71
CA ALA E 252 -42.11 2.88 -6.15
C ALA E 252 -43.45 2.57 -6.79
N ARG E 253 -44.28 1.79 -6.11
CA ARG E 253 -45.60 1.46 -6.63
C ARG E 253 -46.47 2.71 -6.70
N LYS E 254 -46.49 3.51 -5.63
CA LYS E 254 -47.28 4.72 -5.63
C LYS E 254 -46.90 5.64 -6.80
N ALA E 255 -45.61 5.73 -7.10
CA ALA E 255 -45.17 6.63 -8.15
C ALA E 255 -45.62 6.16 -9.52
N VAL E 256 -45.62 4.86 -9.75
CA VAL E 256 -45.98 4.30 -11.04
C VAL E 256 -47.47 3.94 -11.09
N TRP E 257 -47.96 3.23 -10.07
CA TRP E 257 -49.30 2.67 -10.11
C TRP E 257 -50.37 3.73 -9.85
N GLU E 258 -50.13 4.65 -8.91
CA GLU E 258 -51.13 5.63 -8.53
C GLU E 258 -50.93 6.97 -9.22
N MET E 259 -49.73 7.55 -9.11
CA MET E 259 -49.48 8.85 -9.71
C MET E 259 -49.32 8.80 -11.23
N GLY E 260 -49.11 7.61 -11.80
CA GLY E 260 -49.12 7.45 -13.24
C GLY E 260 -47.83 7.72 -13.97
N TYR E 261 -46.70 7.82 -13.27
CA TYR E 261 -45.42 8.01 -13.94
C TYR E 261 -44.98 6.73 -14.62
N ASN E 262 -44.23 6.88 -15.72
CA ASN E 262 -43.83 5.70 -16.49
C ASN E 262 -42.77 4.88 -15.75
N GLY E 263 -41.98 5.53 -14.91
CA GLY E 263 -40.96 4.83 -14.15
C GLY E 263 -40.63 5.57 -12.88
N ALA E 264 -40.13 4.83 -11.89
CA ALA E 264 -39.74 5.40 -10.61
C ALA E 264 -38.39 4.83 -10.19
N VAL E 265 -37.44 5.72 -9.89
CA VAL E 265 -36.17 5.36 -9.29
C VAL E 265 -36.20 5.88 -7.86
N VAL E 266 -36.29 4.98 -6.88
CA VAL E 266 -36.44 5.34 -5.47
C VAL E 266 -35.15 4.98 -4.74
N LEU E 267 -34.63 5.93 -3.97
CA LEU E 267 -33.38 5.74 -3.25
C LEU E 267 -33.59 6.05 -1.77
N ASN E 268 -33.31 5.08 -0.91
CA ASN E 268 -33.31 5.25 0.53
C ASN E 268 -31.85 5.20 0.98
N ARG E 269 -31.35 6.32 1.49
CA ARG E 269 -29.92 6.45 1.73
C ARG E 269 -29.45 5.85 3.05
N SER E 270 -30.32 5.69 4.04
CA SER E 270 -29.88 5.25 5.35
C SER E 270 -30.83 4.17 5.89
N PHE E 271 -30.97 3.08 5.13
CA PHE E 271 -31.72 1.93 5.62
C PHE E 271 -30.79 1.05 6.43
N HIS E 272 -30.72 1.32 7.73
CA HIS E 272 -30.03 0.48 8.70
C HIS E 272 -28.59 0.16 8.25
N GLU E 273 -27.80 1.23 8.19
CA GLU E 273 -26.38 1.17 7.86
C GLU E 273 -26.12 0.64 6.44
N LYS E 274 -27.13 0.63 5.59
CA LYS E 274 -26.97 0.26 4.19
C LYS E 274 -27.87 1.13 3.32
N ALA E 275 -27.55 1.16 2.04
CA ALA E 275 -28.37 1.85 1.07
C ALA E 275 -29.39 0.90 0.45
N GLN E 276 -30.30 1.46 -0.35
CA GLN E 276 -31.45 0.71 -0.81
C GLN E 276 -32.05 1.44 -2.00
N LEU E 277 -32.07 0.81 -3.17
CA LEU E 277 -32.60 1.45 -4.37
C LEU E 277 -33.59 0.53 -5.06
N TYR E 278 -34.67 1.11 -5.58
CA TYR E 278 -35.72 0.41 -6.28
C TYR E 278 -35.96 1.08 -7.62
N PHE E 279 -36.15 0.27 -8.65
CA PHE E 279 -36.40 0.75 -10.01
C PHE E 279 -37.61 0.03 -10.58
N ARG E 280 -38.75 0.72 -10.62
CA ARG E 280 -39.99 0.15 -11.14
C ARG E 280 -40.42 0.92 -12.38
N ILE E 281 -40.85 0.18 -13.40
CA ILE E 281 -41.36 0.79 -14.63
C ILE E 281 -42.78 0.32 -14.87
N SER E 282 -43.47 1.04 -15.73
CA SER E 282 -44.80 0.66 -16.16
C SER E 282 -44.71 -0.29 -17.34
N PRO E 283 -45.77 -1.07 -17.59
CA PRO E 283 -45.77 -1.94 -18.76
C PRO E 283 -45.50 -1.22 -20.08
N ASP E 284 -45.80 0.09 -20.16
CA ASP E 284 -45.47 0.84 -21.38
C ASP E 284 -43.96 0.82 -21.66
N LEU E 285 -43.14 1.02 -20.63
CA LEU E 285 -41.70 1.00 -20.79
C LEU E 285 -41.10 -0.40 -20.62
N LYS E 286 -41.95 -1.42 -20.45
CA LYS E 286 -41.46 -2.75 -20.15
C LYS E 286 -40.68 -3.35 -21.32
N GLU E 287 -40.98 -2.92 -22.55
CA GLU E 287 -40.25 -3.39 -23.72
C GLU E 287 -38.98 -2.58 -23.99
N LYS E 288 -39.06 -1.26 -23.84
CA LYS E 288 -37.91 -0.41 -24.14
C LYS E 288 -36.77 -0.65 -23.15
N ILE E 289 -37.09 -1.10 -21.94
CA ILE E 289 -36.10 -1.34 -20.89
C ILE E 289 -36.04 -2.83 -20.60
N ASP E 290 -34.82 -3.37 -20.55
CA ASP E 290 -34.59 -4.77 -20.17
C ASP E 290 -34.28 -4.83 -18.69
N MET E 291 -35.31 -5.08 -17.88
CA MET E 291 -35.11 -5.16 -16.44
C MET E 291 -34.29 -6.38 -16.05
N GLU E 292 -34.35 -7.45 -16.85
CA GLU E 292 -33.58 -8.65 -16.53
C GLU E 292 -32.08 -8.38 -16.66
N GLY E 293 -31.68 -7.75 -17.76
CA GLY E 293 -30.27 -7.44 -17.93
C GLY E 293 -29.73 -6.52 -16.85
N ILE E 294 -30.50 -5.51 -16.47
CA ILE E 294 -30.04 -4.59 -15.42
C ILE E 294 -29.81 -5.35 -14.12
N ILE E 295 -30.61 -6.39 -13.87
CA ILE E 295 -30.39 -7.23 -12.70
C ILE E 295 -29.05 -7.94 -12.80
N GLN E 296 -28.80 -8.59 -13.95
CA GLN E 296 -27.56 -9.34 -14.13
C GLN E 296 -26.34 -8.44 -13.99
N ILE E 297 -26.36 -7.27 -14.64
CA ILE E 297 -25.22 -6.37 -14.54
C ILE E 297 -24.96 -6.01 -13.08
N LEU E 298 -26.02 -5.77 -12.32
CA LEU E 298 -25.85 -5.44 -10.91
C LEU E 298 -25.29 -6.63 -10.15
N LYS E 299 -25.78 -7.83 -10.45
CA LYS E 299 -25.31 -9.04 -9.77
C LYS E 299 -23.84 -9.30 -10.10
N ASN E 300 -23.47 -9.20 -11.37
CA ASN E 300 -22.08 -9.35 -11.77
C ASN E 300 -21.17 -8.39 -11.01
N ARG E 301 -21.61 -7.15 -10.84
CA ARG E 301 -20.87 -6.13 -10.10
C ARG E 301 -20.87 -6.36 -8.61
N GLY E 302 -21.40 -7.48 -8.14
CA GLY E 302 -21.38 -7.79 -6.73
C GLY E 302 -22.49 -7.18 -5.91
N PHE E 303 -23.52 -6.64 -6.55
CA PHE E 303 -24.65 -6.07 -5.83
C PHE E 303 -25.65 -7.15 -5.46
N ASN E 304 -26.30 -6.97 -4.30
CA ASN E 304 -27.39 -7.84 -3.89
C ASN E 304 -28.67 -7.29 -4.51
N ALA E 305 -28.89 -7.67 -5.77
CA ALA E 305 -29.98 -7.16 -6.58
C ALA E 305 -30.90 -8.29 -7.03
N GLY E 306 -32.18 -7.98 -7.15
CA GLY E 306 -33.16 -8.89 -7.73
C GLY E 306 -34.40 -8.14 -8.14
N GLY E 307 -35.31 -8.86 -8.79
CA GLY E 307 -36.59 -8.26 -9.14
C GLY E 307 -37.36 -9.07 -10.14
N LYS E 308 -38.08 -8.36 -11.00
CA LYS E 308 -38.94 -8.98 -12.00
C LYS E 308 -38.71 -8.25 -13.32
N SER E 309 -39.61 -8.49 -14.28
CA SER E 309 -39.51 -7.84 -15.58
C SER E 309 -39.99 -6.39 -15.57
N GLU E 310 -40.50 -5.91 -14.43
CA GLU E 310 -40.93 -4.52 -14.34
C GLU E 310 -40.48 -3.84 -13.06
N VAL E 311 -39.74 -4.53 -12.19
CA VAL E 311 -39.31 -3.95 -10.92
C VAL E 311 -37.94 -4.54 -10.56
N LEU E 312 -37.10 -3.68 -9.98
CA LEU E 312 -35.75 -3.99 -9.59
C LEU E 312 -35.50 -3.51 -8.18
N GLY E 313 -34.85 -4.33 -7.36
CA GLY E 313 -34.55 -3.94 -5.99
C GLY E 313 -33.12 -4.23 -5.60
N ILE E 314 -32.45 -3.27 -4.98
CA ILE E 314 -31.05 -3.44 -4.57
C ILE E 314 -30.90 -2.96 -3.15
N ILE E 315 -30.12 -3.68 -2.36
CA ILE E 315 -29.53 -3.17 -1.13
C ILE E 315 -28.02 -3.32 -1.22
N PHE E 316 -27.30 -2.29 -0.78
CA PHE E 316 -25.89 -2.20 -1.09
C PHE E 316 -25.21 -1.26 -0.11
N GLU E 317 -23.89 -1.14 -0.27
CA GLU E 317 -23.10 -0.27 0.60
C GLU E 317 -23.30 1.19 0.22
N LYS E 318 -23.28 2.05 1.25
CA LYS E 318 -23.59 3.46 1.04
C LYS E 318 -22.63 4.11 0.06
N ASN E 319 -21.35 3.72 0.08
CA ASN E 319 -20.37 4.36 -0.78
C ASN E 319 -20.54 4.00 -2.26
N ARG E 320 -21.41 3.05 -2.60
CA ARG E 320 -21.68 2.70 -4.00
C ARG E 320 -22.98 3.33 -4.51
N ILE E 321 -23.48 4.38 -3.86
CA ILE E 321 -24.75 4.97 -4.27
C ILE E 321 -24.61 5.62 -5.64
N ASP E 322 -23.55 6.41 -5.82
CA ASP E 322 -23.35 7.06 -7.12
C ASP E 322 -23.15 6.02 -8.21
N GLU E 323 -22.39 4.97 -7.92
CA GLU E 323 -22.21 3.87 -8.87
C GLU E 323 -23.56 3.34 -9.36
N VAL E 324 -24.44 2.99 -8.41
CA VAL E 324 -25.75 2.45 -8.78
C VAL E 324 -26.53 3.45 -9.60
N LEU E 325 -26.51 4.72 -9.18
CA LEU E 325 -27.27 5.75 -9.89
C LEU E 325 -26.74 5.91 -11.31
N GLY E 326 -25.42 5.84 -11.49
CA GLY E 326 -24.83 5.93 -12.82
C GLY E 326 -25.26 4.80 -13.74
N ILE E 327 -25.37 3.58 -13.19
CA ILE E 327 -25.78 2.45 -14.02
C ILE E 327 -27.21 2.64 -14.53
N ILE E 328 -28.11 3.11 -13.67
CA ILE E 328 -29.51 3.18 -14.07
C ILE E 328 -29.78 4.44 -14.90
N ASN E 329 -29.19 5.57 -14.54
CA ASN E 329 -29.28 6.74 -15.40
C ASN E 329 -28.69 6.47 -16.78
N GLY E 330 -27.79 5.49 -16.90
CA GLY E 330 -27.30 5.04 -18.18
C GLY E 330 -28.37 4.53 -19.12
N TYR E 331 -29.12 3.51 -18.68
CA TYR E 331 -30.20 2.98 -19.50
C TYR E 331 -31.28 4.03 -19.73
N LEU E 332 -31.57 4.84 -18.71
CA LEU E 332 -32.61 5.86 -18.82
C LEU E 332 -32.26 6.95 -19.83
N ALA E 333 -30.98 7.09 -20.19
CA ALA E 333 -30.55 8.10 -21.14
C ALA E 333 -30.85 7.73 -22.58
N SER E 334 -31.08 6.45 -22.87
CA SER E 334 -31.36 5.99 -24.22
C SER E 334 -32.86 5.94 -24.53
N LEU E 335 -33.69 6.60 -23.74
CA LEU E 335 -35.12 6.68 -24.01
C LEU E 335 -35.44 7.82 -24.99
N SER F 19 17.92 24.62 -20.29
CA SER F 19 16.68 23.85 -20.38
C SER F 19 16.41 23.11 -19.07
N HIS F 20 16.79 23.75 -17.95
CA HIS F 20 16.76 23.10 -16.64
C HIS F 20 16.46 24.15 -15.58
N MET F 21 15.22 24.19 -15.12
CA MET F 21 14.79 25.12 -14.09
C MET F 21 14.57 24.36 -12.80
N LEU F 22 15.25 24.79 -11.74
CA LEU F 22 15.20 24.14 -10.44
C LEU F 22 14.34 24.94 -9.47
N VAL F 23 13.58 24.23 -8.65
CA VAL F 23 12.67 24.84 -7.67
C VAL F 23 12.92 24.15 -6.34
N ILE F 24 13.75 24.75 -5.47
CA ILE F 24 13.98 24.28 -4.12
C ILE F 24 12.95 24.90 -3.19
N HIS F 25 12.35 24.09 -2.30
CA HIS F 25 11.26 24.59 -1.49
C HIS F 25 11.18 23.82 -0.16
N HIS F 26 10.55 24.49 0.82
CA HIS F 26 10.27 23.90 2.12
C HIS F 26 9.43 22.62 1.97
N TRP F 27 9.45 21.79 3.01
CA TRP F 27 8.86 20.46 2.95
C TRP F 27 7.43 20.41 3.49
N ASP F 28 6.91 21.53 3.98
CA ASP F 28 5.59 21.59 4.57
C ASP F 28 4.59 22.11 3.54
N THR F 29 3.31 22.19 3.95
CA THR F 29 2.26 22.61 3.02
C THR F 29 2.56 23.98 2.43
N ASP F 30 3.08 24.91 3.25
CA ASP F 30 3.38 26.24 2.77
C ASP F 30 4.41 26.22 1.66
N GLY F 31 5.46 25.40 1.81
CA GLY F 31 6.50 25.35 0.79
C GLY F 31 6.09 24.57 -0.44
N ILE F 32 5.27 23.53 -0.27
CA ILE F 32 4.83 22.74 -1.41
C ILE F 32 3.83 23.52 -2.25
N THR F 33 2.91 24.23 -1.60
CA THR F 33 1.99 25.09 -2.34
C THR F 33 2.72 26.26 -2.99
N SER F 34 3.70 26.83 -2.29
CA SER F 34 4.50 27.88 -2.90
C SER F 34 5.19 27.38 -4.17
N ALA F 35 5.67 26.14 -4.16
CA ALA F 35 6.31 25.57 -5.34
C ALA F 35 5.32 25.40 -6.49
N ALA F 36 4.12 24.88 -6.22
CA ALA F 36 3.13 24.72 -7.28
C ALA F 36 2.72 26.08 -7.85
N LEU F 37 2.50 27.07 -6.98
CA LEU F 37 2.18 28.40 -7.46
C LEU F 37 3.27 28.95 -8.36
N THR F 38 4.53 28.74 -7.97
CA THR F 38 5.65 29.23 -8.77
C THR F 38 5.76 28.50 -10.10
N ILE F 39 5.58 27.17 -10.09
CA ILE F 39 5.71 26.40 -11.31
C ILE F 39 4.64 26.81 -12.31
N LYS F 40 3.42 27.04 -11.82
CA LYS F 40 2.33 27.44 -12.71
C LYS F 40 2.55 28.84 -13.25
N ALA F 41 2.94 29.78 -12.39
CA ALA F 41 3.10 31.16 -12.83
C ALA F 41 4.19 31.30 -13.90
N LEU F 42 5.21 30.44 -13.86
CA LEU F 42 6.28 30.49 -14.83
C LEU F 42 5.99 29.70 -16.10
N GLY F 43 4.87 28.98 -16.15
CA GLY F 43 4.54 28.17 -17.31
C GLY F 43 5.53 27.08 -17.62
N LEU F 44 6.11 26.47 -16.58
CA LEU F 44 7.16 25.48 -16.77
C LEU F 44 6.57 24.16 -17.25
N ASP F 45 7.15 23.60 -18.31
CA ASP F 45 6.82 22.25 -18.76
C ASP F 45 7.95 21.27 -18.50
N ASP F 46 9.06 21.74 -17.94
CA ASP F 46 10.20 20.88 -17.68
C ASP F 46 10.94 21.48 -16.49
N PHE F 47 10.68 20.94 -15.31
CA PHE F 47 11.23 21.46 -14.07
C PHE F 47 11.65 20.29 -13.19
N ILE F 48 12.56 20.60 -12.27
CA ILE F 48 12.95 19.69 -11.20
C ILE F 48 12.68 20.41 -9.90
N ASN F 49 11.86 19.79 -9.04
CA ASN F 49 11.56 20.33 -7.73
C ASN F 49 12.10 19.38 -6.66
N ILE F 50 12.81 19.95 -5.69
CA ILE F 50 13.46 19.19 -4.63
C ILE F 50 13.25 19.92 -3.30
N VAL F 51 13.53 19.21 -2.22
CA VAL F 51 13.52 19.79 -0.88
C VAL F 51 14.86 19.50 -0.22
N PRO F 52 15.33 20.36 0.68
CA PRO F 52 16.48 20.01 1.51
C PRO F 52 16.07 18.94 2.51
N PRO F 53 17.03 18.31 3.17
CA PRO F 53 16.68 17.27 4.16
C PRO F 53 15.81 17.83 5.28
N ILE F 54 14.74 17.09 5.60
CA ILE F 54 13.76 17.57 6.59
C ILE F 54 14.44 17.85 7.92
N GLY F 55 14.18 19.04 8.46
CA GLY F 55 14.67 19.42 9.78
C GLY F 55 16.15 19.61 9.87
N GLU F 56 16.85 19.70 8.76
CA GLU F 56 18.29 19.95 8.75
C GLU F 56 18.62 21.39 8.41
N PHE F 57 17.76 22.06 7.65
CA PHE F 57 17.87 23.50 7.38
C PHE F 57 19.24 23.84 6.83
N ARG F 58 19.61 23.13 5.76
CA ARG F 58 20.88 23.29 5.09
C ARG F 58 20.82 22.58 3.76
N PHE F 59 21.61 23.04 2.80
CA PHE F 59 21.77 22.33 1.55
C PHE F 59 22.75 21.18 1.75
N ASP F 60 22.36 19.99 1.31
CA ASP F 60 23.22 18.83 1.37
C ASP F 60 23.85 18.61 0.00
N GLY F 61 24.56 17.48 -0.16
CA GLY F 61 25.19 17.18 -1.44
C GLY F 61 24.21 17.15 -2.59
N ARG F 62 23.05 16.52 -2.38
CA ARG F 62 22.08 16.38 -3.46
C ARG F 62 21.60 17.73 -3.97
N VAL F 63 21.22 18.63 -3.05
CA VAL F 63 20.72 19.94 -3.46
C VAL F 63 21.83 20.71 -4.17
N LYS F 64 23.05 20.66 -3.63
CA LYS F 64 24.14 21.43 -4.21
C LYS F 64 24.47 20.95 -5.62
N LYS F 65 24.25 19.67 -5.91
CA LYS F 65 24.50 19.16 -7.26
C LYS F 65 23.44 19.66 -8.24
N HIS F 66 22.16 19.62 -7.82
CA HIS F 66 21.09 20.13 -8.68
C HIS F 66 21.31 21.60 -9.02
N ILE F 67 21.85 22.38 -8.09
CA ILE F 67 22.06 23.80 -8.35
C ILE F 67 23.07 23.98 -9.49
N GLU F 68 24.13 23.18 -9.49
CA GLU F 68 25.15 23.32 -10.53
C GLU F 68 24.61 22.90 -11.89
N GLU F 69 23.74 21.90 -11.94
CA GLU F 69 23.20 21.43 -13.21
C GLU F 69 22.14 22.36 -13.76
N ALA F 70 21.33 22.95 -12.89
CA ALA F 70 20.25 23.80 -13.35
C ALA F 70 20.78 25.13 -13.88
N GLU F 71 19.95 25.79 -14.68
CA GLU F 71 20.26 27.10 -15.22
C GLU F 71 19.78 28.22 -14.30
N LYS F 72 18.52 28.17 -13.89
CA LYS F 72 17.95 29.11 -12.94
C LYS F 72 17.36 28.35 -11.76
N VAL F 73 17.42 28.98 -10.58
CA VAL F 73 17.01 28.35 -9.33
C VAL F 73 16.02 29.25 -8.63
N TYR F 74 14.96 28.65 -8.10
CA TYR F 74 14.00 29.33 -7.25
C TYR F 74 14.04 28.67 -5.88
N ILE F 75 14.27 29.46 -4.84
CA ILE F 75 14.29 28.96 -3.46
C ILE F 75 13.15 29.62 -2.71
N LEU F 76 12.30 28.80 -2.10
CA LEU F 76 11.00 29.23 -1.61
C LEU F 76 10.79 28.78 -0.17
N ASP F 77 10.46 29.72 0.71
CA ASP F 77 10.07 29.45 2.10
C ASP F 77 11.18 28.70 2.85
N LEU F 78 12.44 29.07 2.57
CA LEU F 78 13.58 28.40 3.17
C LEU F 78 14.44 29.44 3.88
N ASN F 79 14.19 29.62 5.17
CA ASN F 79 14.92 30.63 5.99
C ASN F 79 16.38 30.23 6.18
N LEU F 80 17.12 29.95 5.09
CA LEU F 80 18.55 29.60 5.21
C LEU F 80 19.35 30.44 4.20
N PRO F 81 19.49 31.77 4.43
CA PRO F 81 20.23 32.63 3.52
C PRO F 81 21.73 32.28 3.46
N GLN F 82 22.30 31.92 4.61
CA GLN F 82 23.75 31.56 4.73
C GLN F 82 24.13 30.57 3.62
N GLU F 83 23.19 29.73 3.17
CA GLU F 83 23.45 28.79 2.10
C GLU F 83 23.17 29.39 0.73
N VAL F 84 22.17 30.28 0.65
CA VAL F 84 21.88 30.97 -0.60
C VAL F 84 23.01 31.92 -0.95
N GLU F 85 23.74 32.39 0.06
CA GLU F 85 24.81 33.37 -0.16
C GLU F 85 25.89 32.82 -1.07
N ASP F 86 26.07 31.50 -1.10
CA ASP F 86 27.12 30.85 -1.87
C ASP F 86 26.67 30.38 -3.25
N VAL F 87 25.40 30.58 -3.61
CA VAL F 87 24.89 30.05 -4.87
C VAL F 87 25.49 30.84 -6.02
N GLU F 88 26.05 30.13 -7.01
CA GLU F 88 26.64 30.75 -8.18
C GLU F 88 25.77 30.61 -9.44
N LYS F 89 24.44 30.64 -9.27
CA LYS F 89 23.49 30.61 -10.36
C LYS F 89 22.55 31.80 -10.22
N ASP F 90 21.83 32.11 -11.29
CA ASP F 90 20.80 33.14 -11.23
C ASP F 90 19.65 32.62 -10.37
N THR F 91 19.38 33.31 -9.25
CA THR F 91 18.50 32.78 -8.20
C THR F 91 17.47 33.80 -7.75
N VAL F 92 16.23 33.36 -7.59
CA VAL F 92 15.15 34.13 -6.99
C VAL F 92 14.77 33.48 -5.66
N PHE F 93 14.93 34.23 -4.57
CA PHE F 93 14.75 33.71 -3.21
C PHE F 93 13.54 34.40 -2.59
N ILE F 94 12.42 33.67 -2.47
CA ILE F 94 11.17 34.18 -1.93
C ILE F 94 10.93 33.55 -0.56
N ASP F 95 10.62 34.39 0.42
CA ASP F 95 10.47 33.93 1.80
C ASP F 95 9.70 34.97 2.59
N HIS F 96 9.14 34.53 3.73
CA HIS F 96 8.44 35.41 4.66
C HIS F 96 8.99 35.32 6.07
N HIS F 97 10.08 34.59 6.29
CA HIS F 97 10.69 34.54 7.61
C HIS F 97 11.51 35.81 7.86
N LEU F 98 11.74 36.09 9.13
CA LEU F 98 12.63 37.18 9.48
C LEU F 98 14.06 36.71 9.25
N GLN F 99 14.76 37.39 8.34
CA GLN F 99 16.04 36.91 7.87
C GLN F 99 16.94 38.09 7.55
N LYS F 100 18.19 37.77 7.21
CA LYS F 100 19.19 38.77 6.91
C LYS F 100 19.24 39.05 5.42
N LYS F 101 19.48 40.31 5.06
CA LYS F 101 19.60 40.69 3.67
C LYS F 101 20.75 39.94 2.98
N ILE F 102 20.46 39.38 1.82
CA ILE F 102 21.44 38.60 1.07
C ILE F 102 22.30 39.54 0.23
N LYS F 103 23.62 39.39 0.35
CA LYS F 103 24.55 40.25 -0.35
C LYS F 103 24.87 39.77 -1.76
N ASN F 104 24.80 38.46 -2.00
CA ASN F 104 25.10 37.86 -3.29
C ASN F 104 24.31 38.56 -4.40
N PRO F 105 24.99 39.16 -5.39
CA PRO F 105 24.24 39.87 -6.44
C PRO F 105 23.45 38.94 -7.35
N LYS F 106 23.86 37.68 -7.49
CA LYS F 106 23.11 36.73 -8.32
C LYS F 106 21.77 36.35 -7.72
N VAL F 107 21.51 36.68 -6.46
CA VAL F 107 20.27 36.35 -5.78
C VAL F 107 19.35 37.57 -5.77
N ARG F 108 18.08 37.37 -6.14
CA ARG F 108 17.05 38.40 -6.03
C ARG F 108 16.17 38.02 -4.85
N GLN F 109 16.38 38.69 -3.72
CA GLN F 109 15.62 38.38 -2.52
C GLN F 109 14.27 39.07 -2.57
N VAL F 110 13.20 38.32 -2.30
CA VAL F 110 11.85 38.84 -2.27
C VAL F 110 11.28 38.45 -0.91
N ASN F 111 11.25 39.41 0.02
CA ASN F 111 10.74 39.16 1.36
C ASN F 111 9.97 40.39 1.84
N PRO F 112 8.67 40.27 2.08
CA PRO F 112 7.88 41.44 2.47
C PRO F 112 8.01 41.80 3.93
N ILE F 113 9.11 41.39 4.54
CA ILE F 113 9.50 41.85 5.86
C ILE F 113 10.73 42.75 5.78
N LEU F 114 11.76 42.29 5.08
CA LEU F 114 12.89 43.14 4.74
C LEU F 114 12.44 44.38 3.98
N GLU F 115 11.58 44.21 2.97
CA GLU F 115 11.05 45.32 2.19
C GLU F 115 10.14 46.27 3.00
N ARG F 116 10.01 46.06 4.31
CA ARG F 116 9.35 46.92 5.29
C ARG F 116 7.83 46.75 5.28
N MET F 117 7.25 46.09 4.28
CA MET F 117 5.80 45.90 4.21
C MET F 117 5.31 45.08 5.41
N ASN F 118 4.00 45.18 5.65
CA ASN F 118 3.38 44.53 6.80
C ASN F 118 3.47 43.01 6.66
N GLY F 119 3.91 42.36 7.73
CA GLY F 119 3.96 40.90 7.73
C GLY F 119 2.66 40.22 8.10
N LYS F 120 1.66 41.00 8.53
CA LYS F 120 0.33 40.44 8.72
C LYS F 120 -0.42 40.32 7.41
N GLU F 121 -0.07 41.15 6.43
CA GLU F 121 -0.58 40.97 5.07
C GLU F 121 0.01 39.75 4.39
N PHE F 122 1.10 39.21 4.93
CA PHE F 122 1.80 38.07 4.33
C PHE F 122 1.94 37.00 5.39
N PRO F 123 0.88 36.22 5.65
CA PRO F 123 0.95 35.20 6.70
C PRO F 123 1.79 33.99 6.33
N SER F 124 1.97 33.74 5.04
CA SER F 124 2.72 32.58 4.57
C SER F 124 3.49 32.96 3.31
N ALA F 125 4.52 32.15 3.02
CA ALA F 125 5.26 32.34 1.79
C ALA F 125 4.38 32.18 0.55
N SER F 126 3.32 31.37 0.65
CA SER F 126 2.41 31.21 -0.48
C SER F 126 1.74 32.52 -0.86
N PHE F 127 1.38 33.35 0.11
CA PHE F 127 0.86 34.68 -0.20
C PHE F 127 1.92 35.56 -0.84
N VAL F 128 3.17 35.45 -0.37
CA VAL F 128 4.26 36.21 -0.96
C VAL F 128 4.47 35.80 -2.41
N VAL F 129 4.45 34.48 -2.68
CA VAL F 129 4.59 34.01 -4.05
C VAL F 129 3.43 34.50 -4.89
N SER F 130 2.21 34.37 -4.37
CA SER F 130 1.02 34.79 -5.10
C SER F 130 1.05 36.28 -5.43
N ASN F 131 1.39 37.12 -4.44
CA ASN F 131 1.50 38.56 -4.69
C ASN F 131 2.62 38.87 -5.68
N HIS F 132 3.71 38.09 -5.63
CA HIS F 132 4.83 38.31 -6.54
C HIS F 132 4.41 38.07 -7.99
N PHE F 133 3.65 37.00 -8.23
CA PHE F 133 3.22 36.63 -9.57
C PHE F 133 1.81 37.11 -9.91
N SER F 134 1.10 37.71 -8.94
CA SER F 134 -0.30 38.08 -9.10
C SER F 134 -1.12 36.88 -9.57
N LEU F 135 -0.91 35.75 -8.90
CA LEU F 135 -1.61 34.50 -9.20
C LEU F 135 -2.21 33.98 -7.91
N TRP F 136 -3.54 34.10 -7.79
CA TRP F 136 -4.25 33.77 -6.57
C TRP F 136 -5.24 32.64 -6.82
N ASN F 137 -5.03 31.51 -6.15
CA ASN F 137 -5.96 30.39 -6.19
C ASN F 137 -6.01 29.74 -4.82
N SER F 138 -6.57 28.52 -4.78
CA SER F 138 -6.74 27.83 -3.50
C SER F 138 -5.41 27.39 -2.90
N TRP F 139 -4.39 27.13 -3.72
CA TRP F 139 -3.07 26.83 -3.18
C TRP F 139 -2.54 27.96 -2.31
N SER F 140 -2.85 29.20 -2.68
CA SER F 140 -2.47 30.34 -1.85
C SER F 140 -3.02 30.22 -0.45
N SER F 141 -4.29 29.81 -0.33
CA SER F 141 -4.92 29.69 0.97
C SER F 141 -4.28 28.56 1.79
N LEU F 142 -4.08 27.40 1.17
CA LEU F 142 -3.50 26.27 1.89
C LEU F 142 -2.18 26.64 2.56
N GLY F 143 -1.30 27.33 1.84
CA GLY F 143 -0.06 27.79 2.44
C GLY F 143 -0.27 28.62 3.69
N ALA F 144 -1.24 29.54 3.63
CA ALA F 144 -1.56 30.37 4.80
C ALA F 144 -2.09 29.53 5.95
N VAL F 145 -2.97 28.57 5.66
CA VAL F 145 -3.48 27.70 6.72
C VAL F 145 -2.36 26.83 7.27
N GLY F 146 -1.40 26.46 6.45
CA GLY F 146 -0.30 25.64 6.90
C GLY F 146 0.71 26.35 7.78
N ASP F 147 0.69 27.67 7.83
CA ASP F 147 1.63 28.41 8.66
C ASP F 147 1.00 29.03 9.89
N ILE F 148 -0.24 29.49 9.81
CA ILE F 148 -0.83 30.17 10.95
C ILE F 148 -2.14 29.50 11.33
N GLY F 149 -2.42 28.37 10.70
CA GLY F 149 -3.52 27.53 11.13
C GLY F 149 -4.87 28.21 10.93
N ASN F 150 -5.72 28.14 11.95
CA ASN F 150 -7.07 28.67 11.82
C ASN F 150 -7.08 30.18 11.63
N LYS F 151 -6.01 30.87 12.02
CA LYS F 151 -5.97 32.31 11.95
C LYS F 151 -5.98 32.81 10.51
N ALA F 152 -5.59 31.97 9.55
CA ALA F 152 -5.62 32.38 8.15
C ALA F 152 -7.04 32.70 7.70
N PHE F 153 -8.04 32.04 8.30
CA PHE F 153 -9.42 32.28 7.89
C PHE F 153 -9.89 33.66 8.31
N GLU F 154 -9.22 34.29 9.28
CA GLU F 154 -9.54 35.67 9.63
C GLU F 154 -9.13 36.65 8.55
N ILE F 155 -8.42 36.19 7.52
CA ILE F 155 -8.19 36.96 6.31
C ILE F 155 -9.26 36.57 5.29
N PRO F 156 -10.07 37.51 4.81
CA PRO F 156 -11.14 37.13 3.88
C PRO F 156 -10.63 36.51 2.59
N LYS F 157 -9.40 36.83 2.17
CA LYS F 157 -8.84 36.24 0.97
C LYS F 157 -8.74 34.72 1.07
N THR F 158 -8.52 34.20 2.29
CA THR F 158 -8.31 32.77 2.48
C THR F 158 -9.55 31.99 2.11
N LEU F 159 -10.66 32.23 2.82
CA LEU F 159 -11.90 31.52 2.54
C LEU F 159 -12.38 31.76 1.12
N GLU F 160 -12.23 33.00 0.63
CA GLU F 160 -12.70 33.35 -0.71
C GLU F 160 -12.07 32.47 -1.78
N LEU F 161 -10.75 32.27 -1.71
CA LEU F 161 -10.06 31.46 -2.71
C LEU F 161 -10.42 29.99 -2.56
N LEU F 162 -10.52 29.51 -1.32
CA LEU F 162 -10.99 28.14 -1.06
C LEU F 162 -12.41 27.93 -1.56
N LYS F 163 -13.21 29.00 -1.57
CA LYS F 163 -14.61 28.88 -1.95
C LYS F 163 -14.75 28.47 -3.41
N THR F 164 -13.92 29.04 -4.28
CA THR F 164 -13.96 28.70 -5.70
C THR F 164 -13.82 27.19 -5.92
N GLU F 165 -12.95 26.55 -5.14
CA GLU F 165 -12.78 25.11 -5.22
C GLU F 165 -13.81 24.34 -4.38
N GLY F 166 -14.78 25.04 -3.79
CA GLY F 166 -15.78 24.40 -2.94
C GLY F 166 -15.20 23.59 -1.80
N LEU F 167 -14.37 24.23 -0.97
CA LEU F 167 -13.73 23.57 0.16
C LEU F 167 -14.11 24.28 1.44
N THR F 168 -14.37 23.51 2.49
CA THR F 168 -14.69 24.10 3.78
C THR F 168 -13.41 24.39 4.56
N LYS F 169 -13.57 25.11 5.66
CA LYS F 169 -12.46 25.32 6.59
C LYS F 169 -11.82 24.00 6.98
N ASN F 170 -12.63 23.05 7.45
CA ASN F 170 -12.10 21.77 7.91
C ASN F 170 -11.42 21.00 6.79
N GLU F 171 -11.96 21.09 5.57
CA GLU F 171 -11.36 20.37 4.44
C GLU F 171 -9.96 20.89 4.15
N ALA F 172 -9.74 22.19 4.32
CA ALA F 172 -8.42 22.77 4.10
C ALA F 172 -7.48 22.42 5.25
N LEU F 173 -7.98 22.45 6.48
CA LEU F 173 -7.18 22.02 7.63
C LEU F 173 -6.77 20.57 7.48
N LYS F 174 -7.67 19.74 6.97
CA LYS F 174 -7.34 18.34 6.72
C LYS F 174 -6.29 18.20 5.63
N LEU F 175 -6.39 19.03 4.58
CA LEU F 175 -5.43 18.93 3.50
C LEU F 175 -4.02 19.24 3.97
N VAL F 176 -3.89 20.20 4.90
CA VAL F 176 -2.58 20.54 5.44
C VAL F 176 -1.99 19.35 6.20
N GLN F 177 -2.81 18.67 6.99
CA GLN F 177 -2.35 17.48 7.70
C GLN F 177 -1.89 16.40 6.72
N LEU F 178 -2.66 16.18 5.65
CA LEU F 178 -2.31 15.16 4.67
C LEU F 178 -0.99 15.50 3.99
N ILE F 179 -0.84 16.75 3.56
CA ILE F 179 0.38 17.16 2.87
C ILE F 179 1.57 17.12 3.84
N ASP F 180 1.37 17.64 5.06
CA ASP F 180 2.44 17.65 6.05
C ASP F 180 2.88 16.24 6.42
N SER F 181 1.96 15.26 6.33
CA SER F 181 2.28 13.89 6.71
C SER F 181 3.53 13.36 6.02
N ASN F 182 3.84 13.88 4.83
CA ASN F 182 5.01 13.41 4.09
C ASN F 182 6.31 13.81 4.78
N TYR F 183 6.46 15.11 5.10
CA TYR F 183 7.71 15.52 5.74
C TYR F 183 7.81 15.00 7.16
N ILE F 184 6.68 14.84 7.85
CA ILE F 184 6.73 14.28 9.20
C ILE F 184 7.24 12.85 9.18
N THR F 185 6.82 12.06 8.20
CA THR F 185 7.28 10.68 8.07
C THR F 185 8.66 10.57 7.45
N MET F 186 9.33 11.70 7.19
CA MET F 186 10.71 11.73 6.69
C MET F 186 10.82 11.16 5.28
N ASP F 187 9.83 11.44 4.44
CA ASP F 187 9.82 10.95 3.06
C ASP F 187 10.15 12.12 2.13
N ARG F 188 11.44 12.30 1.84
CA ARG F 188 11.85 13.38 0.93
C ARG F 188 11.20 13.21 -0.43
N SER F 189 11.11 11.96 -0.90
CA SER F 189 10.55 11.72 -2.22
C SER F 189 9.05 12.03 -2.24
N ALA F 190 8.32 11.59 -1.21
CA ALA F 190 6.88 11.84 -1.17
C ALA F 190 6.59 13.32 -0.97
N ALA F 191 7.43 14.01 -0.21
CA ALA F 191 7.25 15.45 -0.04
C ALA F 191 7.48 16.19 -1.35
N GLU F 192 8.46 15.74 -2.13
CA GLU F 192 8.70 16.37 -3.43
C GLU F 192 7.60 16.05 -4.42
N LYS F 193 7.14 14.80 -4.45
CA LYS F 193 6.09 14.42 -5.40
C LYS F 193 4.78 15.14 -5.10
N ALA F 194 4.55 15.54 -3.84
CA ALA F 194 3.31 16.23 -3.51
C ALA F 194 3.10 17.47 -4.37
N VAL F 195 4.18 18.11 -4.83
CA VAL F 195 4.05 19.28 -5.69
C VAL F 195 3.40 18.90 -7.01
N GLU F 196 3.80 17.77 -7.59
CA GLU F 196 3.19 17.31 -8.83
C GLU F 196 1.72 16.98 -8.63
N LEU F 197 1.39 16.36 -7.48
CA LEU F 197 0.00 16.00 -7.22
C LEU F 197 -0.88 17.23 -7.03
N VAL F 198 -0.38 18.25 -6.33
CA VAL F 198 -1.14 19.49 -6.17
C VAL F 198 -1.30 20.18 -7.51
N LEU F 199 -0.26 20.10 -8.35
CA LEU F 199 -0.31 20.73 -9.66
C LEU F 199 -1.32 20.03 -10.57
N ASN F 200 -1.44 18.72 -10.44
CA ASN F 200 -2.14 17.92 -11.43
C ASN F 200 -3.44 17.31 -10.94
N ARG F 201 -3.87 17.60 -9.70
CA ARG F 201 -5.10 17.03 -9.18
C ARG F 201 -5.87 18.07 -8.36
N PRO F 202 -7.19 18.07 -8.46
CA PRO F 202 -8.00 18.96 -7.60
C PRO F 202 -7.75 18.70 -6.14
N LEU F 203 -7.82 19.77 -5.34
CA LEU F 203 -7.60 19.63 -3.90
C LEU F 203 -8.59 18.64 -3.29
N LYS F 204 -9.84 18.72 -3.70
CA LYS F 204 -10.85 17.84 -3.12
C LYS F 204 -10.61 16.38 -3.46
N GLU F 205 -9.90 16.10 -4.56
CA GLU F 205 -9.45 14.74 -4.84
C GLU F 205 -8.35 14.29 -3.88
N LEU F 206 -7.40 15.18 -3.58
CA LEU F 206 -6.29 14.82 -2.71
C LEU F 206 -6.75 14.52 -1.28
N LEU F 207 -7.95 14.97 -0.90
CA LEU F 207 -8.54 14.58 0.36
C LEU F 207 -8.82 13.08 0.43
N GLU F 208 -8.85 12.40 -0.72
CA GLU F 208 -9.07 10.96 -0.80
C GLU F 208 -7.80 10.15 -1.03
N TYR F 209 -6.67 10.81 -1.30
CA TYR F 209 -5.42 10.16 -1.67
C TYR F 209 -4.94 9.19 -0.61
N GLU F 210 -4.98 7.88 -0.92
CA GLU F 210 -4.71 6.86 0.09
C GLU F 210 -3.30 6.93 0.67
N PRO F 211 -2.22 7.11 -0.10
CA PRO F 211 -0.90 7.15 0.53
C PRO F 211 -0.75 8.21 1.61
N TRP F 212 -1.32 9.40 1.42
CA TRP F 212 -1.27 10.42 2.47
C TRP F 212 -2.10 10.00 3.67
N ILE F 213 -3.28 9.42 3.45
CA ILE F 213 -4.14 9.01 4.55
C ILE F 213 -3.43 8.00 5.44
N LYS F 214 -2.74 7.04 4.83
CA LYS F 214 -2.03 6.02 5.60
C LYS F 214 -0.93 6.63 6.46
N ASN F 215 -0.25 7.65 5.95
CA ASN F 215 0.77 8.34 6.73
C ASN F 215 0.17 9.03 7.96
N LEU F 216 -0.99 9.68 7.78
CA LEU F 216 -1.53 10.51 8.84
C LEU F 216 -2.01 9.67 10.01
N GLU F 217 -2.57 8.49 9.74
CA GLU F 217 -3.03 7.61 10.81
C GLU F 217 -1.90 7.25 11.76
N GLU F 218 -0.72 6.93 11.21
CA GLU F 218 0.42 6.56 12.02
C GLU F 218 1.00 7.73 12.80
N ILE F 219 0.79 8.97 12.31
CA ILE F 219 1.37 10.13 12.96
C ILE F 219 0.53 10.57 14.17
N GLU F 220 -0.80 10.55 14.02
CA GLU F 220 -1.66 10.91 15.15
C GLU F 220 -1.47 9.95 16.31
N ARG F 221 -1.30 8.65 16.01
CA ARG F 221 -1.07 7.67 17.06
C ARG F 221 0.20 7.99 17.83
N THR F 222 1.24 8.44 17.14
CA THR F 222 2.51 8.72 17.81
C THR F 222 2.50 10.06 18.52
N ILE F 223 1.66 11.00 18.07
CA ILE F 223 1.62 12.30 18.73
C ILE F 223 0.93 12.21 20.09
N LYS F 224 -0.13 11.41 20.19
CA LYS F 224 -0.82 11.26 21.47
C LYS F 224 0.11 10.77 22.57
N ASP F 225 1.07 9.92 22.23
CA ASP F 225 2.01 9.44 23.24
C ASP F 225 2.85 10.60 23.78
N VAL F 226 3.37 11.45 22.90
CA VAL F 226 4.20 12.57 23.34
C VAL F 226 3.39 13.56 24.17
N LEU F 227 2.14 13.80 23.77
CA LEU F 227 1.27 14.70 24.52
C LEU F 227 0.92 14.16 25.90
N SER F 228 1.06 12.85 26.13
CA SER F 228 0.73 12.30 27.44
C SER F 228 1.75 12.71 28.50
N GLY F 229 3.01 12.87 28.11
CA GLY F 229 4.06 13.22 29.05
C GLY F 229 4.49 14.67 28.98
N ILE F 230 3.56 15.60 29.20
CA ILE F 230 3.90 17.02 29.18
C ILE F 230 3.77 17.56 30.60
N GLU F 231 4.57 18.59 30.88
CA GLU F 231 4.49 19.29 32.16
C GLU F 231 4.38 20.78 31.88
N VAL F 232 4.09 21.55 32.92
CA VAL F 232 3.71 22.94 32.75
C VAL F 232 4.18 23.75 33.97
N LYS F 233 4.58 24.99 33.69
CA LYS F 233 5.03 25.95 34.71
C LYS F 233 4.78 27.34 34.16
N ASN F 234 4.18 28.21 34.97
CA ASN F 234 3.88 29.58 34.57
C ASN F 234 3.05 29.61 33.28
N ASP F 235 2.20 28.59 33.13
CA ASP F 235 1.36 28.40 31.94
C ASP F 235 2.20 28.22 30.68
N ILE F 236 3.41 27.66 30.84
CA ILE F 236 4.29 27.29 29.73
C ILE F 236 4.44 25.78 29.73
N ALA F 237 4.17 25.16 28.59
CA ALA F 237 4.26 23.71 28.44
C ALA F 237 5.68 23.31 28.09
N PHE F 238 6.24 22.35 28.84
CA PHE F 238 7.54 21.77 28.55
C PHE F 238 7.34 20.33 28.10
N ILE F 239 7.66 20.04 26.85
CA ILE F 239 7.40 18.74 26.24
C ILE F 239 8.72 18.16 25.74
N GLU F 240 9.15 17.06 26.35
CA GLU F 240 10.40 16.39 26.01
C GLU F 240 10.11 14.98 25.48
N TYR F 241 10.80 14.61 24.40
CA TYR F 241 10.56 13.32 23.77
C TYR F 241 11.76 12.95 22.90
N SER F 242 11.72 11.73 22.37
CA SER F 242 12.74 11.23 21.44
C SER F 242 12.05 10.47 20.32
N SER F 243 12.29 10.88 19.08
CA SER F 243 11.63 10.29 17.92
C SER F 243 12.30 10.73 16.63
N PRO F 244 12.27 9.88 15.59
CA PRO F 244 12.78 10.29 14.29
C PRO F 244 11.77 11.04 13.42
N PHE F 245 10.52 11.12 13.83
CA PHE F 245 9.53 11.91 13.11
C PHE F 245 9.70 13.40 13.40
N ASN F 246 9.45 14.22 12.39
CA ASN F 246 9.52 15.67 12.58
C ASN F 246 8.16 16.21 13.03
N ILE F 247 7.77 15.75 14.21
CA ILE F 247 6.51 16.17 14.81
C ILE F 247 6.66 17.40 15.69
N ILE F 248 7.89 17.90 15.86
CA ILE F 248 8.13 18.98 16.81
C ILE F 248 7.31 20.22 16.47
N SER F 249 7.10 20.49 15.18
CA SER F 249 6.32 21.66 14.79
C SER F 249 4.87 21.51 15.25
N LYS F 250 4.26 20.34 14.98
CA LYS F 250 2.86 20.15 15.35
C LYS F 250 2.70 20.08 16.87
N ILE F 251 3.69 19.56 17.58
CA ILE F 251 3.59 19.50 19.03
C ILE F 251 3.53 20.91 19.62
N ALA F 252 4.42 21.80 19.16
CA ALA F 252 4.41 23.16 19.67
C ALA F 252 3.08 23.87 19.37
N ARG F 253 2.54 23.65 18.17
CA ARG F 253 1.25 24.25 17.82
C ARG F 253 0.12 23.67 18.66
N LYS F 254 0.06 22.34 18.78
CA LYS F 254 -0.98 21.73 19.60
C LYS F 254 -0.93 22.26 21.03
N ALA F 255 0.28 22.47 21.56
CA ALA F 255 0.41 22.90 22.95
C ALA F 255 -0.06 24.33 23.14
N VAL F 256 0.17 25.20 22.18
CA VAL F 256 -0.21 26.60 22.29
C VAL F 256 -1.56 26.87 21.64
N TRP F 257 -1.75 26.40 20.40
CA TRP F 257 -2.93 26.78 19.62
C TRP F 257 -4.18 26.05 20.09
N GLU F 258 -4.03 24.76 20.43
CA GLU F 258 -5.18 23.93 20.80
C GLU F 258 -5.35 23.81 22.32
N MET F 259 -4.30 23.41 23.03
CA MET F 259 -4.44 23.26 24.47
C MET F 259 -4.47 24.60 25.20
N GLY F 260 -4.03 25.68 24.55
CA GLY F 260 -4.18 27.02 25.09
C GLY F 260 -3.10 27.51 26.04
N TYR F 261 -1.96 26.83 26.13
CA TYR F 261 -0.88 27.30 26.99
C TYR F 261 -0.22 28.55 26.40
N ASN F 262 0.30 29.40 27.28
CA ASN F 262 0.88 30.65 26.82
C ASN F 262 2.17 30.41 26.04
N GLY F 263 2.87 29.32 26.34
CA GLY F 263 4.09 29.01 25.63
C GLY F 263 4.36 27.52 25.69
N ALA F 264 5.12 27.05 24.71
CA ALA F 264 5.50 25.66 24.63
C ALA F 264 6.98 25.57 24.32
N VAL F 265 7.70 24.82 25.15
CA VAL F 265 9.10 24.45 24.92
C VAL F 265 9.11 22.96 24.60
N VAL F 266 9.40 22.63 23.35
CA VAL F 266 9.40 21.25 22.88
C VAL F 266 10.83 20.83 22.60
N LEU F 267 11.23 19.68 23.14
CA LEU F 267 12.58 19.14 22.97
C LEU F 267 12.51 17.73 22.43
N ASN F 268 13.15 17.51 21.27
CA ASN F 268 13.34 16.18 20.69
C ASN F 268 14.81 15.82 20.81
N ARG F 269 15.09 14.79 21.63
CA ARG F 269 16.45 14.51 22.00
C ARG F 269 17.22 13.68 20.98
N SER F 270 16.54 12.94 20.10
CA SER F 270 17.26 12.06 19.18
C SER F 270 16.66 12.15 17.78
N PHE F 271 16.68 13.35 17.21
CA PHE F 271 16.27 13.50 15.81
C PHE F 271 17.48 13.24 14.93
N HIS F 272 17.65 11.96 14.56
CA HIS F 272 18.66 11.53 13.61
C HIS F 272 20.05 12.03 13.98
N GLU F 273 20.53 11.53 15.12
CA GLU F 273 21.86 11.83 15.66
C GLU F 273 22.04 13.31 15.96
N LYS F 274 20.94 14.06 16.06
CA LYS F 274 20.99 15.46 16.44
C LYS F 274 19.80 15.77 17.35
N ALA F 275 19.91 16.90 18.04
CA ALA F 275 18.84 17.39 18.90
C ALA F 275 17.95 18.38 18.14
N GLN F 276 16.87 18.78 18.78
CA GLN F 276 15.84 19.56 18.09
C GLN F 276 14.94 20.21 19.13
N LEU F 277 14.92 21.54 19.16
CA LEU F 277 14.13 22.26 20.15
C LEU F 277 13.27 23.32 19.46
N TYR F 278 12.05 23.46 19.96
CA TYR F 278 11.09 24.43 19.44
C TYR F 278 10.55 25.25 20.60
N PHE F 279 10.45 26.56 20.40
CA PHE F 279 9.93 27.47 21.42
C PHE F 279 8.88 28.35 20.77
N ARG F 280 7.62 28.06 21.04
CA ARG F 280 6.51 28.81 20.49
C ARG F 280 5.76 29.50 21.62
N ILE F 281 5.35 30.74 21.38
CA ILE F 281 4.56 31.50 22.33
C ILE F 281 3.27 31.93 21.65
N SER F 282 2.30 32.31 22.46
CA SER F 282 1.05 32.88 22.01
C SER F 282 1.21 34.38 21.82
N PRO F 283 0.34 35.01 21.03
CA PRO F 283 0.41 36.47 20.88
C PRO F 283 0.37 37.23 22.20
N ASP F 284 -0.19 36.63 23.26
CA ASP F 284 -0.19 37.25 24.57
C ASP F 284 1.23 37.53 25.06
N LEU F 285 2.14 36.57 24.88
CA LEU F 285 3.53 36.72 25.28
C LEU F 285 4.41 37.30 24.18
N LYS F 286 3.81 37.70 23.05
CA LYS F 286 4.62 38.14 21.91
C LYS F 286 5.36 39.43 22.21
N GLU F 287 4.84 40.26 23.12
CA GLU F 287 5.50 41.50 23.51
C GLU F 287 6.50 41.30 24.64
N LYS F 288 6.14 40.50 25.64
CA LYS F 288 7.00 40.29 26.79
C LYS F 288 8.27 39.53 26.42
N ILE F 289 8.22 38.72 25.35
CA ILE F 289 9.34 37.91 24.90
C ILE F 289 9.82 38.43 23.55
N ASP F 290 11.13 38.63 23.43
CA ASP F 290 11.75 38.98 22.15
C ASP F 290 12.24 37.72 21.46
N MET F 291 11.37 37.12 20.65
CA MET F 291 11.75 35.89 19.96
C MET F 291 12.81 36.14 18.90
N GLU F 292 12.84 37.36 18.36
CA GLU F 292 13.85 37.70 17.36
C GLU F 292 15.24 37.74 17.99
N GLY F 293 15.35 38.39 19.14
CA GLY F 293 16.63 38.43 19.84
C GLY F 293 17.13 37.05 20.23
N ILE F 294 16.24 36.18 20.69
CA ILE F 294 16.67 34.85 21.09
C ILE F 294 17.28 34.13 19.89
N ILE F 295 16.79 34.41 18.69
CA ILE F 295 17.37 33.81 17.49
C ILE F 295 18.80 34.30 17.31
N GLN F 296 19.00 35.62 17.37
CA GLN F 296 20.32 36.19 17.17
C GLN F 296 21.33 35.61 18.17
N ILE F 297 20.95 35.56 19.46
CA ILE F 297 21.82 34.96 20.46
C ILE F 297 22.15 33.51 20.09
N LEU F 298 21.14 32.77 19.65
CA LEU F 298 21.36 31.38 19.26
C LEU F 298 22.24 31.29 18.02
N LYS F 299 22.00 32.16 17.04
CA LYS F 299 22.80 32.16 15.82
C LYS F 299 24.24 32.52 16.12
N ASN F 300 24.46 33.58 16.90
CA ASN F 300 25.80 33.99 17.31
C ASN F 300 26.54 32.84 17.99
N ARG F 301 25.85 32.09 18.84
CA ARG F 301 26.42 30.93 19.52
C ARG F 301 26.67 29.76 18.60
N GLY F 302 26.47 29.94 17.29
CA GLY F 302 26.75 28.89 16.33
C GLY F 302 25.65 27.87 16.17
N PHE F 303 24.46 28.12 16.71
CA PHE F 303 23.36 27.19 16.59
C PHE F 303 22.66 27.38 15.26
N ASN F 304 22.16 26.29 14.71
CA ASN F 304 21.36 26.34 13.49
C ASN F 304 19.92 26.63 13.92
N ALA F 305 19.65 27.91 14.18
CA ALA F 305 18.36 28.37 14.68
C ALA F 305 17.72 29.36 13.72
N GLY F 306 16.39 29.32 13.65
CA GLY F 306 15.63 30.30 12.91
C GLY F 306 14.20 30.31 13.39
N GLY F 307 13.43 31.28 12.89
CA GLY F 307 12.02 31.30 13.24
C GLY F 307 11.28 32.59 12.91
N LYS F 308 10.33 32.94 13.77
CA LYS F 308 9.47 34.10 13.56
C LYS F 308 9.40 34.90 14.85
N SER F 309 8.46 35.85 14.92
CA SER F 309 8.30 36.65 16.13
C SER F 309 7.55 35.93 17.23
N GLU F 310 7.05 34.71 16.98
CA GLU F 310 6.31 33.95 17.98
C GLU F 310 6.71 32.49 18.05
N VAL F 311 7.72 32.05 17.30
CA VAL F 311 8.11 30.65 17.24
C VAL F 311 9.62 30.56 17.02
N LEU F 312 10.24 29.55 17.62
CA LEU F 312 11.67 29.34 17.58
C LEU F 312 11.96 27.90 17.18
N GLY F 313 12.93 27.70 16.29
CA GLY F 313 13.32 26.37 15.90
C GLY F 313 14.82 26.18 15.87
N ILE F 314 15.33 25.11 16.48
CA ILE F 314 16.77 24.85 16.54
C ILE F 314 17.02 23.38 16.22
N ILE F 315 18.07 23.12 15.43
CA ILE F 315 18.67 21.80 15.35
C ILE F 315 20.15 21.94 15.69
N PHE F 316 20.65 21.02 16.50
CA PHE F 316 21.96 21.22 17.11
C PHE F 316 22.47 19.88 17.60
N GLU F 317 23.68 19.88 18.14
CA GLU F 317 24.31 18.68 18.68
C GLU F 317 23.71 18.34 20.03
N LYS F 318 23.61 17.03 20.31
CA LYS F 318 22.93 16.56 21.51
C LYS F 318 23.58 17.12 22.78
N ASN F 319 24.91 17.28 22.79
CA ASN F 319 25.60 17.69 24.01
C ASN F 319 25.35 19.15 24.39
N ARG F 320 24.70 19.95 23.54
CA ARG F 320 24.37 21.34 23.88
C ARG F 320 22.94 21.50 24.34
N ILE F 321 22.27 20.42 24.75
CA ILE F 321 20.88 20.51 25.15
C ILE F 321 20.74 21.36 26.41
N ASP F 322 21.59 21.09 27.41
CA ASP F 322 21.52 21.89 28.63
C ASP F 322 21.81 23.35 28.36
N GLU F 323 22.82 23.61 27.51
CA GLU F 323 23.12 24.98 27.09
C GLU F 323 21.88 25.67 26.53
N VAL F 324 21.20 25.02 25.58
CA VAL F 324 20.02 25.62 24.96
C VAL F 324 18.94 25.86 26.00
N LEU F 325 18.71 24.87 26.88
CA LEU F 325 17.67 25.02 27.89
C LEU F 325 17.97 26.18 28.82
N GLY F 326 19.24 26.34 29.20
CA GLY F 326 19.61 27.46 30.04
C GLY F 326 19.31 28.80 29.39
N ILE F 327 19.56 28.90 28.08
CA ILE F 327 19.33 30.16 27.37
C ILE F 327 17.84 30.52 27.40
N ILE F 328 16.96 29.54 27.18
CA ILE F 328 15.54 29.85 27.08
C ILE F 328 14.92 29.99 28.47
N ASN F 329 15.28 29.10 29.40
CA ASN F 329 14.82 29.28 30.77
C ASN F 329 15.30 30.59 31.35
N GLY F 330 16.38 31.15 30.81
CA GLY F 330 16.81 32.49 31.16
C GLY F 330 15.74 33.51 30.88
N TYR F 331 15.28 33.59 29.63
CA TYR F 331 14.22 34.53 29.28
C TYR F 331 12.93 34.18 30.00
N LEU F 332 12.64 32.88 30.15
CA LEU F 332 11.40 32.46 30.82
C LEU F 332 11.39 32.80 32.30
N ALA F 333 12.55 33.05 32.91
CA ALA F 333 12.61 33.35 34.33
C ALA F 333 12.21 34.79 34.64
N SER F 334 12.22 35.68 33.65
CA SER F 334 11.84 37.07 33.83
C SER F 334 10.36 37.34 33.54
N LEU F 335 9.54 36.29 33.48
CA LEU F 335 8.10 36.47 33.31
C LEU F 335 7.41 36.71 34.64
P AMP G . 40.53 -20.56 -29.77
O1P AMP G . 39.11 -20.68 -29.31
O2P AMP G . 40.78 -21.57 -30.87
O3P AMP G . 41.47 -20.82 -28.61
O5' AMP G . 40.79 -19.03 -30.33
C5' AMP G . 42.03 -18.77 -30.90
C4' AMP G . 42.65 -17.52 -30.31
O4' AMP G . 42.32 -16.28 -31.28
C3' AMP G . 42.15 -17.26 -29.13
O3' AMP G . 43.18 -17.48 -28.07
C2' AMP G . 41.69 -15.78 -29.18
O2' AMP G . 42.17 -15.08 -28.12
C1' AMP G . 42.26 -15.24 -30.51
N9 AMP G . 41.35 -14.24 -31.10
C8 AMP G . 40.12 -14.49 -31.61
N7 AMP G . 39.62 -13.31 -32.05
C5 AMP G . 40.51 -12.37 -31.82
C6 AMP G . 40.51 -10.86 -32.08
N6 AMP G . 39.36 -10.22 -32.71
N1 AMP G . 41.64 -10.06 -31.71
C2 AMP G . 42.78 -10.68 -31.09
N3 AMP G . 42.77 -12.12 -30.83
C4 AMP G . 41.59 -12.95 -31.22
C1 GOL H . 31.69 2.66 -22.42
O1 GOL H . 31.20 2.43 -21.13
C2 GOL H . 31.88 1.28 -23.07
O2 GOL H . 32.42 1.38 -24.35
C3 GOL H . 30.49 0.63 -23.04
O3 GOL H . 29.75 1.18 -24.10
P AMP I . -28.66 27.97 15.73
O1P AMP I . -27.88 28.14 17.01
O2P AMP I . -27.87 28.56 14.57
O3P AMP I . -28.90 26.51 15.47
O5' AMP I . -30.12 28.75 15.85
C5' AMP I . -30.16 29.97 16.52
C4' AMP I . -31.12 29.95 17.68
O4' AMP I . -32.58 30.44 17.19
C3' AMP I . -31.26 28.73 18.13
O3' AMP I . -30.40 28.50 19.34
C2' AMP I . -32.76 28.55 18.45
O2' AMP I . -32.98 28.33 19.78
C1' AMP I . -33.45 29.85 17.96
N9 AMP I . -34.70 29.50 17.21
C8 AMP I . -34.78 28.81 16.05
N7 AMP I . -36.08 28.70 15.71
C5 AMP I . -36.81 29.29 16.66
C6 AMP I . -38.33 29.48 16.85
N6 AMP I . -39.26 28.96 15.87
N1 AMP I . -38.82 30.17 17.99
C2 AMP I . -37.90 30.70 18.98
N3 AMP I . -36.46 30.51 18.79
C4 AMP I . -35.94 29.79 17.59
C1 GOL J . -25.08 7.16 36.88
O1 GOL J . -24.78 7.82 38.09
C2 GOL J . -24.14 7.73 35.75
O2 GOL J . -22.84 7.21 35.81
C3 GOL J . -24.86 7.40 34.40
O3 GOL J . -23.89 7.36 33.41
C1 GOL K . -22.60 3.30 29.19
O1 GOL K . -21.36 2.96 29.73
C2 GOL K . -23.35 1.99 28.85
O2 GOL K . -23.25 1.66 27.50
C3 GOL K . -24.81 2.25 29.27
O3 GOL K . -24.76 2.76 30.56
C1 GOL L . -49.06 15.49 22.87
O1 GOL L . -49.34 15.48 24.24
C2 GOL L . -49.14 16.97 22.37
O2 GOL L . -49.14 17.05 20.98
C3 GOL L . -50.44 17.56 23.00
O3 GOL L . -50.62 18.84 22.46
P AMP M . 25.27 -8.60 27.52
O1P AMP M . 25.73 -8.11 28.87
O2P AMP M . 25.45 -7.50 26.50
O3P AMP M . 26.10 -9.79 27.08
O5' AMP M . 23.69 -9.04 27.62
C5' AMP M . 23.36 -10.09 28.48
C4' AMP M . 22.62 -11.19 27.74
O4' AMP M . 21.04 -10.99 27.97
C3' AMP M . 22.85 -11.11 26.46
O3' AMP M . 23.75 -12.23 26.01
C2' AMP M . 21.48 -11.17 25.76
O2' AMP M . 21.43 -12.21 24.88
C1' AMP M . 20.44 -11.36 26.88
N9 AMP M . 19.26 -10.51 26.61
C8 AMP M . 19.23 -9.16 26.65
N7 AMP M . 17.97 -8.76 26.35
C5 AMP M . 17.24 -9.84 26.12
C6 AMP M . 15.77 -10.03 25.74
N6 AMP M . 14.92 -8.87 25.56
N1 AMP M . 15.24 -11.34 25.56
C2 AMP M . 16.09 -12.49 25.75
N3 AMP M . 17.50 -12.31 26.11
C4 AMP M . 18.04 -10.94 26.29
C1 GOL N . 7.86 -7.44 9.08
O1 GOL N . 8.98 -6.84 9.68
C2 GOL N . 7.93 -8.95 9.40
O2 GOL N . 9.16 -9.50 9.04
C3 GOL N . 7.65 -9.05 10.91
O3 GOL N . 6.91 -10.22 11.09
P AMP O . -0.33 -14.18 -28.47
O1P AMP O . -1.31 -13.25 -27.78
O2P AMP O . -0.22 -13.82 -29.94
O3P AMP O . 1.03 -14.03 -27.83
O5' AMP O . -0.82 -15.74 -28.31
C5' AMP O . -2.18 -16.00 -28.46
C4' AMP O . -2.78 -16.54 -27.18
O4' AMP O . -2.37 -18.08 -26.99
C3' AMP O . -2.31 -15.88 -26.15
O3' AMP O . -3.30 -14.86 -25.69
C2' AMP O . -1.98 -16.95 -25.07
O2' AMP O . -2.63 -16.73 -23.90
C1' AMP O . -2.38 -18.31 -25.71
N9 AMP O . -1.40 -19.37 -25.35
C8 AMP O . -0.11 -19.43 -25.72
N7 AMP O . 0.45 -20.53 -25.18
C5 AMP O . -0.48 -21.15 -24.46
C6 AMP O . -0.46 -22.42 -23.62
N6 AMP O . 0.77 -23.20 -23.53
N1 AMP O . -1.62 -22.87 -22.94
C2 AMP O . -2.85 -22.10 -23.05
N3 AMP O . -2.87 -20.88 -23.85
C4 AMP O . -1.64 -20.43 -24.57
MN MN P . -5.30 -12.48 -24.20
P AMP Q . -42.02 -5.08 -4.84
O1P AMP Q . -41.80 -3.76 -4.14
O2P AMP Q . -42.95 -4.85 -6.00
O3P AMP Q . -42.64 -6.06 -3.87
O5' AMP Q . -40.57 -5.67 -5.37
C5' AMP Q . -40.58 -6.67 -6.35
C4' AMP Q . -39.73 -7.85 -5.94
O4' AMP Q . -38.15 -7.50 -6.04
C3' AMP Q . -39.93 -8.15 -4.68
O3' AMP Q . -41.00 -9.20 -4.58
C2' AMP Q . -38.58 -8.67 -4.16
O2' AMP Q . -38.66 -10.01 -3.88
C1' AMP Q . -37.56 -8.39 -5.28
N9 AMP Q . -36.28 -7.84 -4.77
C8 AMP Q . -36.06 -6.57 -4.39
N7 AMP Q . -34.78 -6.46 -3.98
C5 AMP Q . -34.21 -7.65 -4.10
C6 AMP Q . -32.77 -8.14 -3.80
N6 AMP Q . -31.79 -7.21 -3.27
N1 AMP Q . -32.43 -9.50 -4.02
C2 AMP Q . -33.40 -10.42 -4.53
N3 AMP Q . -34.76 -9.95 -4.82
C4 AMP Q . -35.14 -8.52 -4.59
C1 GOL R . -27.13 -11.93 12.23
O1 GOL R . -27.55 -13.17 12.73
C2 GOL R . -25.61 -12.03 11.96
O2 GOL R . -25.10 -10.84 11.45
C3 GOL R . -25.44 -13.22 10.97
O3 GOL R . -24.10 -13.31 10.61
MN MN S . -43.64 -11.22 -3.49
C1 GOL T . 26.16 16.20 2.52
O1 GOL T . 27.03 16.86 3.37
C2 GOL T . 26.30 14.68 2.80
O2 GOL T . 25.25 14.18 3.56
C3 GOL T . 26.43 14.00 1.39
O3 GOL T . 25.27 14.31 0.68
P AMP U . 6.50 26.05 12.46
O1P AMP U . 5.52 27.05 11.89
O2P AMP U . 5.99 25.54 13.78
O3P AMP U . 6.68 24.91 11.47
O5' AMP U . 7.99 26.74 12.68
C5' AMP U . 8.15 28.08 12.32
C4' AMP U . 9.25 28.28 11.29
O4' AMP U . 10.71 28.26 11.99
C3' AMP U . 9.24 27.33 10.41
O3' AMP U . 8.42 27.73 9.22
C2' AMP U . 10.73 27.10 10.05
O2' AMP U . 10.99 27.42 8.75
C1' AMP U . 11.54 27.99 11.02
N9 AMP U . 12.74 27.26 11.51
C8 AMP U . 12.76 26.28 12.44
N7 AMP U . 14.04 25.88 12.60
C5 AMP U . 14.81 26.59 11.79
C6 AMP U . 16.33 26.59 11.51
N6 AMP U . 17.22 25.68 12.22
N1 AMP U . 16.88 27.49 10.55
C2 AMP U . 16.02 28.40 9.85
N3 AMP U . 14.58 28.40 10.10
C4 AMP U . 14.00 27.46 11.10
MN MN V . 6.45 27.95 6.56
#